data_2N76
#
_entry.id   2N76
#
_entity_poly.entity_id   1
_entity_poly.type   'polypeptide(L)'
_entity_poly.pdbx_seq_one_letter_code
;MLTVEVEVKITADDENKAEEIVKRVIDEVEREVQKQYPNATITRTLTRDDGTVELRIKVKADTEEKAKSIIKLIEERIEE
ELRKRDPNATITRTVRTEVGSSWSLEHHHHHH
;
_entity_poly.pdbx_strand_id   A
#
# COMPACT_ATOMS: atom_id res chain seq x y z
N MET A 1 -5.78 16.42 3.91
CA MET A 1 -5.23 15.07 3.74
C MET A 1 -6.22 14.17 2.97
N LEU A 2 -5.68 13.20 2.21
CA LEU A 2 -6.48 12.29 1.36
C LEU A 2 -6.14 10.82 1.67
N THR A 3 -7.03 9.90 1.28
CA THR A 3 -6.82 8.46 1.48
C THR A 3 -6.45 7.78 0.14
N VAL A 4 -5.44 6.90 0.17
CA VAL A 4 -4.93 6.20 -1.03
C VAL A 4 -5.15 4.69 -0.86
N GLU A 5 -5.77 4.07 -1.87
CA GLU A 5 -6.14 2.66 -1.85
C GLU A 5 -5.47 1.93 -3.03
N VAL A 6 -4.58 0.98 -2.70
CA VAL A 6 -3.89 0.13 -3.67
C VAL A 6 -4.13 -1.34 -3.32
N GLU A 7 -4.10 -2.18 -4.35
CA GLU A 7 -4.24 -3.63 -4.24
C GLU A 7 -2.90 -4.27 -4.62
N VAL A 8 -2.19 -4.74 -3.62
CA VAL A 8 -0.90 -5.40 -3.78
C VAL A 8 -1.14 -6.93 -3.74
N LYS A 9 -1.02 -7.56 -4.92
CA LYS A 9 -1.30 -8.99 -5.11
C LYS A 9 0.00 -9.77 -4.83
N ILE A 10 0.05 -10.41 -3.66
CA ILE A 10 1.25 -11.07 -3.15
C ILE A 10 1.20 -12.58 -3.48
N THR A 11 2.03 -13.00 -4.44
CA THR A 11 2.14 -14.40 -4.83
C THR A 11 3.36 -15.02 -4.13
N ALA A 12 3.14 -16.07 -3.32
CA ALA A 12 4.21 -16.80 -2.62
C ALA A 12 4.02 -18.30 -2.83
N ASP A 13 4.86 -19.13 -2.16
CA ASP A 13 4.76 -20.60 -2.28
C ASP A 13 3.69 -21.13 -1.32
N ASP A 14 3.60 -20.51 -0.15
CA ASP A 14 2.54 -20.78 0.84
C ASP A 14 1.77 -19.48 1.07
N GLU A 15 0.51 -19.42 0.59
CA GLU A 15 -0.39 -18.26 0.84
C GLU A 15 -0.78 -18.15 2.34
N ASN A 16 -0.77 -19.30 3.05
CA ASN A 16 -0.98 -19.35 4.51
C ASN A 16 0.16 -18.60 5.23
N LYS A 17 1.40 -19.02 4.95
CA LYS A 17 2.60 -18.42 5.56
C LYS A 17 2.84 -16.99 5.03
N ALA A 18 2.44 -16.73 3.77
CA ALA A 18 2.55 -15.39 3.18
C ALA A 18 1.68 -14.39 3.94
N GLU A 19 0.46 -14.84 4.26
CA GLU A 19 -0.48 -14.10 5.10
C GLU A 19 0.16 -13.77 6.46
N GLU A 20 0.79 -14.80 7.08
CA GLU A 20 1.38 -14.69 8.44
C GLU A 20 2.49 -13.61 8.50
N ILE A 21 3.44 -13.71 7.56
CA ILE A 21 4.58 -12.80 7.45
C ILE A 21 4.10 -11.37 7.19
N VAL A 22 3.31 -11.19 6.13
CA VAL A 22 2.82 -9.87 5.69
C VAL A 22 1.98 -9.17 6.78
N LYS A 23 1.18 -9.96 7.54
CA LYS A 23 0.41 -9.46 8.70
C LYS A 23 1.35 -8.77 9.72
N ARG A 24 2.33 -9.55 10.22
CA ARG A 24 3.27 -9.07 11.25
C ARG A 24 4.08 -7.87 10.71
N VAL A 25 4.60 -8.01 9.49
CA VAL A 25 5.52 -7.04 8.87
C VAL A 25 4.88 -5.65 8.78
N ILE A 26 3.64 -5.57 8.26
CA ILE A 26 2.90 -4.29 8.13
C ILE A 26 2.69 -3.66 9.51
N ASP A 27 2.36 -4.51 10.51
CA ASP A 27 2.10 -4.05 11.90
C ASP A 27 3.40 -3.51 12.56
N GLU A 28 4.55 -4.13 12.23
CA GLU A 28 5.88 -3.73 12.76
C GLU A 28 6.38 -2.44 12.08
N VAL A 29 6.04 -2.31 10.79
CA VAL A 29 6.35 -1.11 10.00
C VAL A 29 5.39 0.03 10.38
N GLU A 30 4.15 -0.34 10.74
CA GLU A 30 3.07 0.61 11.07
C GLU A 30 3.47 1.51 12.25
N ARG A 31 3.92 0.86 13.33
CA ARG A 31 4.33 1.56 14.56
C ARG A 31 5.54 2.48 14.33
N GLU A 32 6.36 2.17 13.30
CA GLU A 32 7.54 2.97 12.95
C GLU A 32 7.19 4.10 11.97
N VAL A 33 6.08 3.96 11.23
CA VAL A 33 5.57 5.02 10.35
C VAL A 33 4.74 6.03 11.17
N GLN A 34 4.03 5.54 12.20
CA GLN A 34 3.17 6.39 13.06
C GLN A 34 3.97 7.52 13.76
N LYS A 35 5.27 7.27 14.02
CA LYS A 35 6.15 8.25 14.70
C LYS A 35 6.75 9.27 13.72
N GLN A 36 6.80 8.90 12.42
CA GLN A 36 7.33 9.78 11.34
C GLN A 36 6.20 10.69 10.82
N TYR A 37 5.03 10.06 10.58
CA TYR A 37 3.82 10.72 10.11
C TYR A 37 2.68 10.43 11.15
N PRO A 38 2.45 11.34 12.14
CA PRO A 38 1.46 11.12 13.23
C PRO A 38 0.01 10.99 12.72
N ASN A 39 -0.32 11.79 11.70
CA ASN A 39 -1.68 11.89 11.17
C ASN A 39 -1.97 10.77 10.15
N ALA A 40 -0.91 10.10 9.66
CA ALA A 40 -1.06 9.07 8.62
C ALA A 40 -1.59 7.76 9.25
N THR A 41 -2.72 7.29 8.73
CA THR A 41 -3.43 6.12 9.20
C THR A 41 -3.18 4.95 8.24
N ILE A 42 -2.53 3.90 8.73
CA ILE A 42 -2.28 2.67 7.96
C ILE A 42 -3.40 1.67 8.25
N THR A 43 -4.06 1.25 7.18
CA THR A 43 -5.11 0.23 7.21
C THR A 43 -4.75 -0.80 6.13
N ARG A 44 -5.02 -2.08 6.40
CA ARG A 44 -4.70 -3.17 5.48
C ARG A 44 -5.74 -4.29 5.58
N THR A 45 -6.00 -4.96 4.45
CA THR A 45 -6.96 -6.08 4.36
C THR A 45 -6.38 -7.19 3.47
N LEU A 46 -5.98 -8.33 4.08
CA LEU A 46 -5.43 -9.49 3.34
C LEU A 46 -6.59 -10.44 3.02
N THR A 47 -6.87 -10.62 1.72
CA THR A 47 -7.98 -11.43 1.22
C THR A 47 -7.45 -12.45 0.19
N ARG A 48 -7.48 -13.73 0.52
CA ARG A 48 -6.81 -14.79 -0.26
C ARG A 48 -7.71 -15.28 -1.41
N ASP A 49 -7.18 -15.15 -2.65
CA ASP A 49 -7.89 -15.48 -3.89
C ASP A 49 -6.96 -16.30 -4.82
N ASP A 50 -7.37 -17.57 -5.10
CA ASP A 50 -6.73 -18.46 -6.12
C ASP A 50 -5.28 -18.87 -5.75
N GLY A 51 -4.89 -18.67 -4.47
CA GLY A 51 -3.53 -18.97 -3.98
C GLY A 51 -2.65 -17.73 -3.84
N THR A 52 -3.21 -16.56 -4.18
CA THR A 52 -2.58 -15.25 -3.99
C THR A 52 -3.15 -14.56 -2.74
N VAL A 53 -2.28 -14.00 -1.89
CA VAL A 53 -2.70 -13.14 -0.77
C VAL A 53 -2.89 -11.73 -1.31
N GLU A 54 -4.14 -11.31 -1.50
CA GLU A 54 -4.44 -10.00 -2.09
C GLU A 54 -4.54 -8.97 -0.94
N LEU A 55 -3.44 -8.23 -0.78
CA LEU A 55 -3.29 -7.24 0.27
C LEU A 55 -3.73 -5.86 -0.25
N ARG A 56 -4.87 -5.40 0.24
CA ARG A 56 -5.44 -4.10 -0.15
C ARG A 56 -5.08 -3.08 0.95
N ILE A 57 -4.10 -2.21 0.64
CA ILE A 57 -3.56 -1.22 1.59
C ILE A 57 -4.28 0.11 1.42
N LYS A 58 -4.80 0.65 2.52
CA LYS A 58 -5.44 1.96 2.59
C LYS A 58 -4.59 2.88 3.50
N VAL A 59 -3.86 3.83 2.89
CA VAL A 59 -3.05 4.81 3.63
C VAL A 59 -3.71 6.19 3.53
N LYS A 60 -4.31 6.65 4.64
CA LYS A 60 -4.82 8.02 4.73
C LYS A 60 -3.66 8.91 5.20
N ALA A 61 -3.13 9.75 4.30
CA ALA A 61 -1.93 10.57 4.57
C ALA A 61 -2.12 11.99 4.06
N ASP A 62 -1.14 12.86 4.41
CA ASP A 62 -1.16 14.31 4.13
C ASP A 62 -1.34 14.60 2.63
N THR A 63 -0.51 13.94 1.80
CA THR A 63 -0.61 13.98 0.32
C THR A 63 -0.53 12.55 -0.23
N GLU A 64 -0.81 12.39 -1.54
CA GLU A 64 -0.71 11.08 -2.21
C GLU A 64 0.76 10.63 -2.32
N GLU A 65 1.67 11.59 -2.52
CA GLU A 65 3.12 11.33 -2.67
C GLU A 65 3.71 10.71 -1.38
N LYS A 66 3.32 11.29 -0.24
CA LYS A 66 3.75 10.83 1.09
C LYS A 66 3.07 9.51 1.47
N ALA A 67 1.86 9.28 0.94
CA ALA A 67 1.14 8.01 1.10
C ALA A 67 1.84 6.88 0.32
N LYS A 68 2.28 7.20 -0.92
CA LYS A 68 2.98 6.24 -1.81
C LYS A 68 4.35 5.86 -1.24
N SER A 69 4.98 6.81 -0.54
CA SER A 69 6.21 6.56 0.23
C SER A 69 6.00 5.43 1.26
N ILE A 70 4.90 5.56 2.02
CA ILE A 70 4.51 4.58 3.05
C ILE A 70 4.17 3.21 2.42
N ILE A 71 3.38 3.24 1.32
CA ILE A 71 2.98 2.04 0.56
C ILE A 71 4.20 1.29 0.02
N LYS A 72 5.13 2.04 -0.58
CA LYS A 72 6.31 1.48 -1.24
C LYS A 72 7.22 0.77 -0.23
N LEU A 73 7.49 1.42 0.92
CA LEU A 73 8.42 0.87 1.94
C LEU A 73 7.79 -0.36 2.64
N ILE A 74 6.44 -0.44 2.64
CA ILE A 74 5.70 -1.65 3.05
C ILE A 74 5.92 -2.77 2.01
N GLU A 75 5.78 -2.42 0.71
CA GLU A 75 5.94 -3.37 -0.42
C GLU A 75 7.40 -3.87 -0.53
N GLU A 76 8.36 -3.05 -0.06
CA GLU A 76 9.75 -3.48 0.08
C GLU A 76 9.80 -4.63 1.09
N ARG A 77 9.40 -4.30 2.33
CA ARG A 77 9.54 -5.17 3.52
C ARG A 77 8.77 -6.50 3.37
N ILE A 78 7.48 -6.43 2.97
CA ILE A 78 6.61 -7.62 2.89
C ILE A 78 7.14 -8.66 1.89
N GLU A 79 7.86 -8.19 0.84
CA GLU A 79 8.47 -9.07 -0.16
C GLU A 79 9.83 -9.59 0.34
N GLU A 80 10.61 -8.73 1.05
CA GLU A 80 11.96 -9.13 1.55
C GLU A 80 11.86 -10.31 2.52
N GLU A 81 11.07 -10.13 3.60
CA GLU A 81 10.92 -11.11 4.70
C GLU A 81 10.30 -12.43 4.20
N LEU A 82 9.42 -12.29 3.22
CA LEU A 82 8.68 -13.41 2.62
C LEU A 82 9.58 -14.20 1.65
N ARG A 83 10.39 -13.47 0.85
CA ARG A 83 11.25 -14.05 -0.20
C ARG A 83 12.35 -14.97 0.41
N LYS A 84 12.68 -14.70 1.69
CA LYS A 84 13.71 -15.44 2.44
C LYS A 84 13.41 -16.95 2.54
N ARG A 85 12.12 -17.31 2.54
CA ARG A 85 11.66 -18.71 2.67
C ARG A 85 10.77 -19.15 1.49
N ASP A 86 10.08 -18.18 0.87
CA ASP A 86 9.22 -18.40 -0.31
C ASP A 86 9.96 -17.82 -1.54
N PRO A 87 10.60 -18.69 -2.40
CA PRO A 87 11.47 -18.22 -3.51
C PRO A 87 10.71 -17.40 -4.57
N ASN A 88 9.46 -17.79 -4.85
CA ASN A 88 8.60 -17.13 -5.88
C ASN A 88 7.74 -16.02 -5.25
N ALA A 89 8.19 -15.44 -4.13
CA ALA A 89 7.49 -14.33 -3.46
C ALA A 89 7.66 -13.02 -4.25
N THR A 90 6.60 -12.63 -4.99
CA THR A 90 6.59 -11.42 -5.81
C THR A 90 5.26 -10.67 -5.61
N ILE A 91 5.33 -9.35 -5.33
CA ILE A 91 4.13 -8.52 -5.09
C ILE A 91 3.77 -7.71 -6.36
N THR A 92 2.46 -7.55 -6.62
CA THR A 92 1.95 -6.84 -7.81
C THR A 92 1.14 -5.59 -7.38
N ARG A 93 1.68 -4.38 -7.59
CA ARG A 93 0.95 -3.14 -7.29
C ARG A 93 -0.11 -2.89 -8.39
N THR A 94 -1.39 -2.84 -7.97
CA THR A 94 -2.52 -2.48 -8.81
C THR A 94 -3.29 -1.36 -8.08
N VAL A 95 -3.14 -0.11 -8.54
CA VAL A 95 -3.77 1.05 -7.86
C VAL A 95 -5.30 1.05 -8.12
N ARG A 96 -6.10 1.18 -7.03
CA ARG A 96 -7.57 1.12 -7.10
C ARG A 96 -8.19 2.52 -6.94
N THR A 97 -7.33 3.55 -6.83
CA THR A 97 -7.75 4.95 -6.74
C THR A 97 -7.13 5.76 -7.89
N GLU A 98 -7.97 6.45 -8.68
CA GLU A 98 -7.54 7.28 -9.81
C GLU A 98 -7.75 8.75 -9.45
N VAL A 99 -6.71 9.57 -9.65
CA VAL A 99 -6.74 11.00 -9.33
C VAL A 99 -6.51 11.83 -10.61
N GLY A 100 -7.62 12.27 -11.20
CA GLY A 100 -7.61 13.06 -12.44
C GLY A 100 -8.99 13.23 -13.03
N SER A 101 -9.98 13.45 -12.16
CA SER A 101 -11.37 13.71 -12.56
C SER A 101 -11.45 15.09 -13.23
N SER A 102 -11.36 15.10 -14.57
CA SER A 102 -11.45 16.31 -15.38
C SER A 102 -12.90 16.79 -15.49
N TRP A 103 -13.06 18.05 -15.89
CA TRP A 103 -14.36 18.72 -16.02
C TRP A 103 -14.30 19.73 -17.16
N SER A 104 -15.46 19.98 -17.77
CA SER A 104 -15.59 20.98 -18.84
C SER A 104 -15.81 22.36 -18.22
N LEU A 105 -14.80 23.24 -18.32
CA LEU A 105 -14.90 24.64 -17.85
C LEU A 105 -15.48 25.50 -18.99
N GLU A 106 -16.75 25.23 -19.35
CA GLU A 106 -17.46 25.98 -20.39
C GLU A 106 -17.78 27.39 -19.88
N HIS A 107 -17.31 28.41 -20.63
CA HIS A 107 -17.59 29.82 -20.31
C HIS A 107 -17.79 30.56 -21.65
N HIS A 108 -19.04 30.90 -21.95
CA HIS A 108 -19.40 31.66 -23.15
C HIS A 108 -19.04 33.15 -22.97
N HIS A 109 -18.14 33.66 -23.84
CA HIS A 109 -17.65 35.05 -23.77
C HIS A 109 -18.76 36.01 -24.23
N HIS A 110 -19.68 36.33 -23.30
CA HIS A 110 -20.85 37.18 -23.56
C HIS A 110 -20.89 38.36 -22.58
N HIS A 111 -20.40 39.52 -23.06
CA HIS A 111 -20.35 40.78 -22.29
C HIS A 111 -20.80 41.94 -23.18
N HIS A 112 -21.23 43.05 -22.55
CA HIS A 112 -21.63 44.29 -23.24
C HIS A 112 -21.17 45.50 -22.41
N MET A 1 -5.79 16.25 3.62
CA MET A 1 -5.96 14.84 3.99
C MET A 1 -6.73 14.07 2.87
N LEU A 2 -5.97 13.43 1.98
CA LEU A 2 -6.47 12.59 0.87
C LEU A 2 -6.31 11.09 1.22
N THR A 3 -7.08 10.21 0.55
CA THR A 3 -7.04 8.76 0.78
C THR A 3 -6.44 8.03 -0.44
N VAL A 4 -5.22 7.49 -0.27
CA VAL A 4 -4.47 6.75 -1.31
C VAL A 4 -4.62 5.24 -1.04
N GLU A 5 -5.15 4.50 -2.04
CA GLU A 5 -5.56 3.09 -1.91
C GLU A 5 -4.94 2.23 -3.02
N VAL A 6 -4.29 1.12 -2.65
CA VAL A 6 -3.76 0.14 -3.61
C VAL A 6 -4.18 -1.28 -3.21
N GLU A 7 -4.08 -2.19 -4.16
CA GLU A 7 -4.41 -3.61 -3.99
C GLU A 7 -3.23 -4.42 -4.49
N VAL A 8 -2.46 -4.96 -3.55
CA VAL A 8 -1.17 -5.59 -3.79
C VAL A 8 -1.37 -7.12 -3.82
N LYS A 9 -1.27 -7.70 -5.02
CA LYS A 9 -1.44 -9.14 -5.24
C LYS A 9 -0.09 -9.85 -5.01
N ILE A 10 0.00 -10.58 -3.90
CA ILE A 10 1.24 -11.20 -3.42
C ILE A 10 1.23 -12.71 -3.76
N THR A 11 2.18 -13.14 -4.58
CA THR A 11 2.34 -14.54 -4.98
C THR A 11 3.45 -15.20 -4.14
N ALA A 12 3.10 -16.31 -3.47
CA ALA A 12 4.03 -17.16 -2.71
C ALA A 12 3.52 -18.61 -2.75
N ASP A 13 4.41 -19.55 -2.37
CA ASP A 13 4.15 -21.00 -2.41
C ASP A 13 2.96 -21.40 -1.50
N ASP A 14 2.88 -20.76 -0.33
CA ASP A 14 1.85 -21.05 0.69
C ASP A 14 1.08 -19.76 0.99
N GLU A 15 -0.22 -19.73 0.65
CA GLU A 15 -1.08 -18.55 0.85
C GLU A 15 -1.26 -18.19 2.35
N ASN A 16 -1.43 -19.20 3.24
CA ASN A 16 -1.81 -18.93 4.66
C ASN A 16 -0.57 -18.58 5.50
N LYS A 17 0.60 -19.10 5.07
CA LYS A 17 1.90 -18.72 5.65
C LYS A 17 2.25 -17.30 5.19
N ALA A 18 2.11 -17.04 3.87
CA ALA A 18 2.42 -15.74 3.25
C ALA A 18 1.61 -14.62 3.87
N GLU A 19 0.31 -14.89 4.13
CA GLU A 19 -0.58 -13.90 4.74
C GLU A 19 -0.08 -13.51 6.14
N GLU A 20 0.27 -14.52 6.98
CA GLU A 20 0.73 -14.28 8.36
C GLU A 20 2.05 -13.49 8.39
N ILE A 21 2.99 -13.87 7.51
CA ILE A 21 4.31 -13.20 7.40
C ILE A 21 4.08 -11.72 7.05
N VAL A 22 3.37 -11.47 5.94
CA VAL A 22 3.07 -10.12 5.43
C VAL A 22 2.34 -9.27 6.50
N LYS A 23 1.37 -9.88 7.22
CA LYS A 23 0.61 -9.21 8.33
C LYS A 23 1.57 -8.61 9.36
N ARG A 24 2.44 -9.47 9.95
CA ARG A 24 3.38 -9.01 10.99
C ARG A 24 4.35 -7.96 10.43
N VAL A 25 4.83 -8.14 9.17
CA VAL A 25 5.79 -7.23 8.55
C VAL A 25 5.19 -5.82 8.40
N ILE A 26 3.90 -5.76 7.99
CA ILE A 26 3.14 -4.49 7.93
C ILE A 26 3.18 -3.83 9.32
N ASP A 27 2.95 -4.65 10.37
CA ASP A 27 2.89 -4.20 11.77
C ASP A 27 4.28 -3.75 12.32
N GLU A 28 5.36 -4.38 11.82
CA GLU A 28 6.76 -4.03 12.21
C GLU A 28 7.13 -2.67 11.61
N VAL A 29 6.67 -2.45 10.37
CA VAL A 29 6.88 -1.21 9.62
C VAL A 29 5.91 -0.11 10.12
N GLU A 30 4.69 -0.52 10.50
CA GLU A 30 3.57 0.37 10.84
C GLU A 30 3.89 1.21 12.07
N ARG A 31 4.43 0.53 13.09
CA ARG A 31 4.82 1.16 14.36
C ARG A 31 5.92 2.23 14.11
N GLU A 32 6.76 1.99 13.08
CA GLU A 32 7.84 2.90 12.70
C GLU A 32 7.36 3.98 11.72
N VAL A 33 6.24 3.71 11.00
CA VAL A 33 5.60 4.72 10.13
C VAL A 33 4.88 5.76 11.00
N GLN A 34 4.08 5.29 11.96
CA GLN A 34 3.18 6.12 12.79
C GLN A 34 3.94 7.15 13.64
N LYS A 35 5.17 6.78 14.07
CA LYS A 35 6.01 7.66 14.90
C LYS A 35 6.59 8.82 14.06
N GLN A 36 6.69 8.60 12.74
CA GLN A 36 7.16 9.60 11.75
C GLN A 36 5.98 10.38 11.14
N TYR A 37 4.85 9.66 10.96
CA TYR A 37 3.64 10.16 10.29
C TYR A 37 2.43 9.99 11.27
N PRO A 38 2.17 11.00 12.16
CA PRO A 38 1.11 10.88 13.21
C PRO A 38 -0.34 10.95 12.68
N ASN A 39 -0.53 11.56 11.51
CA ASN A 39 -1.86 11.71 10.88
C ASN A 39 -2.10 10.68 9.75
N ALA A 40 -1.07 9.86 9.45
CA ALA A 40 -1.20 8.77 8.46
C ALA A 40 -1.92 7.58 9.08
N THR A 41 -2.98 7.11 8.41
CA THR A 41 -3.74 5.94 8.86
C THR A 41 -3.57 4.81 7.83
N ILE A 42 -2.91 3.72 8.26
CA ILE A 42 -2.69 2.53 7.41
C ILE A 42 -3.79 1.50 7.72
N THR A 43 -4.79 1.43 6.85
CA THR A 43 -5.82 0.40 6.87
C THR A 43 -5.36 -0.78 5.99
N ARG A 44 -5.57 -1.98 6.51
CA ARG A 44 -4.91 -3.21 6.05
C ARG A 44 -5.90 -4.38 6.13
N THR A 45 -6.15 -5.04 4.99
CA THR A 45 -6.99 -6.23 4.93
C THR A 45 -6.42 -7.18 3.86
N LEU A 46 -5.94 -8.35 4.30
CA LEU A 46 -5.40 -9.38 3.41
C LEU A 46 -6.51 -10.42 3.08
N THR A 47 -6.42 -10.97 1.88
CA THR A 47 -7.34 -12.00 1.38
C THR A 47 -6.49 -13.16 0.82
N ARG A 48 -7.06 -14.36 0.74
CA ARG A 48 -6.40 -15.54 0.14
C ARG A 48 -7.35 -16.17 -0.87
N ASP A 49 -6.97 -16.13 -2.15
CA ASP A 49 -7.83 -16.60 -3.25
C ASP A 49 -6.94 -17.22 -4.36
N ASP A 50 -7.07 -18.56 -4.53
CA ASP A 50 -6.32 -19.36 -5.55
C ASP A 50 -4.79 -19.38 -5.28
N GLY A 51 -4.39 -19.04 -4.05
CA GLY A 51 -2.98 -19.01 -3.64
C GLY A 51 -2.38 -17.61 -3.62
N THR A 52 -3.15 -16.62 -4.13
CA THR A 52 -2.73 -15.21 -4.17
C THR A 52 -3.25 -14.46 -2.92
N VAL A 53 -2.33 -13.84 -2.17
CA VAL A 53 -2.65 -13.02 -1.00
C VAL A 53 -2.91 -11.56 -1.44
N GLU A 54 -4.18 -11.16 -1.43
CA GLU A 54 -4.60 -9.82 -1.85
C GLU A 54 -4.55 -8.85 -0.64
N LEU A 55 -3.48 -8.05 -0.56
CA LEU A 55 -3.30 -7.05 0.50
C LEU A 55 -3.81 -5.69 0.00
N ARG A 56 -4.96 -5.26 0.52
CA ARG A 56 -5.56 -3.98 0.17
C ARG A 56 -5.11 -2.93 1.21
N ILE A 57 -4.18 -2.03 0.79
CA ILE A 57 -3.63 -0.97 1.63
C ILE A 57 -4.41 0.33 1.36
N LYS A 58 -4.69 1.06 2.44
CA LYS A 58 -5.28 2.40 2.40
C LYS A 58 -4.45 3.29 3.32
N VAL A 59 -3.61 4.17 2.77
CA VAL A 59 -2.87 5.17 3.56
C VAL A 59 -3.56 6.53 3.37
N LYS A 60 -4.26 6.98 4.42
CA LYS A 60 -4.86 8.31 4.46
C LYS A 60 -3.80 9.29 4.98
N ALA A 61 -3.31 10.16 4.11
CA ALA A 61 -2.22 11.12 4.40
C ALA A 61 -2.57 12.48 3.81
N ASP A 62 -1.87 13.54 4.26
CA ASP A 62 -2.23 14.93 3.90
C ASP A 62 -1.83 15.28 2.46
N THR A 63 -0.72 14.69 1.98
CA THR A 63 -0.25 14.82 0.59
C THR A 63 0.03 13.41 0.05
N GLU A 64 -0.14 13.22 -1.28
CA GLU A 64 -0.02 11.89 -1.92
C GLU A 64 1.41 11.33 -1.77
N GLU A 65 2.43 12.22 -1.73
CA GLU A 65 3.86 11.84 -1.60
C GLU A 65 4.08 10.94 -0.38
N LYS A 66 3.53 11.38 0.77
CA LYS A 66 3.71 10.70 2.08
C LYS A 66 3.10 9.30 2.02
N ALA A 67 1.86 9.23 1.50
CA ALA A 67 1.05 8.00 1.45
C ALA A 67 1.69 6.93 0.52
N LYS A 68 2.08 7.36 -0.69
CA LYS A 68 2.69 6.48 -1.71
C LYS A 68 4.08 5.97 -1.26
N SER A 69 4.84 6.84 -0.55
CA SER A 69 6.13 6.49 0.06
C SER A 69 5.97 5.37 1.10
N ILE A 70 4.89 5.45 1.91
CA ILE A 70 4.53 4.46 2.94
C ILE A 70 4.15 3.11 2.29
N ILE A 71 3.33 3.16 1.21
CA ILE A 71 2.91 1.96 0.45
C ILE A 71 4.13 1.23 -0.13
N LYS A 72 5.02 2.00 -0.78
CA LYS A 72 6.29 1.49 -1.34
C LYS A 72 7.10 0.82 -0.23
N LEU A 73 7.21 1.50 0.92
CA LEU A 73 7.99 1.06 2.09
C LEU A 73 7.47 -0.29 2.64
N ILE A 74 6.13 -0.44 2.65
CA ILE A 74 5.47 -1.69 3.09
C ILE A 74 5.78 -2.82 2.08
N GLU A 75 5.64 -2.54 0.78
CA GLU A 75 5.82 -3.54 -0.32
C GLU A 75 7.27 -4.05 -0.41
N GLU A 76 8.23 -3.12 -0.20
CA GLU A 76 9.66 -3.44 -0.17
C GLU A 76 9.95 -4.45 0.94
N ARG A 77 9.33 -4.22 2.10
CA ARG A 77 9.54 -5.01 3.32
C ARG A 77 8.82 -6.36 3.29
N ILE A 78 7.53 -6.38 2.89
CA ILE A 78 6.69 -7.60 2.94
C ILE A 78 7.22 -8.66 1.96
N GLU A 79 7.72 -8.19 0.79
CA GLU A 79 8.38 -9.04 -0.21
C GLU A 79 9.74 -9.53 0.33
N GLU A 80 10.49 -8.60 0.98
CA GLU A 80 11.85 -8.88 1.50
C GLU A 80 11.87 -10.00 2.55
N GLU A 81 10.94 -9.92 3.52
CA GLU A 81 10.87 -10.87 4.63
C GLU A 81 10.27 -12.22 4.17
N LEU A 82 9.30 -12.13 3.23
CA LEU A 82 8.66 -13.30 2.62
C LEU A 82 9.66 -14.04 1.69
N ARG A 83 10.59 -13.25 1.09
CA ARG A 83 11.62 -13.76 0.16
C ARG A 83 12.61 -14.69 0.88
N LYS A 84 12.77 -14.46 2.20
CA LYS A 84 13.69 -15.24 3.06
C LYS A 84 13.18 -16.68 3.29
N ARG A 85 11.89 -16.94 2.99
CA ARG A 85 11.29 -18.29 3.05
C ARG A 85 10.86 -18.77 1.64
N ASP A 86 10.46 -17.80 0.80
CA ASP A 86 9.85 -18.04 -0.52
C ASP A 86 10.69 -17.37 -1.63
N PRO A 87 11.44 -18.14 -2.47
CA PRO A 87 12.25 -17.54 -3.57
C PRO A 87 11.38 -16.90 -4.67
N ASN A 88 10.10 -17.33 -4.76
CA ASN A 88 9.14 -16.86 -5.78
C ASN A 88 8.20 -15.78 -5.19
N ALA A 89 8.55 -15.23 -4.00
CA ALA A 89 7.76 -14.17 -3.34
C ALA A 89 7.85 -12.85 -4.11
N THR A 90 6.74 -12.46 -4.75
CA THR A 90 6.67 -11.22 -5.55
C THR A 90 5.32 -10.54 -5.32
N ILE A 91 5.31 -9.19 -5.21
CA ILE A 91 4.07 -8.41 -5.01
C ILE A 91 3.77 -7.59 -6.29
N THR A 92 2.48 -7.42 -6.61
CA THR A 92 2.02 -6.70 -7.81
C THR A 92 0.98 -5.65 -7.41
N ARG A 93 1.35 -4.36 -7.47
CA ARG A 93 0.47 -3.25 -7.07
C ARG A 93 -0.57 -2.95 -8.17
N THR A 94 -1.82 -3.38 -7.95
CA THR A 94 -2.96 -2.91 -8.74
C THR A 94 -3.46 -1.61 -8.09
N VAL A 95 -3.18 -0.46 -8.73
CA VAL A 95 -3.53 0.85 -8.18
C VAL A 95 -5.05 1.11 -8.33
N ARG A 96 -5.68 1.53 -7.21
CA ARG A 96 -7.14 1.77 -7.11
C ARG A 96 -7.40 3.03 -6.26
N THR A 97 -6.40 3.95 -6.27
CA THR A 97 -6.40 5.16 -5.44
C THR A 97 -7.64 6.04 -5.68
N GLU A 98 -8.21 6.56 -4.59
CA GLU A 98 -9.40 7.41 -4.63
C GLU A 98 -9.03 8.85 -5.05
N VAL A 99 -9.76 9.38 -6.04
CA VAL A 99 -9.59 10.76 -6.52
C VAL A 99 -10.38 11.70 -5.60
N GLY A 100 -9.66 12.59 -4.87
CA GLY A 100 -10.29 13.54 -3.94
C GLY A 100 -10.63 14.85 -4.63
N SER A 101 -9.61 15.69 -4.82
CA SER A 101 -9.71 16.97 -5.54
C SER A 101 -8.38 17.25 -6.26
N SER A 102 -8.42 17.25 -7.60
CA SER A 102 -7.26 17.54 -8.47
C SER A 102 -7.29 19.01 -8.96
N TRP A 103 -8.36 19.74 -8.60
CA TRP A 103 -8.60 21.12 -9.04
C TRP A 103 -7.89 22.11 -8.08
N SER A 104 -6.56 22.20 -8.23
CA SER A 104 -5.71 23.14 -7.46
C SER A 104 -5.47 24.42 -8.27
N LEU A 105 -5.71 25.59 -7.65
CA LEU A 105 -5.56 26.91 -8.28
C LEU A 105 -4.58 27.75 -7.46
N GLU A 106 -3.33 27.89 -7.93
CA GLU A 106 -2.31 28.70 -7.26
C GLU A 106 -2.62 30.20 -7.48
N HIS A 107 -3.44 30.78 -6.59
CA HIS A 107 -3.80 32.20 -6.63
C HIS A 107 -2.80 32.98 -5.78
N HIS A 108 -1.98 33.81 -6.44
CA HIS A 108 -1.07 34.74 -5.77
C HIS A 108 -1.91 35.72 -4.92
N HIS A 109 -1.69 35.67 -3.58
CA HIS A 109 -2.61 36.23 -2.57
C HIS A 109 -2.95 37.72 -2.84
N HIS A 110 -1.90 38.50 -3.15
CA HIS A 110 -1.99 39.93 -3.50
C HIS A 110 -0.64 40.42 -4.08
N HIS A 111 -0.71 41.29 -5.12
CA HIS A 111 0.49 41.85 -5.80
C HIS A 111 1.21 42.91 -4.93
N HIS A 112 0.50 43.39 -3.90
CA HIS A 112 1.04 44.36 -2.92
C HIS A 112 0.14 44.33 -1.66
N MET A 1 -7.85 15.87 4.21
CA MET A 1 -6.82 14.86 3.87
C MET A 1 -7.47 13.76 3.01
N LEU A 2 -6.67 13.15 2.12
CA LEU A 2 -7.13 12.17 1.12
C LEU A 2 -6.78 10.73 1.55
N THR A 3 -7.46 9.74 0.96
CA THR A 3 -7.17 8.31 1.21
C THR A 3 -6.61 7.65 -0.08
N VAL A 4 -5.55 6.85 0.08
CA VAL A 4 -4.77 6.24 -1.02
C VAL A 4 -4.84 4.71 -0.92
N GLU A 5 -5.27 4.02 -1.99
CA GLU A 5 -5.31 2.55 -2.04
C GLU A 5 -4.46 2.00 -3.19
N VAL A 6 -3.70 0.96 -2.89
CA VAL A 6 -3.11 0.06 -3.86
C VAL A 6 -3.61 -1.35 -3.56
N GLU A 7 -3.62 -2.19 -4.59
CA GLU A 7 -3.94 -3.60 -4.48
C GLU A 7 -2.67 -4.39 -4.83
N VAL A 8 -2.05 -4.97 -3.80
CA VAL A 8 -0.81 -5.72 -3.91
C VAL A 8 -1.17 -7.21 -3.94
N LYS A 9 -1.08 -7.84 -5.12
CA LYS A 9 -1.38 -9.26 -5.29
C LYS A 9 -0.09 -10.08 -5.03
N ILE A 10 -0.06 -10.76 -3.88
CA ILE A 10 1.12 -11.44 -3.36
C ILE A 10 1.04 -12.94 -3.67
N THR A 11 1.85 -13.40 -4.62
CA THR A 11 1.97 -14.82 -4.97
C THR A 11 3.21 -15.38 -4.23
N ALA A 12 3.05 -16.53 -3.58
CA ALA A 12 4.13 -17.21 -2.83
C ALA A 12 3.96 -18.74 -2.97
N ASP A 13 4.84 -19.50 -2.31
CA ASP A 13 4.77 -20.98 -2.31
C ASP A 13 3.55 -21.46 -1.51
N ASP A 14 3.23 -20.72 -0.44
CA ASP A 14 2.02 -20.92 0.36
C ASP A 14 1.43 -19.56 0.74
N GLU A 15 0.16 -19.32 0.36
CA GLU A 15 -0.58 -18.08 0.69
C GLU A 15 -0.87 -17.99 2.21
N ASN A 16 -0.99 -19.15 2.88
CA ASN A 16 -1.14 -19.23 4.35
C ASN A 16 0.13 -18.72 5.05
N LYS A 17 1.30 -19.14 4.55
CA LYS A 17 2.61 -18.68 5.03
C LYS A 17 2.77 -17.17 4.77
N ALA A 18 2.38 -16.77 3.54
CA ALA A 18 2.52 -15.40 3.05
C ALA A 18 1.77 -14.41 3.93
N GLU A 19 0.53 -14.77 4.30
CA GLU A 19 -0.34 -13.92 5.11
C GLU A 19 0.28 -13.69 6.51
N GLU A 20 0.86 -14.75 7.12
CA GLU A 20 1.48 -14.66 8.47
C GLU A 20 2.61 -13.61 8.52
N ILE A 21 3.55 -13.76 7.56
CA ILE A 21 4.76 -12.94 7.48
C ILE A 21 4.39 -11.48 7.16
N VAL A 22 3.58 -11.28 6.10
CA VAL A 22 3.17 -9.95 5.63
C VAL A 22 2.44 -9.17 6.74
N LYS A 23 1.49 -9.83 7.45
CA LYS A 23 0.73 -9.21 8.58
C LYS A 23 1.68 -8.69 9.69
N ARG A 24 2.58 -9.58 10.16
CA ARG A 24 3.55 -9.23 11.21
C ARG A 24 4.40 -8.04 10.78
N VAL A 25 4.92 -8.11 9.55
CA VAL A 25 5.83 -7.10 9.01
C VAL A 25 5.13 -5.73 8.88
N ILE A 26 3.84 -5.71 8.42
CA ILE A 26 3.06 -4.43 8.31
C ILE A 26 2.92 -3.76 9.70
N ASP A 27 2.74 -4.58 10.75
CA ASP A 27 2.63 -4.09 12.14
C ASP A 27 3.99 -3.50 12.62
N GLU A 28 5.08 -4.17 12.22
CA GLU A 28 6.46 -3.80 12.61
C GLU A 28 7.00 -2.61 11.78
N VAL A 29 6.41 -2.39 10.59
CA VAL A 29 6.73 -1.23 9.74
C VAL A 29 5.86 -0.02 10.12
N GLU A 30 4.60 -0.30 10.55
CA GLU A 30 3.63 0.74 10.94
C GLU A 30 4.18 1.61 12.07
N ARG A 31 4.85 0.96 13.04
CA ARG A 31 5.43 1.63 14.22
C ARG A 31 6.59 2.58 13.80
N GLU A 32 7.19 2.30 12.62
CA GLU A 32 8.24 3.17 12.02
C GLU A 32 7.62 4.27 11.11
N VAL A 33 6.40 4.01 10.60
CA VAL A 33 5.64 5.00 9.81
C VAL A 33 5.13 6.12 10.73
N GLN A 34 4.48 5.72 11.83
CA GLN A 34 3.73 6.63 12.73
C GLN A 34 4.62 7.68 13.41
N LYS A 35 5.92 7.39 13.59
CA LYS A 35 6.87 8.33 14.22
C LYS A 35 7.21 9.49 13.26
N GLN A 36 7.00 9.26 11.95
CA GLN A 36 7.25 10.25 10.88
C GLN A 36 5.93 10.83 10.36
N TYR A 37 4.86 10.01 10.40
CA TYR A 37 3.52 10.35 9.90
C TYR A 37 2.50 9.98 11.00
N PRO A 38 2.31 10.85 12.05
CA PRO A 38 1.44 10.53 13.22
C PRO A 38 -0.06 10.48 12.87
N ASN A 39 -0.44 11.20 11.79
CA ASN A 39 -1.84 11.30 11.33
C ASN A 39 -2.16 10.35 10.17
N ALA A 40 -1.19 9.50 9.79
CA ALA A 40 -1.38 8.49 8.73
C ALA A 40 -2.14 7.28 9.29
N THR A 41 -3.24 6.90 8.62
CA THR A 41 -4.02 5.71 8.99
C THR A 41 -3.76 4.62 7.95
N ILE A 42 -3.10 3.55 8.38
CA ILE A 42 -2.84 2.38 7.54
C ILE A 42 -3.93 1.35 7.83
N THR A 43 -4.64 0.92 6.79
CA THR A 43 -5.65 -0.15 6.89
C THR A 43 -5.10 -1.39 6.19
N ARG A 44 -5.12 -2.52 6.90
CA ARG A 44 -4.61 -3.80 6.42
C ARG A 44 -5.81 -4.63 5.97
N THR A 45 -5.80 -5.08 4.71
CA THR A 45 -6.82 -6.00 4.20
C THR A 45 -6.10 -7.11 3.41
N LEU A 46 -6.03 -8.32 3.98
CA LEU A 46 -5.43 -9.49 3.32
C LEU A 46 -6.55 -10.49 3.04
N THR A 47 -6.88 -10.69 1.76
CA THR A 47 -7.96 -11.58 1.34
C THR A 47 -7.37 -12.72 0.49
N ARG A 48 -7.90 -13.94 0.66
CA ARG A 48 -7.42 -15.12 -0.04
C ARG A 48 -8.12 -15.21 -1.41
N ASP A 49 -7.34 -14.97 -2.47
CA ASP A 49 -7.86 -14.80 -3.84
C ASP A 49 -7.11 -15.74 -4.80
N ASP A 50 -7.74 -16.91 -5.09
CA ASP A 50 -7.25 -17.93 -6.07
C ASP A 50 -5.85 -18.50 -5.75
N GLY A 51 -5.43 -18.41 -4.46
CA GLY A 51 -4.09 -18.86 -4.03
C GLY A 51 -3.10 -17.71 -3.84
N THR A 52 -3.56 -16.50 -4.16
CA THR A 52 -2.79 -15.24 -4.03
C THR A 52 -3.34 -14.43 -2.84
N VAL A 53 -2.46 -13.91 -1.96
CA VAL A 53 -2.87 -13.02 -0.86
C VAL A 53 -3.00 -11.60 -1.42
N GLU A 54 -4.23 -11.14 -1.61
CA GLU A 54 -4.50 -9.83 -2.17
C GLU A 54 -4.59 -8.81 -1.03
N LEU A 55 -3.49 -8.09 -0.84
CA LEU A 55 -3.32 -7.08 0.21
C LEU A 55 -3.66 -5.68 -0.32
N ARG A 56 -4.77 -5.10 0.16
CA ARG A 56 -5.12 -3.71 -0.14
C ARG A 56 -4.68 -2.84 1.06
N ILE A 57 -3.67 -1.98 0.83
CA ILE A 57 -3.18 -1.04 1.85
C ILE A 57 -3.85 0.32 1.59
N LYS A 58 -4.69 0.73 2.53
CA LYS A 58 -5.44 1.99 2.45
C LYS A 58 -4.80 2.98 3.46
N VAL A 59 -4.03 3.95 2.94
CA VAL A 59 -3.38 4.97 3.77
C VAL A 59 -4.10 6.31 3.62
N LYS A 60 -4.80 6.73 4.68
CA LYS A 60 -5.37 8.07 4.78
C LYS A 60 -4.26 8.99 5.31
N ALA A 61 -3.79 9.89 4.44
CA ALA A 61 -2.69 10.81 4.76
C ALA A 61 -3.01 12.21 4.24
N ASP A 62 -2.20 13.19 4.68
CA ASP A 62 -2.32 14.61 4.31
C ASP A 62 -2.27 14.80 2.79
N THR A 63 -1.31 14.14 2.14
CA THR A 63 -1.01 14.30 0.70
C THR A 63 -0.64 12.93 0.07
N GLU A 64 -1.05 12.76 -1.21
CA GLU A 64 -1.03 11.46 -1.92
C GLU A 64 0.37 10.86 -2.09
N GLU A 65 1.34 11.72 -2.42
CA GLU A 65 2.70 11.28 -2.77
C GLU A 65 3.43 10.74 -1.52
N LYS A 66 3.17 11.38 -0.37
CA LYS A 66 3.74 10.97 0.92
C LYS A 66 3.10 9.65 1.39
N ALA A 67 1.82 9.46 1.05
CA ALA A 67 1.07 8.22 1.34
C ALA A 67 1.58 7.05 0.47
N LYS A 68 2.00 7.36 -0.77
CA LYS A 68 2.63 6.40 -1.68
C LYS A 68 3.98 5.92 -1.12
N SER A 69 4.74 6.88 -0.52
CA SER A 69 6.00 6.59 0.18
C SER A 69 5.78 5.62 1.35
N ILE A 70 4.68 5.85 2.10
CA ILE A 70 4.28 5.02 3.25
C ILE A 70 4.02 3.56 2.81
N ILE A 71 3.25 3.41 1.71
CA ILE A 71 2.93 2.07 1.17
C ILE A 71 4.20 1.38 0.63
N LYS A 72 5.05 2.15 -0.08
CA LYS A 72 6.28 1.65 -0.73
C LYS A 72 7.22 0.99 0.29
N LEU A 73 7.47 1.71 1.41
CA LEU A 73 8.41 1.26 2.43
C LEU A 73 7.88 0.01 3.19
N ILE A 74 6.54 -0.20 3.17
CA ILE A 74 5.90 -1.45 3.66
C ILE A 74 6.20 -2.60 2.66
N GLU A 75 6.01 -2.31 1.35
CA GLU A 75 6.16 -3.29 0.25
C GLU A 75 7.61 -3.82 0.12
N GLU A 76 8.59 -2.92 0.36
CA GLU A 76 10.03 -3.30 0.35
C GLU A 76 10.32 -4.37 1.42
N ARG A 77 9.64 -4.22 2.57
CA ARG A 77 9.84 -5.09 3.75
C ARG A 77 9.07 -6.41 3.64
N ILE A 78 7.76 -6.35 3.25
CA ILE A 78 6.88 -7.55 3.23
C ILE A 78 7.33 -8.56 2.15
N GLU A 79 7.81 -8.04 0.99
CA GLU A 79 8.35 -8.86 -0.09
C GLU A 79 9.62 -9.59 0.40
N GLU A 80 10.53 -8.81 1.01
CA GLU A 80 11.86 -9.28 1.41
C GLU A 80 11.78 -10.44 2.41
N GLU A 81 11.04 -10.20 3.51
CA GLU A 81 10.95 -11.13 4.65
C GLU A 81 10.14 -12.38 4.31
N LEU A 82 9.16 -12.23 3.40
CA LEU A 82 8.41 -13.37 2.85
C LEU A 82 9.32 -14.20 1.94
N ARG A 83 10.13 -13.50 1.13
CA ARG A 83 11.03 -14.12 0.13
C ARG A 83 12.13 -14.97 0.81
N LYS A 84 12.45 -14.63 2.08
CA LYS A 84 13.42 -15.38 2.90
C LYS A 84 12.99 -16.85 3.09
N ARG A 85 11.66 -17.09 3.14
CA ARG A 85 11.06 -18.42 3.38
C ARG A 85 10.39 -18.95 2.10
N ASP A 86 9.90 -18.04 1.25
CA ASP A 86 9.13 -18.35 0.01
C ASP A 86 9.82 -17.70 -1.20
N PRO A 87 10.65 -18.47 -1.97
CA PRO A 87 11.36 -17.92 -3.16
C PRO A 87 10.42 -17.58 -4.35
N ASN A 88 9.13 -17.97 -4.27
CA ASN A 88 8.11 -17.60 -5.28
C ASN A 88 7.42 -16.26 -4.91
N ALA A 89 7.87 -15.60 -3.82
CA ALA A 89 7.29 -14.33 -3.33
C ALA A 89 7.48 -13.18 -4.34
N THR A 90 6.43 -12.96 -5.13
CA THR A 90 6.33 -11.88 -6.10
C THR A 90 5.04 -11.10 -5.78
N ILE A 91 5.13 -9.78 -5.73
CA ILE A 91 3.96 -8.93 -5.44
C ILE A 91 3.65 -8.05 -6.66
N THR A 92 2.35 -7.84 -6.93
CA THR A 92 1.90 -7.02 -8.06
C THR A 92 1.22 -5.74 -7.53
N ARG A 93 1.91 -4.60 -7.66
CA ARG A 93 1.36 -3.29 -7.28
C ARG A 93 0.40 -2.81 -8.38
N THR A 94 -0.90 -2.88 -8.11
CA THR A 94 -1.95 -2.35 -8.97
C THR A 94 -2.65 -1.19 -8.25
N VAL A 95 -2.33 0.04 -8.67
CA VAL A 95 -2.78 1.25 -7.96
C VAL A 95 -4.29 1.47 -8.20
N ARG A 96 -5.06 1.47 -7.09
CA ARG A 96 -6.52 1.62 -7.11
C ARG A 96 -6.94 3.10 -6.99
N THR A 97 -5.95 4.00 -7.02
CA THR A 97 -6.15 5.46 -7.05
C THR A 97 -5.33 6.04 -8.24
N GLU A 98 -6.04 6.36 -9.33
CA GLU A 98 -5.42 6.81 -10.59
C GLU A 98 -6.37 7.79 -11.29
N VAL A 99 -6.07 9.10 -11.19
CA VAL A 99 -6.86 10.17 -11.82
C VAL A 99 -6.51 10.30 -13.33
N GLY A 100 -5.25 9.95 -13.68
CA GLY A 100 -4.75 10.05 -15.05
C GLY A 100 -4.40 11.47 -15.46
N SER A 101 -4.35 11.72 -16.79
CA SER A 101 -4.11 13.07 -17.34
C SER A 101 -4.82 13.18 -18.71
N SER A 102 -5.87 14.04 -18.78
CA SER A 102 -6.72 14.20 -19.98
C SER A 102 -5.93 14.90 -21.11
N TRP A 103 -5.49 14.12 -22.11
CA TRP A 103 -4.67 14.60 -23.24
C TRP A 103 -5.16 13.93 -24.52
N SER A 104 -5.67 14.74 -25.47
CA SER A 104 -6.12 14.27 -26.78
C SER A 104 -4.95 14.39 -27.78
N LEU A 105 -4.49 13.25 -28.31
CA LEU A 105 -3.38 13.19 -29.27
C LEU A 105 -3.92 13.08 -30.70
N GLU A 106 -3.96 14.20 -31.42
CA GLU A 106 -4.38 14.26 -32.84
C GLU A 106 -3.50 15.27 -33.59
N HIS A 107 -3.23 14.99 -34.88
CA HIS A 107 -2.59 15.93 -35.83
C HIS A 107 -2.51 15.28 -37.21
N HIS A 108 -2.29 16.12 -38.23
CA HIS A 108 -2.11 15.71 -39.63
C HIS A 108 -0.75 16.19 -40.13
N HIS A 109 -0.51 16.05 -41.44
CA HIS A 109 0.71 16.54 -42.10
C HIS A 109 0.37 17.01 -43.53
N HIS A 110 -0.20 18.23 -43.61
CA HIS A 110 -0.62 18.86 -44.87
C HIS A 110 -0.29 20.37 -44.81
N HIS A 111 1.00 20.65 -44.54
CA HIS A 111 1.58 22.01 -44.66
C HIS A 111 1.53 22.46 -46.14
N HIS A 112 1.71 21.46 -47.01
CA HIS A 112 1.53 21.57 -48.45
C HIS A 112 1.10 20.17 -48.97
N MET A 1 -6.89 16.30 4.68
CA MET A 1 -6.04 15.18 4.23
C MET A 1 -6.81 14.27 3.24
N LEU A 2 -6.07 13.49 2.44
CA LEU A 2 -6.62 12.60 1.41
C LEU A 2 -6.39 11.11 1.77
N THR A 3 -7.22 10.22 1.20
CA THR A 3 -7.10 8.76 1.40
C THR A 3 -6.54 8.10 0.12
N VAL A 4 -5.35 7.50 0.25
CA VAL A 4 -4.62 6.82 -0.82
C VAL A 4 -4.72 5.31 -0.61
N GLU A 5 -5.13 4.57 -1.65
CA GLU A 5 -5.36 3.11 -1.57
C GLU A 5 -4.76 2.39 -2.77
N VAL A 6 -4.26 1.16 -2.53
CA VAL A 6 -3.74 0.24 -3.56
C VAL A 6 -4.30 -1.18 -3.29
N GLU A 7 -4.19 -2.03 -4.32
CA GLU A 7 -4.68 -3.40 -4.32
C GLU A 7 -3.53 -4.33 -4.76
N VAL A 8 -2.96 -5.06 -3.80
CA VAL A 8 -1.73 -5.83 -4.00
C VAL A 8 -2.01 -7.34 -3.98
N LYS A 9 -1.95 -7.99 -5.13
CA LYS A 9 -2.13 -9.44 -5.26
C LYS A 9 -0.75 -10.13 -5.11
N ILE A 10 -0.60 -10.84 -3.99
CA ILE A 10 0.68 -11.43 -3.55
C ILE A 10 0.69 -12.93 -3.90
N THR A 11 1.72 -13.37 -4.64
CA THR A 11 1.88 -14.75 -5.08
C THR A 11 3.21 -15.29 -4.53
N ALA A 12 3.10 -16.18 -3.54
CA ALA A 12 4.26 -16.78 -2.84
C ALA A 12 4.31 -18.28 -3.12
N ASP A 13 5.29 -18.96 -2.48
CA ASP A 13 5.43 -20.42 -2.54
C ASP A 13 4.21 -21.08 -1.88
N ASP A 14 3.79 -20.48 -0.75
CA ASP A 14 2.55 -20.84 -0.04
C ASP A 14 1.80 -19.56 0.34
N GLU A 15 0.47 -19.55 0.09
CA GLU A 15 -0.38 -18.37 0.33
C GLU A 15 -0.55 -18.05 1.83
N ASN A 16 -0.66 -19.10 2.68
CA ASN A 16 -0.85 -18.90 4.14
C ASN A 16 0.46 -18.44 4.77
N LYS A 17 1.59 -18.95 4.22
CA LYS A 17 2.95 -18.50 4.56
C LYS A 17 3.05 -16.99 4.32
N ALA A 18 2.60 -16.57 3.12
CA ALA A 18 2.56 -15.15 2.74
C ALA A 18 1.68 -14.35 3.70
N GLU A 19 0.48 -14.89 4.00
CA GLU A 19 -0.53 -14.20 4.83
C GLU A 19 0.05 -13.85 6.22
N GLU A 20 0.60 -14.87 6.92
CA GLU A 20 1.12 -14.72 8.29
C GLU A 20 2.23 -13.66 8.37
N ILE A 21 3.17 -13.74 7.41
CA ILE A 21 4.33 -12.83 7.30
C ILE A 21 3.87 -11.41 6.98
N VAL A 22 2.99 -11.26 5.97
CA VAL A 22 2.54 -9.95 5.47
C VAL A 22 1.79 -9.19 6.58
N LYS A 23 0.84 -9.85 7.27
CA LYS A 23 0.10 -9.25 8.43
C LYS A 23 1.09 -8.78 9.51
N ARG A 24 1.93 -9.72 9.95
CA ARG A 24 2.93 -9.49 11.01
C ARG A 24 3.89 -8.31 10.68
N VAL A 25 4.38 -8.30 9.43
CA VAL A 25 5.36 -7.33 8.94
C VAL A 25 4.72 -5.95 8.79
N ILE A 26 3.49 -5.87 8.20
CA ILE A 26 2.77 -4.58 8.06
C ILE A 26 2.60 -3.94 9.44
N ASP A 27 2.24 -4.77 10.44
CA ASP A 27 1.99 -4.32 11.82
C ASP A 27 3.27 -3.71 12.45
N GLU A 28 4.40 -4.42 12.32
CA GLU A 28 5.70 -4.01 12.92
C GLU A 28 6.35 -2.85 12.15
N VAL A 29 5.97 -2.66 10.88
CA VAL A 29 6.40 -1.51 10.06
C VAL A 29 5.45 -0.30 10.29
N GLU A 30 4.15 -0.58 10.54
CA GLU A 30 3.05 0.42 10.66
C GLU A 30 3.32 1.38 11.82
N ARG A 31 3.73 0.79 12.94
CA ARG A 31 4.10 1.51 14.18
C ARG A 31 5.31 2.45 13.94
N GLU A 32 6.25 1.99 13.08
CA GLU A 32 7.46 2.75 12.73
C GLU A 32 7.14 3.88 11.74
N VAL A 33 6.05 3.71 10.98
CA VAL A 33 5.54 4.76 10.09
C VAL A 33 4.91 5.89 10.91
N GLN A 34 4.19 5.53 12.00
CA GLN A 34 3.43 6.50 12.81
C GLN A 34 4.34 7.56 13.47
N LYS A 35 5.58 7.16 13.81
CA LYS A 35 6.53 8.05 14.51
C LYS A 35 7.20 9.04 13.54
N GLN A 36 7.32 8.64 12.25
CA GLN A 36 7.92 9.48 11.19
C GLN A 36 6.83 10.41 10.59
N TYR A 37 5.71 9.79 10.24
CA TYR A 37 4.52 10.45 9.69
C TYR A 37 3.39 10.41 10.76
N PRO A 38 3.21 11.49 11.58
CA PRO A 38 2.17 11.53 12.64
C PRO A 38 0.73 11.47 12.09
N ASN A 39 0.54 12.00 10.87
CA ASN A 39 -0.79 12.08 10.21
C ASN A 39 -1.00 10.92 9.21
N ALA A 40 -0.21 9.84 9.33
CA ALA A 40 -0.40 8.62 8.52
C ALA A 40 -1.38 7.66 9.23
N THR A 41 -2.46 7.26 8.53
CA THR A 41 -3.40 6.26 9.06
C THR A 41 -3.40 5.06 8.09
N ILE A 42 -3.01 3.87 8.59
CA ILE A 42 -2.82 2.68 7.74
C ILE A 42 -3.82 1.56 8.14
N THR A 43 -4.85 1.38 7.30
CA THR A 43 -5.82 0.29 7.41
C THR A 43 -5.51 -0.75 6.32
N ARG A 44 -5.45 -2.02 6.68
CA ARG A 44 -5.05 -3.10 5.75
C ARG A 44 -5.89 -4.36 6.02
N THR A 45 -6.41 -4.98 4.95
CA THR A 45 -7.21 -6.21 5.02
C THR A 45 -6.72 -7.20 3.95
N LEU A 46 -6.32 -8.41 4.37
CA LEU A 46 -5.87 -9.47 3.46
C LEU A 46 -7.06 -10.37 3.08
N THR A 47 -6.97 -10.94 1.88
CA THR A 47 -7.96 -11.87 1.33
C THR A 47 -7.18 -13.03 0.67
N ARG A 48 -7.78 -14.22 0.53
CA ARG A 48 -7.09 -15.40 -0.05
C ARG A 48 -8.01 -16.14 -1.03
N ASP A 49 -7.63 -16.11 -2.32
CA ASP A 49 -8.38 -16.77 -3.41
C ASP A 49 -7.40 -17.38 -4.42
N ASP A 50 -7.47 -18.73 -4.53
CA ASP A 50 -6.78 -19.52 -5.58
C ASP A 50 -5.25 -19.42 -5.47
N GLY A 51 -4.75 -19.34 -4.23
CA GLY A 51 -3.30 -19.29 -3.95
C GLY A 51 -2.73 -17.88 -3.91
N THR A 52 -3.57 -16.88 -4.20
CA THR A 52 -3.16 -15.47 -4.23
C THR A 52 -3.76 -14.71 -3.04
N VAL A 53 -2.89 -14.03 -2.26
CA VAL A 53 -3.29 -13.18 -1.14
C VAL A 53 -3.57 -11.76 -1.66
N GLU A 54 -4.85 -11.40 -1.75
CA GLU A 54 -5.30 -10.08 -2.19
C GLU A 54 -5.32 -9.12 -0.99
N LEU A 55 -4.28 -8.30 -0.91
CA LEU A 55 -4.10 -7.29 0.14
C LEU A 55 -4.69 -5.95 -0.33
N ARG A 56 -5.36 -5.25 0.58
CA ARG A 56 -5.93 -3.91 0.36
C ARG A 56 -5.37 -2.96 1.41
N ILE A 57 -4.44 -2.07 0.99
CA ILE A 57 -3.83 -1.05 1.87
C ILE A 57 -4.56 0.29 1.67
N LYS A 58 -4.77 1.00 2.78
CA LYS A 58 -5.36 2.33 2.83
C LYS A 58 -4.47 3.21 3.71
N VAL A 59 -3.71 4.11 3.10
CA VAL A 59 -2.92 5.12 3.82
C VAL A 59 -3.53 6.51 3.61
N LYS A 60 -4.17 7.03 4.66
CA LYS A 60 -4.70 8.38 4.70
C LYS A 60 -3.59 9.30 5.23
N ALA A 61 -3.13 10.24 4.39
CA ALA A 61 -2.06 11.21 4.73
C ALA A 61 -2.41 12.59 4.16
N ASP A 62 -1.59 13.59 4.49
CA ASP A 62 -1.76 14.98 4.02
C ASP A 62 -1.58 15.06 2.49
N THR A 63 -0.44 14.51 2.00
CA THR A 63 -0.08 14.50 0.58
C THR A 63 -0.04 13.06 0.04
N GLU A 64 -0.47 12.88 -1.23
CA GLU A 64 -0.62 11.56 -1.87
C GLU A 64 0.74 10.89 -2.15
N GLU A 65 1.77 11.72 -2.39
CA GLU A 65 3.14 11.25 -2.68
C GLU A 65 3.71 10.50 -1.46
N LYS A 66 3.59 11.14 -0.28
CA LYS A 66 4.13 10.60 0.98
C LYS A 66 3.34 9.36 1.41
N ALA A 67 2.03 9.35 1.10
CA ALA A 67 1.15 8.20 1.37
C ALA A 67 1.55 6.97 0.52
N LYS A 68 1.99 7.24 -0.74
CA LYS A 68 2.56 6.21 -1.63
C LYS A 68 3.88 5.67 -1.08
N SER A 69 4.72 6.59 -0.56
CA SER A 69 6.02 6.26 0.04
C SER A 69 5.84 5.30 1.23
N ILE A 70 4.78 5.55 2.01
CA ILE A 70 4.37 4.73 3.16
C ILE A 70 3.97 3.32 2.72
N ILE A 71 3.12 3.25 1.66
CA ILE A 71 2.72 1.97 1.05
C ILE A 71 3.97 1.21 0.57
N LYS A 72 4.88 1.94 -0.10
CA LYS A 72 6.03 1.35 -0.80
C LYS A 72 7.02 0.70 0.18
N LEU A 73 7.30 1.38 1.32
CA LEU A 73 8.24 0.84 2.33
C LEU A 73 7.67 -0.41 3.03
N ILE A 74 6.32 -0.47 3.13
CA ILE A 74 5.59 -1.65 3.62
C ILE A 74 5.70 -2.79 2.56
N GLU A 75 5.51 -2.42 1.29
CA GLU A 75 5.57 -3.33 0.11
C GLU A 75 6.92 -4.02 -0.01
N GLU A 76 8.00 -3.22 0.17
CA GLU A 76 9.38 -3.72 0.06
C GLU A 76 9.64 -4.75 1.18
N ARG A 77 9.06 -4.51 2.37
CA ARG A 77 9.25 -5.34 3.55
C ARG A 77 8.44 -6.66 3.50
N ILE A 78 7.14 -6.58 3.11
CA ILE A 78 6.26 -7.77 3.08
C ILE A 78 6.73 -8.76 1.99
N GLU A 79 7.40 -8.21 0.96
CA GLU A 79 8.13 -8.98 -0.03
C GLU A 79 9.41 -9.56 0.58
N GLU A 80 10.26 -8.65 1.12
CA GLU A 80 11.67 -8.96 1.45
C GLU A 80 11.80 -10.02 2.53
N GLU A 81 11.06 -9.85 3.66
CA GLU A 81 11.14 -10.76 4.81
C GLU A 81 10.67 -12.18 4.43
N LEU A 82 9.66 -12.24 3.54
CA LEU A 82 9.13 -13.47 2.97
C LEU A 82 10.13 -14.07 1.96
N ARG A 83 10.82 -13.20 1.20
CA ARG A 83 11.80 -13.62 0.18
C ARG A 83 13.11 -14.13 0.82
N LYS A 84 13.39 -13.67 2.05
CA LYS A 84 14.57 -14.09 2.86
C LYS A 84 14.47 -15.58 3.29
N ARG A 85 13.28 -16.17 3.15
CA ARG A 85 13.04 -17.60 3.48
C ARG A 85 12.44 -18.35 2.27
N ASP A 86 11.79 -17.62 1.35
CA ASP A 86 11.09 -18.20 0.17
C ASP A 86 11.46 -17.40 -1.11
N PRO A 87 12.37 -17.94 -1.98
CA PRO A 87 12.76 -17.27 -3.27
C PRO A 87 11.56 -17.11 -4.24
N ASN A 88 10.53 -17.97 -4.05
CA ASN A 88 9.26 -17.88 -4.76
C ASN A 88 8.34 -16.94 -3.97
N ALA A 89 8.61 -15.64 -4.08
CA ALA A 89 7.73 -14.57 -3.59
C ALA A 89 7.73 -13.42 -4.60
N THR A 90 6.53 -12.94 -4.98
CA THR A 90 6.36 -11.78 -5.87
C THR A 90 5.00 -11.14 -5.59
N ILE A 91 4.99 -9.83 -5.30
CA ILE A 91 3.76 -9.05 -5.10
C ILE A 91 3.42 -8.28 -6.41
N THR A 92 2.12 -8.05 -6.67
CA THR A 92 1.66 -7.29 -7.84
C THR A 92 0.76 -6.14 -7.36
N ARG A 93 1.27 -4.91 -7.43
CA ARG A 93 0.59 -3.72 -6.89
C ARG A 93 -0.25 -3.04 -8.00
N THR A 94 -1.57 -3.24 -7.95
CA THR A 94 -2.53 -2.46 -8.75
C THR A 94 -2.81 -1.13 -8.03
N VAL A 95 -2.24 -0.04 -8.55
CA VAL A 95 -2.37 1.29 -7.96
C VAL A 95 -3.80 1.85 -8.23
N ARG A 96 -4.64 1.79 -7.18
CA ARG A 96 -6.04 2.27 -7.23
C ARG A 96 -6.10 3.81 -7.14
N THR A 97 -5.05 4.42 -6.56
CA THR A 97 -4.96 5.87 -6.36
C THR A 97 -4.42 6.56 -7.64
N GLU A 98 -5.33 7.04 -8.49
CA GLU A 98 -5.00 7.74 -9.74
C GLU A 98 -5.19 9.24 -9.54
N VAL A 99 -4.13 9.90 -9.05
CA VAL A 99 -4.13 11.34 -8.75
C VAL A 99 -3.48 12.11 -9.92
N GLY A 100 -4.19 13.12 -10.45
CA GLY A 100 -3.67 13.97 -11.53
C GLY A 100 -4.70 14.17 -12.63
N SER A 101 -5.39 15.33 -12.60
CA SER A 101 -6.37 15.74 -13.62
C SER A 101 -6.32 17.29 -13.74
N SER A 102 -5.31 17.80 -14.47
CA SER A 102 -5.07 19.24 -14.63
C SER A 102 -4.76 19.55 -16.12
N TRP A 103 -5.59 20.43 -16.71
CA TRP A 103 -5.42 20.91 -18.10
C TRP A 103 -6.09 22.28 -18.21
N SER A 104 -5.32 23.33 -17.88
CA SER A 104 -5.81 24.72 -17.94
C SER A 104 -5.32 25.37 -19.25
N LEU A 105 -6.27 25.80 -20.09
CA LEU A 105 -5.98 26.46 -21.37
C LEU A 105 -6.16 27.98 -21.22
N GLU A 106 -5.72 28.74 -22.24
CA GLU A 106 -5.85 30.22 -22.26
C GLU A 106 -6.29 30.69 -23.64
N HIS A 107 -6.60 31.99 -23.73
CA HIS A 107 -6.99 32.66 -24.98
C HIS A 107 -6.07 33.88 -25.16
N HIS A 108 -5.08 33.73 -26.04
CA HIS A 108 -4.13 34.81 -26.38
C HIS A 108 -4.84 35.87 -27.25
N HIS A 109 -5.30 36.95 -26.59
CA HIS A 109 -5.94 38.08 -27.25
C HIS A 109 -4.88 39.08 -27.76
N HIS A 110 -4.93 39.36 -29.06
CA HIS A 110 -4.07 40.36 -29.71
C HIS A 110 -4.83 40.91 -30.92
N HIS A 111 -5.22 42.18 -30.88
CA HIS A 111 -6.03 42.80 -31.94
C HIS A 111 -5.41 44.12 -32.39
N HIS A 112 -4.80 44.11 -33.59
CA HIS A 112 -4.35 45.31 -34.29
C HIS A 112 -5.44 45.72 -35.31
N MET A 1 -6.45 16.51 3.63
CA MET A 1 -6.29 15.06 3.83
C MET A 1 -7.14 14.26 2.82
N LEU A 2 -6.51 13.21 2.25
CA LEU A 2 -7.10 12.27 1.27
C LEU A 2 -6.91 10.81 1.77
N THR A 3 -7.73 9.88 1.24
CA THR A 3 -7.62 8.45 1.55
C THR A 3 -7.16 7.67 0.30
N VAL A 4 -5.96 7.08 0.39
CA VAL A 4 -5.27 6.39 -0.73
C VAL A 4 -5.43 4.87 -0.61
N GLU A 5 -5.95 4.22 -1.67
CA GLU A 5 -6.07 2.75 -1.75
C GLU A 5 -5.16 2.19 -2.87
N VAL A 6 -4.47 1.08 -2.54
CA VAL A 6 -3.75 0.24 -3.51
C VAL A 6 -4.17 -1.22 -3.31
N GLU A 7 -3.83 -2.03 -4.30
CA GLU A 7 -4.05 -3.47 -4.31
C GLU A 7 -2.72 -4.14 -4.67
N VAL A 8 -2.08 -4.73 -3.66
CA VAL A 8 -0.79 -5.40 -3.79
C VAL A 8 -1.05 -6.91 -3.79
N LYS A 9 -0.93 -7.54 -4.97
CA LYS A 9 -1.30 -8.96 -5.17
C LYS A 9 -0.04 -9.84 -5.06
N ILE A 10 0.04 -10.59 -3.96
CA ILE A 10 1.24 -11.31 -3.52
C ILE A 10 1.09 -12.82 -3.79
N THR A 11 1.87 -13.33 -4.74
CA THR A 11 1.93 -14.76 -5.06
C THR A 11 3.22 -15.34 -4.43
N ALA A 12 3.06 -16.20 -3.41
CA ALA A 12 4.18 -16.77 -2.63
C ALA A 12 4.21 -18.29 -2.80
N ASP A 13 5.12 -18.95 -2.07
CA ASP A 13 5.22 -20.43 -2.07
C ASP A 13 4.03 -21.03 -1.31
N ASP A 14 3.67 -20.40 -0.17
CA ASP A 14 2.51 -20.78 0.65
C ASP A 14 1.68 -19.52 0.92
N GLU A 15 0.44 -19.48 0.42
CA GLU A 15 -0.45 -18.30 0.57
C GLU A 15 -0.89 -18.08 2.03
N ASN A 16 -1.08 -19.18 2.79
CA ASN A 16 -1.51 -19.14 4.21
C ASN A 16 -0.41 -18.50 5.06
N LYS A 17 0.83 -18.96 4.84
CA LYS A 17 2.02 -18.44 5.51
C LYS A 17 2.27 -17.00 5.07
N ALA A 18 2.02 -16.75 3.76
CA ALA A 18 2.22 -15.43 3.14
C ALA A 18 1.39 -14.35 3.81
N GLU A 19 0.08 -14.62 3.98
CA GLU A 19 -0.87 -13.66 4.57
C GLU A 19 -0.45 -13.28 6.00
N GLU A 20 -0.05 -14.28 6.79
CA GLU A 20 0.32 -14.07 8.21
C GLU A 20 1.65 -13.30 8.36
N ILE A 21 2.62 -13.62 7.47
CA ILE A 21 3.92 -12.93 7.43
C ILE A 21 3.73 -11.45 7.00
N VAL A 22 2.93 -11.24 5.94
CA VAL A 22 2.66 -9.89 5.39
C VAL A 22 1.93 -8.99 6.42
N LYS A 23 0.84 -9.51 7.03
CA LYS A 23 0.08 -8.81 8.12
C LYS A 23 1.04 -8.38 9.25
N ARG A 24 1.88 -9.34 9.66
CA ARG A 24 2.86 -9.18 10.73
C ARG A 24 3.88 -8.08 10.40
N VAL A 25 4.45 -8.16 9.18
CA VAL A 25 5.51 -7.24 8.72
C VAL A 25 4.96 -5.82 8.53
N ILE A 26 3.72 -5.68 8.02
CA ILE A 26 3.04 -4.37 7.90
C ILE A 26 2.96 -3.72 9.28
N ASP A 27 2.62 -4.53 10.30
CA ASP A 27 2.47 -4.08 11.70
C ASP A 27 3.84 -3.80 12.36
N GLU A 28 4.90 -4.53 11.92
CA GLU A 28 6.30 -4.29 12.36
C GLU A 28 6.81 -2.93 11.84
N VAL A 29 6.42 -2.61 10.59
CA VAL A 29 6.83 -1.39 9.89
C VAL A 29 5.91 -0.20 10.26
N GLU A 30 4.64 -0.50 10.58
CA GLU A 30 3.58 0.52 10.85
C GLU A 30 3.94 1.36 12.08
N ARG A 31 4.46 0.69 13.12
CA ARG A 31 4.88 1.35 14.37
C ARG A 31 6.10 2.28 14.12
N GLU A 32 6.86 1.97 13.05
CA GLU A 32 8.01 2.77 12.59
C GLU A 32 7.57 3.87 11.59
N VAL A 33 6.41 3.68 10.95
CA VAL A 33 5.79 4.72 10.08
C VAL A 33 5.16 5.81 10.94
N GLN A 34 4.50 5.40 12.04
CA GLN A 34 3.76 6.30 12.94
C GLN A 34 4.64 7.37 13.61
N LYS A 35 5.96 7.12 13.70
CA LYS A 35 6.91 8.08 14.30
C LYS A 35 7.44 9.06 13.23
N GLN A 36 7.41 8.64 11.95
CA GLN A 36 7.86 9.48 10.81
C GLN A 36 6.70 10.36 10.31
N TYR A 37 5.57 9.69 10.02
CA TYR A 37 4.30 10.31 9.61
C TYR A 37 3.26 10.10 10.76
N PRO A 38 3.10 11.08 11.69
CA PRO A 38 2.20 10.93 12.88
C PRO A 38 0.70 11.04 12.52
N ASN A 39 0.38 11.81 11.47
CA ASN A 39 -1.01 12.07 11.02
C ASN A 39 -1.47 11.08 9.94
N ALA A 40 -0.58 10.15 9.55
CA ALA A 40 -0.89 9.12 8.54
C ALA A 40 -1.41 7.84 9.24
N THR A 41 -2.60 7.38 8.83
CA THR A 41 -3.25 6.19 9.41
C THR A 41 -3.30 5.08 8.34
N ILE A 42 -2.62 3.97 8.62
CA ILE A 42 -2.53 2.81 7.72
C ILE A 42 -3.70 1.85 8.00
N THR A 43 -4.21 1.21 6.95
CA THR A 43 -5.15 0.10 7.03
C THR A 43 -4.66 -1.02 6.10
N ARG A 44 -4.88 -2.29 6.46
CA ARG A 44 -4.57 -3.44 5.60
C ARG A 44 -5.66 -4.51 5.74
N THR A 45 -6.12 -5.03 4.60
CA THR A 45 -7.15 -6.07 4.52
C THR A 45 -6.73 -7.09 3.44
N LEU A 46 -6.36 -8.31 3.88
CA LEU A 46 -5.82 -9.36 3.00
C LEU A 46 -6.89 -10.42 2.71
N THR A 47 -6.92 -10.90 1.47
CA THR A 47 -7.93 -11.85 0.98
C THR A 47 -7.26 -12.90 0.07
N ARG A 48 -7.15 -14.14 0.55
CA ARG A 48 -6.51 -15.25 -0.18
C ARG A 48 -7.51 -15.91 -1.15
N ASP A 49 -7.01 -16.23 -2.35
CA ASP A 49 -7.76 -16.98 -3.37
C ASP A 49 -6.76 -17.59 -4.37
N ASP A 50 -6.67 -18.93 -4.37
CA ASP A 50 -5.92 -19.72 -5.36
C ASP A 50 -4.41 -19.34 -5.38
N GLY A 51 -3.81 -19.29 -4.17
CA GLY A 51 -2.37 -19.02 -4.00
C GLY A 51 -2.00 -17.53 -4.00
N THR A 52 -2.94 -16.66 -4.40
CA THR A 52 -2.74 -15.20 -4.44
C THR A 52 -3.38 -14.53 -3.21
N VAL A 53 -2.54 -13.91 -2.37
CA VAL A 53 -2.97 -13.07 -1.25
C VAL A 53 -3.22 -11.65 -1.80
N GLU A 54 -4.45 -11.16 -1.71
CA GLU A 54 -4.80 -9.81 -2.17
C GLU A 54 -4.72 -8.86 -0.98
N LEU A 55 -3.67 -8.05 -0.95
CA LEU A 55 -3.47 -7.06 0.10
C LEU A 55 -4.07 -5.72 -0.37
N ARG A 56 -4.90 -5.13 0.49
CA ARG A 56 -5.47 -3.80 0.29
C ARG A 56 -4.91 -2.86 1.36
N ILE A 57 -3.94 -2.01 0.98
CA ILE A 57 -3.39 -0.99 1.89
C ILE A 57 -4.10 0.33 1.62
N LYS A 58 -4.75 0.87 2.65
CA LYS A 58 -5.47 2.13 2.59
C LYS A 58 -4.85 3.08 3.61
N VAL A 59 -4.05 4.06 3.12
CA VAL A 59 -3.35 5.04 3.98
C VAL A 59 -4.02 6.41 3.83
N LYS A 60 -4.58 6.89 4.93
CA LYS A 60 -5.13 8.23 5.06
C LYS A 60 -3.98 9.20 5.41
N ALA A 61 -3.61 10.08 4.48
CA ALA A 61 -2.51 11.06 4.64
C ALA A 61 -2.96 12.41 4.05
N ASP A 62 -2.14 13.47 4.18
CA ASP A 62 -2.50 14.78 3.60
C ASP A 62 -2.28 14.77 2.08
N THR A 63 -1.12 14.28 1.65
CA THR A 63 -0.77 14.16 0.22
C THR A 63 -0.60 12.68 -0.15
N GLU A 64 -1.14 12.33 -1.34
CA GLU A 64 -1.15 10.94 -1.86
C GLU A 64 0.27 10.40 -2.04
N GLU A 65 1.23 11.31 -2.34
CA GLU A 65 2.62 10.97 -2.62
C GLU A 65 3.34 10.43 -1.36
N LYS A 66 3.07 11.06 -0.21
CA LYS A 66 3.64 10.62 1.08
C LYS A 66 2.99 9.32 1.55
N ALA A 67 1.69 9.15 1.20
CA ALA A 67 0.95 7.90 1.44
C ALA A 67 1.57 6.76 0.61
N LYS A 68 1.94 7.07 -0.66
CA LYS A 68 2.60 6.13 -1.58
C LYS A 68 4.00 5.74 -1.07
N SER A 69 4.71 6.70 -0.43
CA SER A 69 6.00 6.45 0.22
C SER A 69 5.87 5.37 1.31
N ILE A 70 4.84 5.54 2.17
CA ILE A 70 4.50 4.60 3.25
C ILE A 70 4.21 3.20 2.71
N ILE A 71 3.30 3.14 1.73
CA ILE A 71 2.88 1.90 1.08
C ILE A 71 4.08 1.19 0.43
N LYS A 72 4.96 1.98 -0.22
CA LYS A 72 6.13 1.46 -0.95
C LYS A 72 7.10 0.77 0.00
N LEU A 73 7.48 1.45 1.09
CA LEU A 73 8.50 0.93 2.03
C LEU A 73 7.95 -0.28 2.84
N ILE A 74 6.60 -0.34 2.96
CA ILE A 74 5.89 -1.53 3.48
C ILE A 74 5.97 -2.69 2.46
N GLU A 75 5.75 -2.37 1.15
CA GLU A 75 5.80 -3.35 0.05
C GLU A 75 7.18 -3.97 -0.12
N GLU A 76 8.23 -3.14 0.12
CA GLU A 76 9.62 -3.58 0.06
C GLU A 76 9.86 -4.67 1.12
N ARG A 77 9.30 -4.45 2.32
CA ARG A 77 9.51 -5.33 3.48
C ARG A 77 8.63 -6.60 3.44
N ILE A 78 7.33 -6.46 3.11
CA ILE A 78 6.39 -7.61 3.09
C ILE A 78 6.81 -8.66 2.05
N GLU A 79 7.45 -8.20 0.95
CA GLU A 79 8.07 -9.10 -0.02
C GLU A 79 9.39 -9.63 0.53
N GLU A 80 10.24 -8.72 1.06
CA GLU A 80 11.63 -9.05 1.48
C GLU A 80 11.65 -10.20 2.49
N GLU A 81 10.99 -9.99 3.64
CA GLU A 81 10.94 -10.92 4.76
C GLU A 81 10.33 -12.27 4.35
N LEU A 82 9.23 -12.18 3.59
CA LEU A 82 8.48 -13.34 3.09
C LEU A 82 9.31 -14.13 2.07
N ARG A 83 10.09 -13.42 1.24
CA ARG A 83 10.84 -14.00 0.10
C ARG A 83 12.15 -14.64 0.57
N LYS A 84 12.60 -14.26 1.78
CA LYS A 84 13.74 -14.91 2.46
C LYS A 84 13.37 -16.33 2.96
N ARG A 85 12.06 -16.66 2.90
CA ARG A 85 11.55 -18.00 3.23
C ARG A 85 10.83 -18.64 2.02
N ASP A 86 10.23 -17.79 1.17
CA ASP A 86 9.47 -18.18 -0.03
C ASP A 86 10.19 -17.61 -1.26
N PRO A 87 11.03 -18.39 -2.00
CA PRO A 87 11.93 -17.84 -3.08
C PRO A 87 11.16 -17.11 -4.19
N ASN A 88 9.88 -17.50 -4.40
CA ASN A 88 9.02 -16.96 -5.47
C ASN A 88 7.94 -16.00 -4.91
N ALA A 89 8.16 -15.45 -3.69
CA ALA A 89 7.24 -14.45 -3.11
C ALA A 89 7.38 -13.11 -3.86
N THR A 90 6.39 -12.82 -4.71
CA THR A 90 6.43 -11.67 -5.63
C THR A 90 5.10 -10.91 -5.52
N ILE A 91 5.20 -9.59 -5.37
CA ILE A 91 4.01 -8.71 -5.20
C ILE A 91 3.71 -7.97 -6.52
N THR A 92 2.43 -7.64 -6.76
CA THR A 92 2.02 -6.81 -7.91
C THR A 92 1.42 -5.49 -7.40
N ARG A 93 2.17 -4.39 -7.59
CA ARG A 93 1.74 -3.04 -7.21
C ARG A 93 0.71 -2.52 -8.23
N THR A 94 -0.57 -2.50 -7.85
CA THR A 94 -1.68 -1.95 -8.65
C THR A 94 -2.37 -0.84 -7.83
N VAL A 95 -2.13 0.43 -8.18
CA VAL A 95 -2.72 1.58 -7.46
C VAL A 95 -4.22 1.70 -7.83
N ARG A 96 -5.08 1.63 -6.80
CA ARG A 96 -6.55 1.63 -6.95
C ARG A 96 -7.16 2.98 -6.52
N THR A 97 -6.31 4.01 -6.51
CA THR A 97 -6.73 5.42 -6.39
C THR A 97 -6.02 6.21 -7.50
N GLU A 98 -6.71 7.23 -8.03
CA GLU A 98 -6.13 8.16 -9.01
C GLU A 98 -7.05 9.37 -9.07
N VAL A 99 -6.86 10.28 -8.09
CA VAL A 99 -7.70 11.48 -7.96
C VAL A 99 -7.45 12.44 -9.15
N GLY A 100 -8.53 13.05 -9.65
CA GLY A 100 -8.50 13.87 -10.86
C GLY A 100 -9.69 14.80 -10.95
N SER A 101 -9.45 16.03 -11.43
CA SER A 101 -10.50 17.03 -11.63
C SER A 101 -10.05 18.00 -12.73
N SER A 102 -10.56 17.78 -13.95
CA SER A 102 -10.31 18.63 -15.12
C SER A 102 -11.61 19.34 -15.50
N TRP A 103 -11.93 20.40 -14.74
CA TRP A 103 -13.18 21.16 -14.93
C TRP A 103 -12.85 22.67 -15.07
N SER A 104 -11.72 22.96 -15.77
CA SER A 104 -11.33 24.32 -16.10
C SER A 104 -12.27 24.89 -17.18
N LEU A 105 -13.18 25.77 -16.76
CA LEU A 105 -14.05 26.54 -17.66
C LEU A 105 -14.24 27.97 -17.10
N GLU A 106 -14.26 28.94 -18.01
CA GLU A 106 -14.43 30.36 -17.69
C GLU A 106 -14.77 31.13 -18.98
N HIS A 107 -15.82 31.96 -18.88
CA HIS A 107 -16.22 32.89 -19.95
C HIS A 107 -17.28 33.85 -19.38
N HIS A 108 -16.86 34.63 -18.37
CA HIS A 108 -17.68 35.71 -17.80
C HIS A 108 -17.89 36.79 -18.89
N HIS A 109 -19.15 37.18 -19.11
CA HIS A 109 -19.52 38.08 -20.21
C HIS A 109 -19.00 39.51 -19.97
N HIS A 110 -19.63 40.21 -19.03
CA HIS A 110 -19.31 41.62 -18.71
C HIS A 110 -18.60 41.70 -17.36
N HIS A 111 -17.45 42.38 -17.32
CA HIS A 111 -16.69 42.58 -16.07
C HIS A 111 -17.37 43.66 -15.20
N HIS A 112 -17.49 43.40 -13.89
CA HIS A 112 -18.21 44.28 -12.95
C HIS A 112 -17.33 44.52 -11.69
N MET A 1 -5.93 16.46 3.11
CA MET A 1 -5.72 15.01 3.30
C MET A 1 -6.47 14.21 2.22
N LEU A 2 -5.80 13.17 1.70
CA LEU A 2 -6.36 12.21 0.74
C LEU A 2 -6.18 10.77 1.27
N THR A 3 -6.99 9.84 0.77
CA THR A 3 -6.92 8.42 1.15
C THR A 3 -6.51 7.58 -0.08
N VAL A 4 -5.31 7.01 -0.01
CA VAL A 4 -4.67 6.24 -1.10
C VAL A 4 -4.87 4.74 -0.87
N GLU A 5 -5.60 4.10 -1.80
CA GLU A 5 -5.82 2.64 -1.81
C GLU A 5 -4.95 2.00 -2.91
N VAL A 6 -4.33 0.86 -2.58
CA VAL A 6 -3.61 -0.02 -3.54
C VAL A 6 -4.05 -1.47 -3.29
N GLU A 7 -3.99 -2.29 -4.35
CA GLU A 7 -4.34 -3.72 -4.32
C GLU A 7 -3.12 -4.51 -4.82
N VAL A 8 -2.57 -5.36 -3.95
CA VAL A 8 -1.34 -6.10 -4.22
C VAL A 8 -1.66 -7.60 -4.18
N LYS A 9 -1.69 -8.23 -5.36
CA LYS A 9 -1.99 -9.66 -5.52
C LYS A 9 -0.68 -10.46 -5.37
N ILE A 10 -0.53 -11.12 -4.21
CA ILE A 10 0.71 -11.79 -3.81
C ILE A 10 0.64 -13.28 -4.16
N THR A 11 1.38 -13.67 -5.20
CA THR A 11 1.56 -15.06 -5.60
C THR A 11 2.82 -15.63 -4.91
N ALA A 12 2.63 -16.63 -4.03
CA ALA A 12 3.70 -17.22 -3.21
C ALA A 12 3.58 -18.75 -3.18
N ASP A 13 4.67 -19.44 -2.80
CA ASP A 13 4.73 -20.93 -2.76
C ASP A 13 3.78 -21.47 -1.68
N ASP A 14 3.81 -20.81 -0.53
CA ASP A 14 2.79 -20.91 0.51
C ASP A 14 2.18 -19.51 0.69
N GLU A 15 0.97 -19.32 0.15
CA GLU A 15 0.21 -18.09 0.35
C GLU A 15 -0.23 -17.95 1.83
N ASN A 16 -0.38 -19.09 2.52
CA ASN A 16 -0.67 -19.13 3.96
C ASN A 16 0.50 -18.57 4.78
N LYS A 17 1.74 -18.95 4.39
CA LYS A 17 2.97 -18.36 4.98
C LYS A 17 3.05 -16.87 4.63
N ALA A 18 2.74 -16.53 3.36
CA ALA A 18 2.78 -15.16 2.83
C ALA A 18 1.89 -14.22 3.64
N GLU A 19 0.71 -14.72 4.00
CA GLU A 19 -0.26 -13.99 4.81
C GLU A 19 0.34 -13.65 6.18
N GLU A 20 0.91 -14.67 6.85
CA GLU A 20 1.46 -14.54 8.22
C GLU A 20 2.64 -13.54 8.27
N ILE A 21 3.52 -13.61 7.25
CA ILE A 21 4.70 -12.75 7.14
C ILE A 21 4.27 -11.28 6.95
N VAL A 22 3.39 -11.04 5.98
CA VAL A 22 2.96 -9.69 5.57
C VAL A 22 2.08 -9.03 6.67
N LYS A 23 1.26 -9.83 7.38
CA LYS A 23 0.49 -9.37 8.57
C LYS A 23 1.45 -8.85 9.65
N ARG A 24 2.43 -9.71 9.99
CA ARG A 24 3.47 -9.47 10.99
C ARG A 24 4.23 -8.15 10.70
N VAL A 25 4.76 -8.08 9.47
CA VAL A 25 5.61 -6.99 9.01
C VAL A 25 4.84 -5.65 8.98
N ILE A 26 3.63 -5.64 8.35
CA ILE A 26 2.81 -4.39 8.25
C ILE A 26 2.49 -3.86 9.64
N ASP A 27 2.16 -4.76 10.57
CA ASP A 27 1.73 -4.37 11.93
C ASP A 27 2.89 -3.71 12.70
N GLU A 28 4.11 -4.24 12.52
CA GLU A 28 5.32 -3.70 13.15
C GLU A 28 5.81 -2.42 12.45
N VAL A 29 5.62 -2.36 11.12
CA VAL A 29 6.04 -1.20 10.30
C VAL A 29 5.07 -0.01 10.48
N GLU A 30 3.77 -0.33 10.70
CA GLU A 30 2.68 0.68 10.78
C GLU A 30 2.86 1.59 11.99
N ARG A 31 3.25 0.99 13.14
CA ARG A 31 3.48 1.72 14.41
C ARG A 31 4.73 2.61 14.28
N GLU A 32 5.68 2.17 13.43
CA GLU A 32 6.91 2.91 13.13
C GLU A 32 6.65 4.01 12.08
N VAL A 33 5.55 3.88 11.32
CA VAL A 33 5.08 4.94 10.41
C VAL A 33 4.38 6.04 11.25
N GLN A 34 3.71 5.65 12.35
CA GLN A 34 2.97 6.60 13.21
C GLN A 34 3.91 7.62 13.91
N LYS A 35 5.22 7.30 14.02
CA LYS A 35 6.20 8.21 14.65
C LYS A 35 6.89 9.11 13.59
N GLN A 36 6.97 8.63 12.33
CA GLN A 36 7.59 9.37 11.22
C GLN A 36 6.55 10.28 10.56
N TYR A 37 5.42 9.67 10.18
CA TYR A 37 4.21 10.34 9.68
C TYR A 37 3.09 10.22 10.75
N PRO A 38 2.98 11.19 11.73
CA PRO A 38 1.95 11.15 12.79
C PRO A 38 0.52 11.34 12.24
N ASN A 39 0.42 12.16 11.19
CA ASN A 39 -0.86 12.53 10.54
C ASN A 39 -1.43 11.36 9.70
N ALA A 40 -0.57 10.36 9.39
CA ALA A 40 -0.95 9.23 8.54
C ALA A 40 -1.56 8.08 9.37
N THR A 41 -2.55 7.39 8.78
CA THR A 41 -3.18 6.19 9.36
C THR A 41 -3.32 5.12 8.27
N ILE A 42 -2.69 3.96 8.49
CA ILE A 42 -2.67 2.85 7.53
C ILE A 42 -3.80 1.85 7.86
N THR A 43 -4.34 1.23 6.81
CA THR A 43 -5.29 0.13 6.88
C THR A 43 -4.71 -1.04 6.05
N ARG A 44 -4.93 -2.28 6.49
CA ARG A 44 -4.42 -3.47 5.78
C ARG A 44 -5.55 -4.50 5.63
N THR A 45 -5.54 -5.26 4.53
CA THR A 45 -6.56 -6.30 4.25
C THR A 45 -5.89 -7.45 3.51
N LEU A 46 -5.69 -8.61 4.16
CA LEU A 46 -5.09 -9.80 3.51
C LEU A 46 -6.18 -10.88 3.35
N THR A 47 -6.59 -11.13 2.10
CA THR A 47 -7.63 -12.12 1.77
C THR A 47 -7.05 -13.17 0.81
N ARG A 48 -6.91 -14.44 1.28
CA ARG A 48 -6.36 -15.53 0.46
C ARG A 48 -7.47 -16.11 -0.42
N ASP A 49 -7.39 -15.79 -1.71
CA ASP A 49 -8.37 -16.14 -2.72
C ASP A 49 -7.66 -16.81 -3.91
N ASP A 50 -7.91 -18.12 -4.09
CA ASP A 50 -7.37 -18.96 -5.19
C ASP A 50 -5.82 -18.93 -5.21
N GLY A 51 -5.24 -19.25 -4.04
CA GLY A 51 -3.79 -19.33 -3.85
C GLY A 51 -3.08 -17.98 -3.85
N THR A 52 -3.83 -16.87 -3.89
CA THR A 52 -3.29 -15.51 -4.00
C THR A 52 -3.71 -14.65 -2.78
N VAL A 53 -2.73 -14.07 -2.06
CA VAL A 53 -3.02 -13.16 -0.95
C VAL A 53 -3.26 -11.76 -1.52
N GLU A 54 -4.52 -11.33 -1.56
CA GLU A 54 -4.86 -9.99 -2.04
C GLU A 54 -4.74 -9.02 -0.86
N LEU A 55 -3.62 -8.30 -0.85
CA LEU A 55 -3.30 -7.29 0.15
C LEU A 55 -3.74 -5.91 -0.34
N ARG A 56 -4.81 -5.37 0.26
CA ARG A 56 -5.30 -4.03 -0.05
C ARG A 56 -4.88 -3.07 1.09
N ILE A 57 -3.87 -2.23 0.80
CA ILE A 57 -3.34 -1.24 1.76
C ILE A 57 -4.00 0.11 1.48
N LYS A 58 -4.60 0.70 2.51
CA LYS A 58 -5.25 2.01 2.40
C LYS A 58 -4.58 2.98 3.40
N VAL A 59 -3.70 3.85 2.89
CA VAL A 59 -2.97 4.84 3.70
C VAL A 59 -3.63 6.21 3.54
N LYS A 60 -4.24 6.69 4.63
CA LYS A 60 -4.79 8.03 4.72
C LYS A 60 -3.66 8.98 5.18
N ALA A 61 -3.22 9.86 4.28
CA ALA A 61 -2.11 10.80 4.57
C ALA A 61 -2.44 12.17 3.96
N ASP A 62 -1.71 13.22 4.37
CA ASP A 62 -1.94 14.59 3.88
C ASP A 62 -1.72 14.67 2.36
N THR A 63 -0.55 14.20 1.93
CA THR A 63 -0.07 14.33 0.56
C THR A 63 0.04 12.91 -0.04
N GLU A 64 -0.23 12.78 -1.36
CA GLU A 64 -0.11 11.49 -2.07
C GLU A 64 1.34 10.96 -2.01
N GLU A 65 2.31 11.89 -2.06
CA GLU A 65 3.74 11.57 -1.99
C GLU A 65 4.10 10.90 -0.65
N LYS A 66 3.49 11.42 0.44
CA LYS A 66 3.66 10.88 1.80
C LYS A 66 3.10 9.45 1.87
N ALA A 67 1.86 9.29 1.36
CA ALA A 67 1.13 8.01 1.37
C ALA A 67 1.87 6.94 0.53
N LYS A 68 2.42 7.36 -0.62
CA LYS A 68 3.16 6.48 -1.54
C LYS A 68 4.52 6.08 -0.94
N SER A 69 5.19 7.02 -0.22
CA SER A 69 6.45 6.78 0.50
C SER A 69 6.25 5.70 1.59
N ILE A 70 5.08 5.75 2.25
CA ILE A 70 4.68 4.78 3.27
C ILE A 70 4.44 3.40 2.63
N ILE A 71 3.64 3.36 1.55
CA ILE A 71 3.37 2.12 0.79
C ILE A 71 4.68 1.56 0.22
N LYS A 72 5.61 2.45 -0.18
CA LYS A 72 6.92 2.08 -0.73
C LYS A 72 7.72 1.25 0.28
N LEU A 73 7.90 1.80 1.50
CA LEU A 73 8.71 1.15 2.55
C LEU A 73 8.01 -0.12 3.09
N ILE A 74 6.65 -0.14 3.08
CA ILE A 74 5.87 -1.35 3.44
C ILE A 74 6.15 -2.46 2.43
N GLU A 75 6.00 -2.14 1.13
CA GLU A 75 6.20 -3.08 0.01
C GLU A 75 7.62 -3.68 0.00
N GLU A 76 8.61 -2.84 0.39
CA GLU A 76 10.01 -3.26 0.55
C GLU A 76 10.10 -4.34 1.65
N ARG A 77 9.60 -4.04 2.86
CA ARG A 77 9.80 -4.85 4.07
C ARG A 77 9.01 -6.18 4.02
N ILE A 78 7.76 -6.13 3.50
CA ILE A 78 6.86 -7.29 3.47
C ILE A 78 7.41 -8.35 2.52
N GLU A 79 7.80 -7.92 1.30
CA GLU A 79 8.33 -8.81 0.26
C GLU A 79 9.78 -9.21 0.59
N GLU A 80 10.49 -8.37 1.37
CA GLU A 80 11.85 -8.67 1.85
C GLU A 80 11.85 -9.95 2.70
N GLU A 81 11.04 -9.94 3.78
CA GLU A 81 10.91 -11.06 4.71
C GLU A 81 10.17 -12.24 4.09
N LEU A 82 9.30 -11.93 3.12
CA LEU A 82 8.56 -12.94 2.35
C LEU A 82 9.49 -13.66 1.35
N ARG A 83 10.48 -12.92 0.82
CA ARG A 83 11.45 -13.47 -0.16
C ARG A 83 12.43 -14.42 0.54
N LYS A 84 12.62 -14.22 1.86
CA LYS A 84 13.48 -15.09 2.69
C LYS A 84 12.94 -16.53 2.72
N ARG A 85 11.63 -16.65 2.97
CA ARG A 85 10.95 -17.94 3.17
C ARG A 85 10.41 -18.48 1.83
N ASP A 86 10.01 -17.56 0.96
CA ASP A 86 9.46 -17.86 -0.38
C ASP A 86 10.26 -17.05 -1.43
N PRO A 87 11.39 -17.60 -1.98
CA PRO A 87 12.32 -16.82 -2.87
C PRO A 87 11.75 -16.51 -4.28
N ASN A 88 10.49 -16.92 -4.53
CA ASN A 88 9.81 -16.69 -5.84
C ASN A 88 8.50 -15.89 -5.64
N ALA A 89 8.26 -15.40 -4.41
CA ALA A 89 6.99 -14.75 -4.04
C ALA A 89 6.82 -13.38 -4.74
N THR A 90 6.13 -13.41 -5.88
CA THR A 90 5.90 -12.22 -6.73
C THR A 90 4.64 -11.49 -6.26
N ILE A 91 4.65 -10.15 -6.39
CA ILE A 91 3.52 -9.27 -6.01
C ILE A 91 3.07 -8.45 -7.24
N THR A 92 1.75 -8.27 -7.41
CA THR A 92 1.17 -7.47 -8.51
C THR A 92 0.39 -6.28 -7.92
N ARG A 93 0.96 -5.07 -7.99
CA ARG A 93 0.38 -3.87 -7.36
C ARG A 93 -0.38 -3.03 -8.39
N THR A 94 -1.70 -3.11 -8.31
CA THR A 94 -2.62 -2.23 -9.04
C THR A 94 -3.13 -1.14 -8.09
N VAL A 95 -2.78 0.12 -8.38
CA VAL A 95 -3.17 1.26 -7.55
C VAL A 95 -4.69 1.54 -7.75
N ARG A 96 -5.44 1.54 -6.64
CA ARG A 96 -6.91 1.66 -6.66
C ARG A 96 -7.36 3.12 -6.49
N THR A 97 -6.40 4.04 -6.48
CA THR A 97 -6.65 5.49 -6.52
C THR A 97 -5.93 6.10 -7.74
N GLU A 98 -6.53 7.13 -8.34
CA GLU A 98 -5.94 7.88 -9.44
C GLU A 98 -6.67 9.23 -9.54
N VAL A 99 -6.07 10.27 -8.95
CA VAL A 99 -6.64 11.63 -8.96
C VAL A 99 -6.13 12.41 -10.19
N GLY A 100 -6.70 12.06 -11.36
CA GLY A 100 -6.33 12.69 -12.63
C GLY A 100 -7.45 13.58 -13.15
N SER A 101 -7.09 14.81 -13.56
CA SER A 101 -8.06 15.82 -14.01
C SER A 101 -7.39 16.79 -14.99
N SER A 102 -8.09 17.09 -16.10
CA SER A 102 -7.60 18.04 -17.12
C SER A 102 -8.09 19.46 -16.81
N TRP A 103 -7.13 20.42 -16.73
CA TRP A 103 -7.43 21.84 -16.45
C TRP A 103 -6.39 22.73 -17.17
N SER A 104 -6.88 23.58 -18.07
CA SER A 104 -6.04 24.50 -18.85
C SER A 104 -6.08 25.90 -18.19
N LEU A 105 -5.04 26.22 -17.42
CA LEU A 105 -4.91 27.52 -16.75
C LEU A 105 -4.22 28.50 -17.71
N GLU A 106 -5.00 29.35 -18.38
CA GLU A 106 -4.47 30.43 -19.22
C GLU A 106 -5.17 31.75 -18.87
N HIS A 107 -4.49 32.54 -18.03
CA HIS A 107 -4.78 33.96 -17.83
C HIS A 107 -3.50 34.72 -18.23
N HIS A 108 -3.04 34.41 -19.46
CA HIS A 108 -1.78 34.92 -20.02
C HIS A 108 -1.98 35.22 -21.51
N HIS A 109 -2.37 36.46 -21.81
CA HIS A 109 -2.42 36.99 -23.18
C HIS A 109 -1.85 38.41 -23.16
N HIS A 110 -0.57 38.53 -23.53
CA HIS A 110 0.10 39.84 -23.67
C HIS A 110 -0.50 40.54 -24.90
N HIS A 111 -0.78 41.85 -24.80
CA HIS A 111 -1.29 42.63 -25.96
C HIS A 111 -0.14 42.85 -26.95
N HIS A 112 -0.49 43.06 -28.22
CA HIS A 112 0.46 43.48 -29.26
C HIS A 112 1.01 44.90 -28.91
N MET A 1 -7.19 16.21 4.10
CA MET A 1 -6.24 15.11 3.83
C MET A 1 -6.94 13.98 3.07
N LEU A 2 -6.29 13.49 2.01
CA LEU A 2 -6.83 12.45 1.12
C LEU A 2 -6.54 11.04 1.67
N THR A 3 -7.30 10.04 1.20
CA THR A 3 -7.09 8.64 1.59
C THR A 3 -6.69 7.80 0.35
N VAL A 4 -5.49 7.22 0.41
CA VAL A 4 -4.85 6.48 -0.71
C VAL A 4 -5.08 4.98 -0.52
N GLU A 5 -5.51 4.32 -1.60
CA GLU A 5 -5.77 2.89 -1.63
C GLU A 5 -4.94 2.22 -2.74
N VAL A 6 -4.34 1.07 -2.40
CA VAL A 6 -3.60 0.21 -3.33
C VAL A 6 -4.16 -1.22 -3.26
N GLU A 7 -3.80 -2.02 -4.24
CA GLU A 7 -4.15 -3.44 -4.32
C GLU A 7 -2.88 -4.21 -4.70
N VAL A 8 -2.40 -5.02 -3.78
CA VAL A 8 -1.12 -5.71 -3.89
C VAL A 8 -1.38 -7.22 -3.95
N LYS A 9 -1.21 -7.81 -5.14
CA LYS A 9 -1.44 -9.26 -5.35
C LYS A 9 -0.15 -10.03 -5.03
N ILE A 10 -0.14 -10.70 -3.89
CA ILE A 10 1.03 -11.41 -3.38
C ILE A 10 0.92 -12.90 -3.77
N THR A 11 1.78 -13.32 -4.70
CA THR A 11 1.83 -14.69 -5.22
C THR A 11 3.12 -15.35 -4.73
N ALA A 12 2.97 -16.45 -3.98
CA ALA A 12 4.08 -17.12 -3.31
C ALA A 12 3.90 -18.65 -3.38
N ASP A 13 5.02 -19.38 -3.19
CA ASP A 13 5.04 -20.85 -3.05
C ASP A 13 4.06 -21.31 -1.94
N ASP A 14 4.06 -20.56 -0.84
CA ASP A 14 3.13 -20.77 0.28
C ASP A 14 2.35 -19.48 0.51
N GLU A 15 1.14 -19.38 -0.10
CA GLU A 15 0.27 -18.19 0.03
C GLU A 15 -0.26 -18.03 1.47
N ASN A 16 -0.41 -19.17 2.18
CA ASN A 16 -0.99 -19.22 3.53
C ASN A 16 0.03 -18.70 4.56
N LYS A 17 1.29 -19.20 4.46
CA LYS A 17 2.41 -18.74 5.28
C LYS A 17 2.80 -17.30 4.90
N ALA A 18 2.57 -16.95 3.61
CA ALA A 18 2.79 -15.59 3.10
C ALA A 18 1.97 -14.56 3.88
N GLU A 19 0.69 -14.90 4.15
CA GLU A 19 -0.22 -14.03 4.93
C GLU A 19 0.33 -13.77 6.34
N GLU A 20 0.90 -14.83 6.96
CA GLU A 20 1.48 -14.74 8.32
C GLU A 20 2.64 -13.72 8.37
N ILE A 21 3.56 -13.86 7.40
CA ILE A 21 4.73 -13.02 7.27
C ILE A 21 4.32 -11.56 6.98
N VAL A 22 3.41 -11.38 6.01
CA VAL A 22 2.94 -10.06 5.57
C VAL A 22 2.27 -9.29 6.73
N LYS A 23 1.30 -9.94 7.43
CA LYS A 23 0.58 -9.32 8.58
C LYS A 23 1.57 -8.87 9.68
N ARG A 24 2.48 -9.80 10.05
CA ARG A 24 3.58 -9.54 11.01
C ARG A 24 4.36 -8.27 10.63
N VAL A 25 4.86 -8.27 9.39
CA VAL A 25 5.84 -7.28 8.93
C VAL A 25 5.20 -5.89 8.72
N ILE A 26 3.94 -5.84 8.25
CA ILE A 26 3.22 -4.56 8.11
C ILE A 26 3.04 -3.94 9.50
N ASP A 27 2.63 -4.78 10.47
CA ASP A 27 2.39 -4.36 11.86
C ASP A 27 3.69 -3.87 12.53
N GLU A 28 4.83 -4.44 12.11
CA GLU A 28 6.17 -3.98 12.54
C GLU A 28 6.46 -2.57 11.99
N VAL A 29 6.15 -2.33 10.71
CA VAL A 29 6.43 -1.04 10.03
C VAL A 29 5.38 0.03 10.42
N GLU A 30 4.17 -0.43 10.76
CA GLU A 30 2.99 0.42 10.96
C GLU A 30 3.22 1.38 12.14
N ARG A 31 3.82 0.84 13.21
CA ARG A 31 4.20 1.60 14.41
C ARG A 31 5.39 2.57 14.11
N GLU A 32 6.28 2.16 13.19
CA GLU A 32 7.47 2.93 12.78
C GLU A 32 7.09 4.14 11.89
N VAL A 33 5.96 4.01 11.18
CA VAL A 33 5.42 5.09 10.35
C VAL A 33 4.75 6.16 11.23
N GLN A 34 4.05 5.73 12.30
CA GLN A 34 3.27 6.65 13.17
C GLN A 34 4.16 7.70 13.88
N LYS A 35 5.43 7.34 14.16
CA LYS A 35 6.37 8.23 14.88
C LYS A 35 6.97 9.29 13.93
N GLN A 36 6.83 9.08 12.61
CA GLN A 36 7.34 10.00 11.55
C GLN A 36 6.19 10.75 10.88
N TYR A 37 5.04 10.07 10.78
CA TYR A 37 3.82 10.56 10.14
C TYR A 37 2.64 10.33 11.12
N PRO A 38 2.45 11.23 12.14
CA PRO A 38 1.36 11.08 13.15
C PRO A 38 -0.06 11.10 12.54
N ASN A 39 -0.20 11.73 11.35
CA ASN A 39 -1.50 11.85 10.66
C ASN A 39 -1.79 10.62 9.76
N ALA A 40 -0.75 9.85 9.39
CA ALA A 40 -0.92 8.70 8.48
C ALA A 40 -1.70 7.57 9.18
N THR A 41 -2.82 7.15 8.59
CA THR A 41 -3.65 6.06 9.12
C THR A 41 -3.57 4.88 8.13
N ILE A 42 -2.98 3.77 8.57
CA ILE A 42 -2.70 2.60 7.74
C ILE A 42 -3.67 1.46 8.10
N THR A 43 -4.67 1.23 7.24
CA THR A 43 -5.69 0.19 7.42
C THR A 43 -5.47 -0.91 6.36
N ARG A 44 -5.37 -2.18 6.81
CA ARG A 44 -5.02 -3.30 5.92
C ARG A 44 -6.21 -4.26 5.77
N THR A 45 -6.38 -4.79 4.54
CA THR A 45 -7.38 -5.82 4.24
C THR A 45 -6.69 -6.94 3.42
N LEU A 46 -6.47 -8.11 4.05
CA LEU A 46 -5.91 -9.29 3.35
C LEU A 46 -7.04 -10.29 3.08
N THR A 47 -7.22 -10.63 1.80
CA THR A 47 -8.21 -11.62 1.37
C THR A 47 -7.52 -12.62 0.44
N ARG A 48 -7.32 -13.86 0.91
CA ARG A 48 -6.69 -14.90 0.10
C ARG A 48 -7.79 -15.52 -0.79
N ASP A 49 -7.69 -15.21 -2.08
CA ASP A 49 -8.66 -15.62 -3.10
C ASP A 49 -7.93 -16.36 -4.25
N ASP A 50 -8.20 -17.67 -4.36
CA ASP A 50 -7.66 -18.55 -5.42
C ASP A 50 -6.12 -18.64 -5.35
N GLY A 51 -5.62 -18.98 -4.15
CA GLY A 51 -4.19 -19.17 -3.89
C GLY A 51 -3.34 -17.90 -3.98
N THR A 52 -3.99 -16.73 -3.89
CA THR A 52 -3.32 -15.41 -4.00
C THR A 52 -3.77 -14.48 -2.85
N VAL A 53 -2.79 -13.85 -2.15
CA VAL A 53 -3.06 -12.94 -1.03
C VAL A 53 -3.34 -11.52 -1.57
N GLU A 54 -4.61 -11.11 -1.55
CA GLU A 54 -5.04 -9.76 -1.99
C GLU A 54 -4.86 -8.78 -0.81
N LEU A 55 -3.76 -8.03 -0.83
CA LEU A 55 -3.43 -7.06 0.20
C LEU A 55 -3.80 -5.64 -0.27
N ARG A 56 -4.87 -5.09 0.29
CA ARG A 56 -5.30 -3.72 -0.01
C ARG A 56 -5.02 -2.83 1.19
N ILE A 57 -3.99 -1.96 1.05
CA ILE A 57 -3.57 -1.02 2.10
C ILE A 57 -4.18 0.37 1.81
N LYS A 58 -4.71 0.97 2.86
CA LYS A 58 -5.37 2.27 2.82
C LYS A 58 -4.62 3.22 3.76
N VAL A 59 -3.83 4.16 3.20
CA VAL A 59 -3.06 5.15 4.00
C VAL A 59 -3.64 6.55 3.76
N LYS A 60 -4.28 7.11 4.80
CA LYS A 60 -4.80 8.47 4.78
C LYS A 60 -3.69 9.46 5.18
N ALA A 61 -3.29 10.32 4.25
CA ALA A 61 -2.24 11.34 4.47
C ALA A 61 -2.59 12.62 3.72
N ASP A 62 -1.73 13.66 3.87
CA ASP A 62 -1.95 14.99 3.26
C ASP A 62 -1.86 14.92 1.72
N THR A 63 -0.85 14.20 1.24
CA THR A 63 -0.48 14.16 -0.19
C THR A 63 -0.40 12.70 -0.67
N GLU A 64 -0.81 12.47 -1.92
CA GLU A 64 -1.01 11.11 -2.47
C GLU A 64 0.32 10.33 -2.63
N GLU A 65 1.37 10.98 -3.18
CA GLU A 65 2.66 10.30 -3.47
C GLU A 65 3.43 9.98 -2.18
N LYS A 66 3.22 10.81 -1.13
CA LYS A 66 3.81 10.57 0.19
C LYS A 66 3.16 9.33 0.85
N ALA A 67 1.83 9.21 0.72
CA ALA A 67 1.07 8.06 1.23
C ALA A 67 1.43 6.76 0.46
N LYS A 68 1.62 6.90 -0.87
CA LYS A 68 2.05 5.79 -1.76
C LYS A 68 3.49 5.37 -1.41
N SER A 69 4.32 6.34 -0.97
CA SER A 69 5.71 6.09 -0.53
C SER A 69 5.72 5.28 0.79
N ILE A 70 4.77 5.60 1.69
CA ILE A 70 4.55 4.87 2.95
C ILE A 70 4.22 3.40 2.67
N ILE A 71 3.32 3.17 1.71
CA ILE A 71 2.91 1.81 1.29
C ILE A 71 4.08 1.07 0.61
N LYS A 72 4.81 1.81 -0.23
CA LYS A 72 5.93 1.27 -1.02
C LYS A 72 7.01 0.66 -0.10
N LEU A 73 7.37 1.40 0.96
CA LEU A 73 8.42 0.96 1.90
C LEU A 73 7.96 -0.23 2.75
N ILE A 74 6.63 -0.34 3.00
CA ILE A 74 6.01 -1.51 3.66
C ILE A 74 6.13 -2.75 2.75
N GLU A 75 5.91 -2.54 1.43
CA GLU A 75 6.04 -3.59 0.39
C GLU A 75 7.48 -4.08 0.27
N GLU A 76 8.45 -3.17 0.43
CA GLU A 76 9.89 -3.51 0.40
C GLU A 76 10.25 -4.45 1.57
N ARG A 77 9.58 -4.23 2.71
CA ARG A 77 9.79 -5.00 3.94
C ARG A 77 9.15 -6.41 3.83
N ILE A 78 7.84 -6.45 3.43
CA ILE A 78 7.07 -7.72 3.41
C ILE A 78 7.60 -8.67 2.34
N GLU A 79 8.03 -8.10 1.19
CA GLU A 79 8.66 -8.87 0.10
C GLU A 79 9.98 -9.47 0.56
N GLU A 80 10.82 -8.64 1.23
CA GLU A 80 12.16 -9.05 1.69
C GLU A 80 12.07 -10.26 2.62
N GLU A 81 11.21 -10.13 3.65
CA GLU A 81 11.01 -11.16 4.68
C GLU A 81 10.43 -12.45 4.09
N LEU A 82 9.38 -12.30 3.29
CA LEU A 82 8.70 -13.44 2.64
C LEU A 82 9.68 -14.20 1.72
N ARG A 83 10.47 -13.42 0.95
CA ARG A 83 11.41 -13.97 -0.05
C ARG A 83 12.56 -14.78 0.62
N LYS A 84 12.88 -14.46 1.90
CA LYS A 84 13.93 -15.17 2.67
C LYS A 84 13.56 -16.65 2.89
N ARG A 85 12.25 -16.95 2.95
CA ARG A 85 11.73 -18.33 3.01
C ARG A 85 11.28 -18.81 1.61
N ASP A 86 10.75 -17.88 0.80
CA ASP A 86 9.92 -18.21 -0.37
C ASP A 86 10.64 -17.77 -1.67
N PRO A 87 11.02 -18.72 -2.58
CA PRO A 87 11.72 -18.37 -3.84
C PRO A 87 10.77 -17.83 -4.94
N ASN A 88 9.46 -18.00 -4.74
CA ASN A 88 8.42 -17.60 -5.72
C ASN A 88 7.76 -16.27 -5.32
N ALA A 89 8.15 -15.72 -4.15
CA ALA A 89 7.52 -14.55 -3.55
C ALA A 89 7.57 -13.32 -4.48
N THR A 90 6.38 -12.81 -4.82
CA THR A 90 6.20 -11.61 -5.62
C THR A 90 5.01 -10.83 -5.06
N ILE A 91 5.18 -9.52 -4.88
CA ILE A 91 4.05 -8.62 -4.58
C ILE A 91 3.78 -7.77 -5.85
N THR A 92 2.50 -7.69 -6.25
CA THR A 92 2.12 -6.98 -7.48
C THR A 92 1.44 -5.66 -7.12
N ARG A 93 2.17 -4.55 -7.28
CA ARG A 93 1.72 -3.21 -6.90
C ARG A 93 0.75 -2.65 -7.96
N THR A 94 -0.54 -2.56 -7.59
CA THR A 94 -1.58 -1.96 -8.44
C THR A 94 -2.32 -0.90 -7.62
N VAL A 95 -2.00 0.38 -7.84
CA VAL A 95 -2.60 1.48 -7.06
C VAL A 95 -4.02 1.77 -7.61
N ARG A 96 -5.02 1.73 -6.69
CA ARG A 96 -6.46 1.88 -7.04
C ARG A 96 -6.78 3.32 -7.46
N THR A 97 -6.12 4.28 -6.78
CA THR A 97 -6.25 5.71 -7.11
C THR A 97 -5.22 6.12 -8.20
N GLU A 98 -5.71 6.88 -9.21
CA GLU A 98 -4.88 7.46 -10.27
C GLU A 98 -5.16 8.97 -10.30
N VAL A 99 -4.08 9.77 -10.25
CA VAL A 99 -4.13 11.23 -10.15
C VAL A 99 -3.67 11.85 -11.48
N GLY A 100 -4.63 12.39 -12.25
CA GLY A 100 -4.37 13.06 -13.52
C GLY A 100 -5.22 14.30 -13.68
N SER A 101 -4.66 15.34 -14.32
CA SER A 101 -5.34 16.63 -14.52
C SER A 101 -4.78 17.30 -15.79
N SER A 102 -5.61 17.32 -16.86
CA SER A 102 -5.30 18.05 -18.11
C SER A 102 -6.61 18.40 -18.83
N TRP A 103 -6.59 19.51 -19.59
CA TRP A 103 -7.78 20.03 -20.29
C TRP A 103 -7.38 20.68 -21.63
N SER A 104 -8.39 21.09 -22.42
CA SER A 104 -8.21 21.63 -23.78
C SER A 104 -8.24 23.17 -23.77
N LEU A 105 -7.12 23.82 -24.14
CA LEU A 105 -7.00 25.29 -24.14
C LEU A 105 -6.79 25.82 -25.58
N GLU A 106 -7.89 26.28 -26.21
CA GLU A 106 -7.84 26.97 -27.51
C GLU A 106 -9.17 27.75 -27.70
N HIS A 107 -9.06 29.09 -27.72
CA HIS A 107 -10.22 29.98 -27.97
C HIS A 107 -9.73 31.23 -28.73
N HIS A 108 -9.95 31.25 -30.05
CA HIS A 108 -9.60 32.39 -30.91
C HIS A 108 -10.63 32.48 -32.05
N HIS A 109 -11.54 33.46 -31.96
CA HIS A 109 -12.52 33.75 -33.03
C HIS A 109 -11.95 34.84 -33.97
N HIS A 110 -12.52 34.92 -35.20
CA HIS A 110 -12.18 35.94 -36.23
C HIS A 110 -10.83 35.60 -36.93
N HIS A 111 -10.94 35.30 -38.24
CA HIS A 111 -9.79 34.94 -39.11
C HIS A 111 -10.18 35.14 -40.58
N HIS A 112 -9.17 35.27 -41.48
CA HIS A 112 -9.42 35.43 -42.93
C HIS A 112 -8.14 35.05 -43.73
N MET A 1 -6.53 16.53 3.42
CA MET A 1 -5.98 15.20 3.76
C MET A 1 -6.75 14.11 3.00
N LEU A 2 -6.09 13.47 2.02
CA LEU A 2 -6.69 12.50 1.09
C LEU A 2 -6.40 11.05 1.53
N THR A 3 -7.24 10.10 1.08
CA THR A 3 -7.09 8.67 1.38
C THR A 3 -6.69 7.90 0.11
N VAL A 4 -5.51 7.27 0.14
CA VAL A 4 -4.93 6.51 -0.97
C VAL A 4 -5.17 5.00 -0.77
N GLU A 5 -5.68 4.31 -1.83
CA GLU A 5 -5.94 2.85 -1.81
C GLU A 5 -5.22 2.17 -2.99
N VAL A 6 -4.65 0.99 -2.72
CA VAL A 6 -4.04 0.12 -3.74
C VAL A 6 -4.49 -1.35 -3.51
N GLU A 7 -4.44 -2.15 -4.58
CA GLU A 7 -4.77 -3.58 -4.57
C GLU A 7 -3.49 -4.36 -4.93
N VAL A 8 -2.86 -5.00 -3.93
CA VAL A 8 -1.55 -5.64 -4.09
C VAL A 8 -1.71 -7.18 -4.10
N LYS A 9 -1.25 -7.83 -5.18
CA LYS A 9 -1.27 -9.30 -5.32
C LYS A 9 0.06 -9.90 -4.84
N ILE A 10 0.05 -10.53 -3.67
CA ILE A 10 1.24 -11.19 -3.10
C ILE A 10 1.20 -12.68 -3.45
N THR A 11 2.03 -13.10 -4.39
CA THR A 11 2.15 -14.50 -4.81
C THR A 11 3.30 -15.17 -4.04
N ALA A 12 2.98 -16.26 -3.32
CA ALA A 12 3.96 -17.10 -2.59
C ALA A 12 3.52 -18.57 -2.69
N ASP A 13 4.41 -19.50 -2.30
CA ASP A 13 4.15 -20.95 -2.45
C ASP A 13 3.17 -21.43 -1.37
N ASP A 14 3.40 -20.97 -0.14
CA ASP A 14 2.45 -21.15 0.97
C ASP A 14 1.79 -19.81 1.24
N GLU A 15 0.64 -19.59 0.60
CA GLU A 15 -0.16 -18.35 0.74
C GLU A 15 -0.73 -18.19 2.18
N ASN A 16 -0.92 -19.32 2.89
CA ASN A 16 -1.31 -19.31 4.33
C ASN A 16 -0.18 -18.72 5.20
N LYS A 17 1.05 -19.20 4.96
CA LYS A 17 2.25 -18.72 5.68
C LYS A 17 2.55 -17.26 5.27
N ALA A 18 2.32 -16.98 3.97
CA ALA A 18 2.61 -15.68 3.34
C ALA A 18 1.84 -14.57 4.01
N GLU A 19 0.54 -14.83 4.26
CA GLU A 19 -0.36 -13.88 4.90
C GLU A 19 0.18 -13.46 6.28
N GLU A 20 0.61 -14.45 7.09
CA GLU A 20 1.01 -14.24 8.48
C GLU A 20 2.35 -13.48 8.58
N ILE A 21 3.28 -13.77 7.62
CA ILE A 21 4.57 -13.09 7.53
C ILE A 21 4.35 -11.59 7.23
N VAL A 22 3.51 -11.33 6.20
CA VAL A 22 3.16 -9.97 5.76
C VAL A 22 2.43 -9.19 6.88
N LYS A 23 1.57 -9.88 7.65
CA LYS A 23 0.82 -9.29 8.80
C LYS A 23 1.80 -8.87 9.93
N ARG A 24 2.82 -9.71 10.20
CA ARG A 24 3.88 -9.40 11.20
C ARG A 24 4.65 -8.15 10.77
N VAL A 25 5.02 -8.13 9.49
CA VAL A 25 5.82 -7.07 8.89
C VAL A 25 5.06 -5.73 8.96
N ILE A 26 3.82 -5.69 8.43
CA ILE A 26 2.98 -4.46 8.40
C ILE A 26 2.72 -3.95 9.83
N ASP A 27 2.58 -4.88 10.78
CA ASP A 27 2.43 -4.56 12.21
C ASP A 27 3.65 -3.74 12.71
N GLU A 28 4.86 -4.22 12.37
CA GLU A 28 6.13 -3.59 12.79
C GLU A 28 6.50 -2.35 11.94
N VAL A 29 5.96 -2.27 10.72
CA VAL A 29 6.19 -1.15 9.80
C VAL A 29 5.24 0.03 10.13
N GLU A 30 3.99 -0.31 10.44
CA GLU A 30 2.90 0.68 10.69
C GLU A 30 3.21 1.53 11.93
N ARG A 31 3.78 0.87 12.97
CA ARG A 31 4.19 1.54 14.22
C ARG A 31 5.38 2.50 13.94
N GLU A 32 6.27 2.11 12.98
CA GLU A 32 7.36 2.99 12.51
C GLU A 32 6.80 4.20 11.72
N VAL A 33 5.74 3.94 10.94
CA VAL A 33 5.06 4.98 10.14
C VAL A 33 4.39 6.01 11.06
N GLN A 34 3.89 5.57 12.23
CA GLN A 34 3.28 6.47 13.24
C GLN A 34 4.33 7.40 13.89
N LYS A 35 5.63 7.10 13.69
CA LYS A 35 6.75 7.92 14.16
C LYS A 35 7.12 8.97 13.10
N GLN A 36 7.29 8.48 11.85
CA GLN A 36 7.79 9.28 10.72
C GLN A 36 6.68 10.20 10.18
N TYR A 37 5.52 9.58 9.91
CA TYR A 37 4.28 10.26 9.51
C TYR A 37 3.22 10.08 10.63
N PRO A 38 3.19 10.98 11.68
CA PRO A 38 2.29 10.81 12.86
C PRO A 38 0.79 10.86 12.51
N ASN A 39 0.43 11.58 11.43
CA ASN A 39 -0.98 11.73 10.99
C ASN A 39 -1.45 10.55 10.12
N ALA A 40 -0.49 9.79 9.57
CA ALA A 40 -0.78 8.69 8.62
C ALA A 40 -1.61 7.58 9.29
N THR A 41 -2.73 7.23 8.66
CA THR A 41 -3.64 6.20 9.15
C THR A 41 -3.64 5.03 8.15
N ILE A 42 -3.21 3.84 8.58
CA ILE A 42 -3.10 2.65 7.70
C ILE A 42 -4.20 1.64 8.05
N THR A 43 -4.80 1.06 7.01
CA THR A 43 -5.75 -0.05 7.09
C THR A 43 -5.30 -1.07 6.03
N ARG A 44 -5.32 -2.37 6.37
CA ARG A 44 -4.88 -3.44 5.43
C ARG A 44 -5.83 -4.65 5.53
N THR A 45 -6.12 -5.27 4.37
CA THR A 45 -7.01 -6.43 4.26
C THR A 45 -6.34 -7.51 3.40
N LEU A 46 -6.01 -8.67 4.02
CA LEU A 46 -5.35 -9.80 3.33
C LEU A 46 -6.37 -10.92 3.10
N THR A 47 -6.69 -11.18 1.81
CA THR A 47 -7.66 -12.22 1.41
C THR A 47 -6.98 -13.19 0.42
N ARG A 48 -6.88 -14.47 0.82
CA ARG A 48 -6.21 -15.51 0.04
C ARG A 48 -7.20 -16.05 -1.01
N ASP A 49 -6.98 -15.61 -2.27
CA ASP A 49 -7.85 -15.90 -3.42
C ASP A 49 -7.00 -16.30 -4.63
N ASP A 50 -7.33 -17.47 -5.23
CA ASP A 50 -6.67 -18.02 -6.44
C ASP A 50 -5.17 -18.35 -6.19
N GLY A 51 -4.81 -18.57 -4.90
CA GLY A 51 -3.43 -18.89 -4.50
C GLY A 51 -2.55 -17.66 -4.27
N THR A 52 -3.20 -16.50 -4.20
CA THR A 52 -2.54 -15.20 -4.02
C THR A 52 -3.16 -14.47 -2.81
N VAL A 53 -2.31 -13.92 -1.93
CA VAL A 53 -2.75 -13.10 -0.80
C VAL A 53 -2.96 -11.67 -1.32
N GLU A 54 -4.23 -11.27 -1.47
CA GLU A 54 -4.57 -9.92 -1.95
C GLU A 54 -4.55 -8.97 -0.75
N LEU A 55 -3.45 -8.22 -0.65
CA LEU A 55 -3.26 -7.20 0.37
C LEU A 55 -3.71 -5.85 -0.18
N ARG A 56 -4.81 -5.33 0.36
CA ARG A 56 -5.34 -4.02 -0.02
C ARG A 56 -4.85 -3.00 1.02
N ILE A 57 -3.87 -2.16 0.65
CA ILE A 57 -3.28 -1.16 1.56
C ILE A 57 -3.97 0.18 1.32
N LYS A 58 -4.51 0.75 2.40
CA LYS A 58 -5.18 2.04 2.39
C LYS A 58 -4.49 2.95 3.41
N VAL A 59 -3.76 3.97 2.93
CA VAL A 59 -3.07 4.95 3.79
C VAL A 59 -3.67 6.35 3.57
N LYS A 60 -4.29 6.89 4.62
CA LYS A 60 -4.78 8.26 4.65
C LYS A 60 -3.64 9.20 5.10
N ALA A 61 -3.27 10.15 4.23
CA ALA A 61 -2.20 11.15 4.51
C ALA A 61 -2.54 12.48 3.83
N ASP A 62 -1.82 13.55 4.24
CA ASP A 62 -2.07 14.94 3.78
C ASP A 62 -1.94 15.07 2.25
N THR A 63 -0.88 14.46 1.70
CA THR A 63 -0.63 14.40 0.25
C THR A 63 -0.45 12.94 -0.18
N GLU A 64 -0.53 12.70 -1.51
CA GLU A 64 -0.32 11.37 -2.09
C GLU A 64 1.14 10.92 -1.91
N GLU A 65 2.08 11.90 -1.92
CA GLU A 65 3.53 11.66 -1.77
C GLU A 65 3.80 10.84 -0.50
N LYS A 66 3.20 11.30 0.60
CA LYS A 66 3.35 10.69 1.93
C LYS A 66 2.78 9.27 1.93
N ALA A 67 1.49 9.17 1.57
CA ALA A 67 0.69 7.93 1.65
C ALA A 67 1.27 6.79 0.77
N LYS A 68 1.65 7.14 -0.47
CA LYS A 68 2.16 6.17 -1.46
C LYS A 68 3.60 5.75 -1.16
N SER A 69 4.41 6.67 -0.59
CA SER A 69 5.78 6.36 -0.14
C SER A 69 5.74 5.35 1.04
N ILE A 70 4.70 5.48 1.89
CA ILE A 70 4.40 4.55 2.99
C ILE A 70 4.07 3.15 2.42
N ILE A 71 3.14 3.11 1.43
CA ILE A 71 2.73 1.87 0.75
C ILE A 71 3.96 1.18 0.13
N LYS A 72 4.82 1.98 -0.51
CA LYS A 72 6.01 1.48 -1.19
C LYS A 72 6.99 0.85 -0.19
N LEU A 73 7.26 1.52 0.96
CA LEU A 73 8.22 1.00 1.95
C LEU A 73 7.65 -0.26 2.66
N ILE A 74 6.30 -0.38 2.70
CA ILE A 74 5.62 -1.61 3.14
C ILE A 74 5.92 -2.75 2.15
N GLU A 75 5.86 -2.44 0.83
CA GLU A 75 6.16 -3.41 -0.26
C GLU A 75 7.62 -3.90 -0.23
N GLU A 76 8.55 -2.95 0.01
CA GLU A 76 10.00 -3.24 0.11
C GLU A 76 10.30 -4.20 1.27
N ARG A 77 9.46 -4.09 2.32
CA ARG A 77 9.57 -4.92 3.53
C ARG A 77 8.92 -6.31 3.31
N ILE A 78 7.60 -6.31 3.01
CA ILE A 78 6.76 -7.53 3.02
C ILE A 78 7.26 -8.59 2.03
N GLU A 79 7.72 -8.15 0.82
CA GLU A 79 8.25 -9.07 -0.18
C GLU A 79 9.60 -9.60 0.29
N GLU A 80 10.48 -8.70 0.75
CA GLU A 80 11.88 -9.05 1.15
C GLU A 80 11.88 -10.16 2.22
N GLU A 81 11.11 -9.92 3.30
CA GLU A 81 11.03 -10.84 4.46
C GLU A 81 10.41 -12.18 4.03
N LEU A 82 9.31 -12.10 3.26
CA LEU A 82 8.57 -13.28 2.77
C LEU A 82 9.43 -14.10 1.79
N ARG A 83 10.26 -13.40 0.99
CA ARG A 83 11.03 -14.01 -0.11
C ARG A 83 12.25 -14.77 0.41
N LYS A 84 12.62 -14.48 1.68
CA LYS A 84 13.65 -15.22 2.42
C LYS A 84 13.18 -16.68 2.67
N ARG A 85 11.86 -16.86 2.82
CA ARG A 85 11.22 -18.15 3.18
C ARG A 85 10.48 -18.77 1.94
N ASP A 86 10.02 -17.91 1.02
CA ASP A 86 9.37 -18.33 -0.25
C ASP A 86 10.15 -17.72 -1.43
N PRO A 87 10.95 -18.52 -2.22
CA PRO A 87 11.76 -17.98 -3.36
C PRO A 87 10.89 -17.31 -4.44
N ASN A 88 9.64 -17.78 -4.59
CA ASN A 88 8.68 -17.28 -5.59
C ASN A 88 7.80 -16.15 -5.03
N ALA A 89 8.19 -15.56 -3.87
CA ALA A 89 7.45 -14.47 -3.25
C ALA A 89 7.72 -13.14 -3.99
N THR A 90 6.65 -12.58 -4.59
CA THR A 90 6.68 -11.29 -5.27
C THR A 90 5.31 -10.62 -5.10
N ILE A 91 5.28 -9.29 -4.91
CA ILE A 91 4.02 -8.52 -4.78
C ILE A 91 3.78 -7.69 -6.06
N THR A 92 2.50 -7.47 -6.42
CA THR A 92 2.12 -6.67 -7.60
C THR A 92 1.15 -5.56 -7.17
N ARG A 93 1.62 -4.31 -7.15
CA ARG A 93 0.78 -3.16 -6.79
C ARG A 93 -0.06 -2.77 -8.02
N THR A 94 -1.38 -2.75 -7.83
CA THR A 94 -2.33 -2.19 -8.80
C THR A 94 -2.92 -0.93 -8.16
N VAL A 95 -2.46 0.24 -8.62
CA VAL A 95 -2.83 1.52 -7.99
C VAL A 95 -4.29 1.87 -8.35
N ARG A 96 -5.13 1.94 -7.30
CA ARG A 96 -6.58 2.16 -7.44
C ARG A 96 -6.95 3.63 -7.20
N THR A 97 -5.93 4.52 -7.26
CA THR A 97 -6.09 5.96 -7.06
C THR A 97 -5.16 6.75 -8.00
N GLU A 98 -5.62 7.93 -8.41
CA GLU A 98 -4.81 8.94 -9.09
C GLU A 98 -5.38 10.32 -8.75
N VAL A 99 -4.87 10.90 -7.66
CA VAL A 99 -5.19 12.27 -7.26
C VAL A 99 -4.16 13.25 -7.88
N GLY A 100 -4.44 14.56 -7.79
CA GLY A 100 -3.54 15.56 -8.35
C GLY A 100 -4.25 16.89 -8.58
N SER A 101 -3.79 17.95 -7.88
CA SER A 101 -4.29 19.32 -8.04
C SER A 101 -3.12 20.30 -7.90
N SER A 102 -2.41 20.56 -9.02
CA SER A 102 -1.30 21.53 -9.06
C SER A 102 -1.86 22.96 -9.09
N TRP A 103 -2.39 23.37 -7.92
CA TRP A 103 -3.12 24.64 -7.74
C TRP A 103 -2.11 25.72 -7.30
N SER A 104 -1.23 26.09 -8.24
CA SER A 104 -0.19 27.10 -8.00
C SER A 104 -0.67 28.45 -8.55
N LEU A 105 -0.84 29.43 -7.65
CA LEU A 105 -1.35 30.76 -7.99
C LEU A 105 -0.19 31.76 -8.07
N GLU A 106 -0.48 32.99 -8.48
CA GLU A 106 0.51 34.07 -8.55
C GLU A 106 0.60 34.77 -7.17
N HIS A 107 1.18 34.03 -6.20
CA HIS A 107 1.33 34.49 -4.79
C HIS A 107 2.65 35.27 -4.62
N HIS A 108 2.79 36.31 -5.44
CA HIS A 108 3.98 37.17 -5.48
C HIS A 108 3.51 38.61 -5.70
N HIS A 109 3.98 39.54 -4.86
CA HIS A 109 3.64 40.95 -4.97
C HIS A 109 4.38 41.57 -6.18
N HIS A 110 3.66 41.67 -7.30
CA HIS A 110 4.13 42.38 -8.51
C HIS A 110 4.04 43.91 -8.25
N HIS A 111 4.96 44.66 -8.87
CA HIS A 111 5.07 46.12 -8.72
C HIS A 111 5.44 46.49 -7.27
N HIS A 112 6.75 46.52 -7.00
CA HIS A 112 7.33 46.93 -5.70
C HIS A 112 8.62 47.75 -5.98
N MET A 1 -9.00 14.87 5.27
CA MET A 1 -7.73 14.31 4.73
C MET A 1 -8.04 13.28 3.63
N LEU A 2 -7.02 12.87 2.86
CA LEU A 2 -7.17 11.94 1.71
C LEU A 2 -6.83 10.49 2.13
N THR A 3 -7.31 9.51 1.35
CA THR A 3 -7.02 8.10 1.57
C THR A 3 -6.71 7.41 0.22
N VAL A 4 -5.57 6.70 0.18
CA VAL A 4 -5.00 6.07 -1.04
C VAL A 4 -5.06 4.53 -0.93
N GLU A 5 -5.85 3.88 -1.82
CA GLU A 5 -5.88 2.40 -1.93
C GLU A 5 -4.99 1.91 -3.07
N VAL A 6 -4.28 0.80 -2.82
CA VAL A 6 -3.55 0.02 -3.83
C VAL A 6 -3.79 -1.48 -3.57
N GLU A 7 -4.02 -2.25 -4.65
CA GLU A 7 -4.18 -3.70 -4.57
C GLU A 7 -2.86 -4.37 -4.97
N VAL A 8 -2.13 -4.86 -3.98
CA VAL A 8 -0.90 -5.63 -4.17
C VAL A 8 -1.24 -7.12 -4.10
N LYS A 9 -1.24 -7.79 -5.25
CA LYS A 9 -1.51 -9.23 -5.34
C LYS A 9 -0.20 -9.99 -5.15
N ILE A 10 -0.17 -10.81 -4.09
CA ILE A 10 1.02 -11.51 -3.61
C ILE A 10 0.92 -12.99 -4.00
N THR A 11 1.89 -13.46 -4.79
CA THR A 11 1.99 -14.86 -5.22
C THR A 11 3.24 -15.49 -4.56
N ALA A 12 3.01 -16.56 -3.79
CA ALA A 12 4.04 -17.28 -3.06
C ALA A 12 3.76 -18.79 -3.14
N ASP A 13 4.70 -19.62 -2.66
CA ASP A 13 4.53 -21.09 -2.62
C ASP A 13 3.45 -21.50 -1.60
N ASP A 14 3.34 -20.72 -0.52
CA ASP A 14 2.31 -20.92 0.52
C ASP A 14 1.67 -19.57 0.80
N GLU A 15 0.36 -19.44 0.49
CA GLU A 15 -0.36 -18.15 0.58
C GLU A 15 -0.81 -17.83 2.03
N ASN A 16 -0.96 -18.84 2.91
CA ASN A 16 -1.37 -18.59 4.32
C ASN A 16 -0.13 -18.23 5.15
N LYS A 17 1.02 -18.77 4.72
CA LYS A 17 2.33 -18.37 5.24
C LYS A 17 2.62 -16.94 4.78
N ALA A 18 2.35 -16.67 3.48
CA ALA A 18 2.52 -15.33 2.88
C ALA A 18 1.67 -14.29 3.60
N GLU A 19 0.44 -14.69 3.95
CA GLU A 19 -0.51 -13.84 4.67
C GLU A 19 0.04 -13.49 6.06
N GLU A 20 0.50 -14.52 6.82
CA GLU A 20 1.03 -14.36 8.18
C GLU A 20 2.22 -13.40 8.20
N ILE A 21 3.20 -13.62 7.30
CA ILE A 21 4.45 -12.86 7.25
C ILE A 21 4.15 -11.40 6.91
N VAL A 22 3.39 -11.15 5.82
CA VAL A 22 3.09 -9.79 5.32
C VAL A 22 2.26 -8.99 6.34
N LYS A 23 1.27 -9.63 6.98
CA LYS A 23 0.49 -9.02 8.09
C LYS A 23 1.44 -8.55 9.21
N ARG A 24 2.37 -9.44 9.56
CA ARG A 24 3.33 -9.26 10.66
C ARG A 24 4.38 -8.20 10.30
N VAL A 25 4.73 -8.10 9.00
CA VAL A 25 5.69 -7.10 8.50
C VAL A 25 5.07 -5.72 8.63
N ILE A 26 3.85 -5.55 8.06
CA ILE A 26 3.14 -4.25 8.02
C ILE A 26 2.67 -3.87 9.44
N ASP A 27 2.54 -4.88 10.33
CA ASP A 27 2.27 -4.69 11.76
C ASP A 27 3.46 -4.02 12.46
N GLU A 28 4.67 -4.46 12.11
CA GLU A 28 5.92 -3.86 12.57
C GLU A 28 6.20 -2.50 11.90
N VAL A 29 5.81 -2.38 10.61
CA VAL A 29 5.96 -1.13 9.82
C VAL A 29 4.98 -0.06 10.30
N GLU A 30 3.80 -0.53 10.78
CA GLU A 30 2.68 0.33 11.22
C GLU A 30 3.15 1.32 12.29
N ARG A 31 3.80 0.75 13.33
CA ARG A 31 4.27 1.50 14.50
C ARG A 31 5.48 2.39 14.13
N GLU A 32 6.21 2.01 13.06
CA GLU A 32 7.35 2.79 12.53
C GLU A 32 6.84 4.02 11.74
N VAL A 33 5.73 3.84 11.02
CA VAL A 33 5.10 4.92 10.24
C VAL A 33 4.41 5.93 11.18
N GLN A 34 3.98 5.48 12.36
CA GLN A 34 3.33 6.35 13.36
C GLN A 34 4.33 7.31 14.04
N LYS A 35 5.65 7.01 13.97
CA LYS A 35 6.69 7.92 14.51
C LYS A 35 7.26 8.84 13.41
N GLN A 36 7.17 8.41 12.13
CA GLN A 36 7.73 9.17 10.99
C GLN A 36 6.66 10.11 10.40
N TYR A 37 5.49 9.53 10.07
CA TYR A 37 4.33 10.24 9.52
C TYR A 37 3.19 10.27 10.58
N PRO A 38 3.07 11.38 11.40
CA PRO A 38 2.07 11.46 12.50
C PRO A 38 0.61 11.40 12.01
N ASN A 39 0.32 12.02 10.85
CA ASN A 39 -1.04 12.08 10.28
C ASN A 39 -1.47 10.76 9.62
N ALA A 40 -0.48 9.92 9.25
CA ALA A 40 -0.72 8.69 8.48
C ALA A 40 -1.41 7.62 9.34
N THR A 41 -2.40 6.95 8.74
CA THR A 41 -3.14 5.84 9.33
C THR A 41 -3.24 4.73 8.26
N ILE A 42 -2.60 3.58 8.52
CA ILE A 42 -2.56 2.46 7.56
C ILE A 42 -3.74 1.50 7.84
N THR A 43 -4.31 0.96 6.77
CA THR A 43 -5.33 -0.08 6.82
C THR A 43 -4.89 -1.22 5.88
N ARG A 44 -4.48 -2.36 6.46
CA ARG A 44 -4.06 -3.54 5.68
C ARG A 44 -5.21 -4.57 5.66
N THR A 45 -5.56 -5.06 4.48
CA THR A 45 -6.61 -6.06 4.29
C THR A 45 -6.09 -7.16 3.36
N LEU A 46 -5.81 -8.35 3.94
CA LEU A 46 -5.31 -9.52 3.20
C LEU A 46 -6.44 -10.54 3.02
N THR A 47 -6.79 -10.83 1.76
CA THR A 47 -7.85 -11.78 1.41
C THR A 47 -7.25 -12.87 0.50
N ARG A 48 -7.14 -14.10 1.00
CA ARG A 48 -6.57 -15.22 0.23
C ARG A 48 -7.67 -15.79 -0.66
N ASP A 49 -7.62 -15.36 -1.92
CA ASP A 49 -8.66 -15.59 -2.92
C ASP A 49 -8.06 -16.39 -4.09
N ASP A 50 -8.49 -17.67 -4.21
CA ASP A 50 -8.05 -18.59 -5.28
C ASP A 50 -6.52 -18.77 -5.30
N GLY A 51 -5.95 -18.92 -4.09
CA GLY A 51 -4.52 -19.21 -3.90
C GLY A 51 -3.61 -17.99 -3.89
N THR A 52 -4.16 -16.80 -4.20
CA THR A 52 -3.38 -15.54 -4.26
C THR A 52 -3.84 -14.58 -3.15
N VAL A 53 -2.88 -13.95 -2.44
CA VAL A 53 -3.18 -13.03 -1.33
C VAL A 53 -3.45 -11.61 -1.88
N GLU A 54 -4.68 -11.14 -1.73
CA GLU A 54 -5.05 -9.75 -2.05
C GLU A 54 -4.68 -8.87 -0.86
N LEU A 55 -3.55 -8.18 -0.96
CA LEU A 55 -3.15 -7.18 0.03
C LEU A 55 -3.57 -5.79 -0.46
N ARG A 56 -4.59 -5.21 0.15
CA ARG A 56 -4.97 -3.82 -0.13
C ARG A 56 -4.41 -2.93 0.98
N ILE A 57 -3.43 -2.08 0.60
CA ILE A 57 -2.82 -1.11 1.50
C ILE A 57 -3.55 0.22 1.28
N LYS A 58 -4.31 0.62 2.30
CA LYS A 58 -5.13 1.81 2.27
C LYS A 58 -4.55 2.80 3.30
N VAL A 59 -3.81 3.80 2.81
CA VAL A 59 -3.07 4.76 3.65
C VAL A 59 -3.80 6.11 3.66
N LYS A 60 -4.39 6.44 4.81
CA LYS A 60 -5.04 7.72 5.04
C LYS A 60 -3.98 8.72 5.50
N ALA A 61 -3.66 9.70 4.67
CA ALA A 61 -2.59 10.67 4.93
C ALA A 61 -3.08 12.10 4.67
N ASP A 62 -2.25 13.08 5.04
CA ASP A 62 -2.49 14.50 4.77
C ASP A 62 -2.19 14.79 3.29
N THR A 63 -1.22 14.04 2.74
CA THR A 63 -0.69 14.24 1.39
C THR A 63 -0.50 12.85 0.72
N GLU A 64 -0.92 12.71 -0.57
CA GLU A 64 -0.97 11.37 -1.23
C GLU A 64 0.40 10.89 -1.72
N GLU A 65 1.34 11.83 -1.90
CA GLU A 65 2.73 11.49 -2.27
C GLU A 65 3.46 10.87 -1.07
N LYS A 66 3.12 11.38 0.14
CA LYS A 66 3.63 10.86 1.41
C LYS A 66 2.96 9.50 1.73
N ALA A 67 1.68 9.36 1.32
CA ALA A 67 0.93 8.09 1.44
C ALA A 67 1.58 7.00 0.57
N LYS A 68 1.97 7.38 -0.67
CA LYS A 68 2.66 6.50 -1.63
C LYS A 68 4.04 6.08 -1.12
N SER A 69 4.76 7.04 -0.45
CA SER A 69 6.07 6.77 0.16
C SER A 69 5.97 5.63 1.19
N ILE A 70 4.87 5.64 1.97
CA ILE A 70 4.57 4.61 2.98
C ILE A 70 4.34 3.26 2.29
N ILE A 71 3.48 3.26 1.24
CA ILE A 71 3.20 2.05 0.43
C ILE A 71 4.50 1.44 -0.12
N LYS A 72 5.36 2.32 -0.67
CA LYS A 72 6.62 1.94 -1.32
C LYS A 72 7.56 1.21 -0.34
N LEU A 73 7.76 1.81 0.86
CA LEU A 73 8.66 1.24 1.87
C LEU A 73 8.06 -0.03 2.48
N ILE A 74 6.70 -0.13 2.50
CA ILE A 74 5.98 -1.35 2.91
C ILE A 74 6.31 -2.49 1.94
N GLU A 75 6.31 -2.19 0.62
CA GLU A 75 6.61 -3.19 -0.43
C GLU A 75 8.06 -3.68 -0.34
N GLU A 76 8.97 -2.75 0.00
CA GLU A 76 10.39 -3.06 0.24
C GLU A 76 10.54 -4.02 1.42
N ARG A 77 9.74 -3.77 2.47
CA ARG A 77 9.76 -4.54 3.72
C ARG A 77 9.14 -5.94 3.55
N ILE A 78 7.93 -6.00 2.93
CA ILE A 78 7.14 -7.24 2.84
C ILE A 78 7.85 -8.24 1.95
N GLU A 79 8.37 -7.78 0.78
CA GLU A 79 9.10 -8.66 -0.15
C GLU A 79 10.39 -9.17 0.51
N GLU A 80 11.05 -8.29 1.30
CA GLU A 80 12.32 -8.61 1.95
C GLU A 80 12.17 -9.82 2.89
N GLU A 81 11.30 -9.70 3.89
CA GLU A 81 11.12 -10.73 4.92
C GLU A 81 10.44 -11.99 4.35
N LEU A 82 9.46 -11.77 3.46
CA LEU A 82 8.65 -12.85 2.86
C LEU A 82 9.50 -13.73 1.93
N ARG A 83 10.38 -13.11 1.12
CA ARG A 83 11.14 -13.81 0.05
C ARG A 83 12.31 -14.62 0.63
N LYS A 84 12.71 -14.29 1.88
CA LYS A 84 13.73 -15.06 2.62
C LYS A 84 13.12 -16.39 3.11
N ARG A 85 11.86 -16.30 3.57
CA ARG A 85 11.13 -17.42 4.19
C ARG A 85 10.37 -18.24 3.12
N ASP A 86 10.08 -17.59 1.98
CA ASP A 86 9.35 -18.19 0.84
C ASP A 86 10.02 -17.65 -0.45
N PRO A 87 10.84 -18.49 -1.17
CA PRO A 87 11.60 -18.04 -2.37
C PRO A 87 10.70 -17.58 -3.54
N ASN A 88 9.46 -18.10 -3.58
CA ASN A 88 8.51 -17.88 -4.70
C ASN A 88 7.77 -16.54 -4.56
N ALA A 89 7.99 -15.87 -3.42
CA ALA A 89 7.35 -14.60 -3.08
C ALA A 89 7.65 -13.48 -4.11
N THR A 90 6.65 -13.18 -4.93
CA THR A 90 6.64 -12.06 -5.86
C THR A 90 5.32 -11.31 -5.66
N ILE A 91 5.40 -10.01 -5.37
CA ILE A 91 4.21 -9.15 -5.15
C ILE A 91 4.07 -8.21 -6.36
N THR A 92 2.82 -7.91 -6.75
CA THR A 92 2.53 -7.05 -7.90
C THR A 92 1.45 -6.04 -7.51
N ARG A 93 1.79 -4.74 -7.55
CA ARG A 93 0.88 -3.68 -7.14
C ARG A 93 0.14 -3.07 -8.34
N THR A 94 -1.17 -2.86 -8.15
CA THR A 94 -2.06 -2.20 -9.10
C THR A 94 -2.85 -1.13 -8.32
N VAL A 95 -2.65 0.15 -8.69
CA VAL A 95 -3.19 1.29 -7.93
C VAL A 95 -4.73 1.39 -8.13
N ARG A 96 -5.46 1.60 -7.02
CA ARG A 96 -6.96 1.63 -7.03
C ARG A 96 -7.49 3.07 -6.97
N THR A 97 -6.57 4.04 -7.04
CA THR A 97 -6.89 5.48 -7.10
C THR A 97 -5.92 6.16 -8.10
N GLU A 98 -6.48 6.55 -9.25
CA GLU A 98 -5.72 7.07 -10.40
C GLU A 98 -6.71 7.71 -11.39
N VAL A 99 -6.29 8.82 -12.02
CA VAL A 99 -7.04 9.46 -13.11
C VAL A 99 -6.60 8.82 -14.45
N GLY A 100 -7.09 7.60 -14.72
CA GLY A 100 -6.75 6.85 -15.94
C GLY A 100 -7.95 6.72 -16.87
N SER A 101 -8.77 7.78 -16.96
CA SER A 101 -9.97 7.81 -17.79
C SER A 101 -9.99 9.08 -18.65
N SER A 102 -9.76 8.91 -19.96
CA SER A 102 -9.78 10.02 -20.95
C SER A 102 -10.47 9.54 -22.24
N TRP A 103 -10.72 10.48 -23.17
CA TRP A 103 -11.39 10.20 -24.45
C TRP A 103 -10.42 10.39 -25.63
N SER A 104 -10.78 9.81 -26.78
CA SER A 104 -9.97 9.85 -28.00
C SER A 104 -10.89 10.18 -29.19
N LEU A 105 -10.74 11.39 -29.74
CA LEU A 105 -11.64 11.93 -30.77
C LEU A 105 -11.11 11.53 -32.15
N GLU A 106 -11.53 10.34 -32.61
CA GLU A 106 -11.08 9.74 -33.87
C GLU A 106 -11.87 10.35 -35.06
N HIS A 107 -11.21 11.26 -35.80
CA HIS A 107 -11.80 11.97 -36.97
C HIS A 107 -11.21 11.40 -38.27
N HIS A 108 -12.08 11.03 -39.20
CA HIS A 108 -11.71 10.46 -40.51
C HIS A 108 -12.03 11.45 -41.63
N HIS A 109 -11.12 11.54 -42.59
CA HIS A 109 -11.31 12.27 -43.85
C HIS A 109 -10.57 11.50 -44.94
N HIS A 110 -11.15 11.43 -46.15
CA HIS A 110 -10.51 10.74 -47.28
C HIS A 110 -9.38 11.63 -47.85
N HIS A 111 -8.14 11.26 -47.54
CA HIS A 111 -6.92 11.90 -48.05
C HIS A 111 -6.11 10.84 -48.84
N HIS A 112 -6.54 10.63 -50.11
CA HIS A 112 -5.99 9.61 -51.04
C HIS A 112 -6.46 8.18 -50.65
N MET A 1 -8.02 15.81 3.89
CA MET A 1 -6.95 14.82 3.59
C MET A 1 -7.50 13.71 2.69
N LEU A 2 -6.59 13.00 2.01
CA LEU A 2 -6.92 11.99 0.98
C LEU A 2 -6.65 10.57 1.50
N THR A 3 -7.27 9.58 0.84
CA THR A 3 -7.11 8.16 1.15
C THR A 3 -6.64 7.42 -0.11
N VAL A 4 -5.39 6.91 -0.08
CA VAL A 4 -4.75 6.21 -1.21
C VAL A 4 -4.86 4.69 -1.00
N GLU A 5 -5.64 4.02 -1.86
CA GLU A 5 -5.82 2.56 -1.86
C GLU A 5 -4.96 1.94 -2.97
N VAL A 6 -4.15 0.93 -2.61
CA VAL A 6 -3.45 0.05 -3.56
C VAL A 6 -3.80 -1.41 -3.23
N GLU A 7 -3.79 -2.25 -4.27
CA GLU A 7 -4.03 -3.68 -4.15
C GLU A 7 -2.75 -4.41 -4.55
N VAL A 8 -2.04 -4.95 -3.57
CA VAL A 8 -0.83 -5.73 -3.81
C VAL A 8 -1.21 -7.22 -3.85
N LYS A 9 -1.19 -7.78 -5.06
CA LYS A 9 -1.58 -9.17 -5.33
C LYS A 9 -0.36 -10.06 -5.10
N ILE A 10 -0.42 -10.95 -4.10
CA ILE A 10 0.73 -11.74 -3.68
C ILE A 10 0.52 -13.21 -4.11
N THR A 11 1.22 -13.62 -5.17
CA THR A 11 1.22 -15.01 -5.64
C THR A 11 2.42 -15.74 -5.01
N ALA A 12 2.13 -16.55 -3.99
CA ALA A 12 3.14 -17.29 -3.21
C ALA A 12 2.82 -18.77 -3.25
N ASP A 13 3.84 -19.61 -3.03
CA ASP A 13 3.68 -21.09 -3.03
C ASP A 13 2.85 -21.51 -1.82
N ASP A 14 3.14 -20.90 -0.67
CA ASP A 14 2.36 -21.04 0.56
C ASP A 14 1.68 -19.69 0.84
N GLU A 15 0.43 -19.56 0.37
CA GLU A 15 -0.36 -18.33 0.52
C GLU A 15 -0.73 -18.01 1.99
N ASN A 16 -0.92 -19.08 2.80
CA ASN A 16 -1.27 -18.94 4.23
C ASN A 16 -0.05 -18.41 5.02
N LYS A 17 1.14 -18.93 4.64
CA LYS A 17 2.44 -18.50 5.18
C LYS A 17 2.68 -17.03 4.82
N ALA A 18 2.43 -16.71 3.53
CA ALA A 18 2.65 -15.38 2.94
C ALA A 18 1.86 -14.30 3.68
N GLU A 19 0.60 -14.64 3.97
CA GLU A 19 -0.32 -13.79 4.72
C GLU A 19 0.29 -13.38 6.07
N GLU A 20 0.67 -14.39 6.88
CA GLU A 20 1.20 -14.20 8.24
C GLU A 20 2.47 -13.34 8.26
N ILE A 21 3.36 -13.54 7.27
CA ILE A 21 4.61 -12.77 7.14
C ILE A 21 4.28 -11.29 6.92
N VAL A 22 3.44 -11.03 5.90
CA VAL A 22 3.08 -9.68 5.47
C VAL A 22 2.33 -8.90 6.58
N LYS A 23 1.43 -9.60 7.31
CA LYS A 23 0.72 -9.03 8.47
C LYS A 23 1.72 -8.53 9.52
N ARG A 24 2.68 -9.42 9.86
CA ARG A 24 3.74 -9.15 10.85
C ARG A 24 4.56 -7.92 10.43
N VAL A 25 5.01 -7.92 9.17
CA VAL A 25 5.95 -6.93 8.65
C VAL A 25 5.32 -5.53 8.61
N ILE A 26 4.09 -5.42 8.04
CA ILE A 26 3.39 -4.14 7.94
C ILE A 26 3.14 -3.58 9.34
N ASP A 27 2.85 -4.47 10.32
CA ASP A 27 2.64 -4.08 11.74
C ASP A 27 3.95 -3.53 12.37
N GLU A 28 5.09 -4.14 12.03
CA GLU A 28 6.42 -3.71 12.52
C GLU A 28 6.80 -2.33 11.94
N VAL A 29 6.45 -2.12 10.68
CA VAL A 29 6.71 -0.86 9.97
C VAL A 29 5.72 0.22 10.44
N GLU A 30 4.47 -0.20 10.71
CA GLU A 30 3.32 0.69 11.03
C GLU A 30 3.57 1.50 12.31
N ARG A 31 4.11 0.83 13.35
CA ARG A 31 4.42 1.49 14.63
C ARG A 31 5.45 2.62 14.43
N GLU A 32 6.35 2.43 13.45
CA GLU A 32 7.42 3.38 13.12
C GLU A 32 6.93 4.44 12.12
N VAL A 33 5.87 4.13 11.34
CA VAL A 33 5.22 5.11 10.43
C VAL A 33 4.34 6.08 11.25
N GLN A 34 3.76 5.58 12.36
CA GLN A 34 2.90 6.39 13.25
C GLN A 34 3.70 7.46 14.01
N LYS A 35 5.00 7.22 14.26
CA LYS A 35 5.88 8.19 14.95
C LYS A 35 6.52 9.18 13.95
N GLN A 36 6.54 8.82 12.65
CA GLN A 36 7.03 9.71 11.57
C GLN A 36 5.89 10.63 11.11
N TYR A 37 4.76 10.00 10.76
CA TYR A 37 3.52 10.68 10.33
C TYR A 37 2.36 10.24 11.26
N PRO A 38 2.11 10.98 12.40
CA PRO A 38 0.94 10.71 13.29
C PRO A 38 -0.42 10.97 12.61
N ASN A 39 -0.39 11.73 11.49
CA ASN A 39 -1.58 12.07 10.71
C ASN A 39 -1.94 10.98 9.68
N ALA A 40 -1.00 10.06 9.38
CA ALA A 40 -1.21 8.99 8.39
C ALA A 40 -1.77 7.73 9.07
N THR A 41 -2.76 7.09 8.42
CA THR A 41 -3.39 5.85 8.89
C THR A 41 -3.21 4.74 7.84
N ILE A 42 -2.55 3.65 8.24
CA ILE A 42 -2.38 2.46 7.38
C ILE A 42 -3.50 1.45 7.68
N THR A 43 -4.08 0.88 6.62
CA THR A 43 -5.05 -0.22 6.71
C THR A 43 -4.52 -1.39 5.88
N ARG A 44 -4.59 -2.61 6.43
CA ARG A 44 -4.19 -3.85 5.71
C ARG A 44 -5.32 -4.89 5.82
N THR A 45 -5.79 -5.37 4.65
CA THR A 45 -6.80 -6.43 4.58
C THR A 45 -6.32 -7.49 3.59
N LEU A 46 -5.95 -8.67 4.12
CA LEU A 46 -5.42 -9.79 3.32
C LEU A 46 -6.52 -10.83 3.12
N THR A 47 -6.91 -11.06 1.85
CA THR A 47 -7.93 -12.06 1.47
C THR A 47 -7.28 -13.08 0.52
N ARG A 48 -7.10 -14.31 0.99
CA ARG A 48 -6.47 -15.40 0.24
C ARG A 48 -7.52 -16.06 -0.66
N ASP A 49 -7.24 -16.08 -1.97
CA ASP A 49 -8.18 -16.55 -3.00
C ASP A 49 -7.39 -17.11 -4.19
N ASP A 50 -7.54 -18.45 -4.41
CA ASP A 50 -6.88 -19.22 -5.49
C ASP A 50 -5.35 -19.14 -5.41
N GLY A 51 -4.82 -19.04 -4.18
CA GLY A 51 -3.38 -18.93 -3.95
C GLY A 51 -2.86 -17.49 -3.96
N THR A 52 -3.68 -16.55 -4.44
CA THR A 52 -3.33 -15.13 -4.51
C THR A 52 -3.85 -14.41 -3.25
N VAL A 53 -2.93 -13.92 -2.42
CA VAL A 53 -3.24 -13.14 -1.23
C VAL A 53 -3.43 -11.69 -1.66
N GLU A 54 -4.68 -11.22 -1.69
CA GLU A 54 -4.99 -9.84 -2.05
C GLU A 54 -4.76 -8.96 -0.82
N LEU A 55 -3.65 -8.25 -0.84
CA LEU A 55 -3.28 -7.32 0.22
C LEU A 55 -3.80 -5.93 -0.13
N ARG A 56 -4.67 -5.39 0.71
CA ARG A 56 -5.23 -4.05 0.56
C ARG A 56 -4.47 -3.10 1.49
N ILE A 57 -3.53 -2.31 0.92
CA ILE A 57 -2.80 -1.28 1.67
C ILE A 57 -3.48 0.06 1.38
N LYS A 58 -4.12 0.62 2.39
CA LYS A 58 -4.85 1.87 2.27
C LYS A 58 -4.24 2.89 3.24
N VAL A 59 -3.45 3.82 2.70
CA VAL A 59 -2.78 4.86 3.48
C VAL A 59 -3.55 6.16 3.32
N LYS A 60 -4.28 6.56 4.37
CA LYS A 60 -4.94 7.84 4.43
C LYS A 60 -3.92 8.87 4.95
N ALA A 61 -3.49 9.77 4.06
CA ALA A 61 -2.41 10.72 4.34
C ALA A 61 -2.86 12.16 4.07
N ASP A 62 -2.09 13.11 4.60
CA ASP A 62 -2.29 14.55 4.35
C ASP A 62 -2.18 14.82 2.83
N THR A 63 -1.11 14.28 2.23
CA THR A 63 -0.83 14.38 0.80
C THR A 63 -0.39 13.00 0.26
N GLU A 64 -0.77 12.70 -0.99
CA GLU A 64 -0.51 11.42 -1.64
C GLU A 64 1.00 11.16 -1.84
N GLU A 65 1.79 12.24 -1.91
CA GLU A 65 3.27 12.18 -1.94
C GLU A 65 3.80 11.28 -0.81
N LYS A 66 3.37 11.60 0.43
CA LYS A 66 3.77 10.88 1.64
C LYS A 66 3.14 9.47 1.68
N ALA A 67 1.91 9.35 1.17
CA ALA A 67 1.19 8.06 1.09
C ALA A 67 1.95 7.05 0.21
N LYS A 68 2.42 7.51 -0.97
CA LYS A 68 3.19 6.70 -1.94
C LYS A 68 4.50 6.23 -1.31
N SER A 69 5.19 7.16 -0.61
CA SER A 69 6.43 6.88 0.13
C SER A 69 6.22 5.76 1.16
N ILE A 70 5.09 5.83 1.91
CA ILE A 70 4.73 4.83 2.94
C ILE A 70 4.45 3.45 2.29
N ILE A 71 3.67 3.43 1.20
CA ILE A 71 3.35 2.20 0.44
C ILE A 71 4.64 1.52 -0.04
N LYS A 72 5.57 2.34 -0.59
CA LYS A 72 6.83 1.85 -1.14
C LYS A 72 7.70 1.22 -0.05
N LEU A 73 7.85 1.90 1.11
CA LEU A 73 8.72 1.42 2.21
C LEU A 73 8.11 0.18 2.91
N ILE A 74 6.77 0.01 2.80
CA ILE A 74 6.09 -1.23 3.20
C ILE A 74 6.48 -2.37 2.22
N GLU A 75 6.45 -2.07 0.90
CA GLU A 75 6.75 -3.05 -0.16
C GLU A 75 8.23 -3.49 -0.13
N GLU A 76 9.14 -2.58 0.29
CA GLU A 76 10.57 -2.89 0.50
C GLU A 76 10.71 -4.04 1.52
N ARG A 77 9.96 -3.91 2.62
CA ARG A 77 10.08 -4.76 3.80
C ARG A 77 9.33 -6.10 3.63
N ILE A 78 8.08 -6.05 3.12
CA ILE A 78 7.24 -7.26 2.97
C ILE A 78 7.88 -8.21 1.98
N GLU A 79 8.42 -7.68 0.85
CA GLU A 79 9.12 -8.47 -0.19
C GLU A 79 10.32 -9.22 0.41
N GLU A 80 11.12 -8.51 1.21
CA GLU A 80 12.39 -9.00 1.76
C GLU A 80 12.18 -10.16 2.74
N GLU A 81 11.24 -10.01 3.68
CA GLU A 81 10.96 -11.03 4.72
C GLU A 81 10.18 -12.22 4.14
N LEU A 82 9.32 -11.93 3.15
CA LEU A 82 8.46 -12.92 2.49
C LEU A 82 9.29 -13.88 1.64
N ARG A 83 10.22 -13.31 0.85
CA ARG A 83 11.07 -14.09 -0.08
C ARG A 83 12.19 -14.88 0.65
N LYS A 84 12.43 -14.57 1.95
CA LYS A 84 13.31 -15.40 2.81
C LYS A 84 12.68 -16.80 3.01
N ARG A 85 11.36 -16.79 3.23
CA ARG A 85 10.60 -17.98 3.66
C ARG A 85 9.84 -18.61 2.47
N ASP A 86 9.60 -17.80 1.43
CA ASP A 86 8.87 -18.23 0.21
C ASP A 86 9.55 -17.58 -1.02
N PRO A 87 10.57 -18.28 -1.64
CA PRO A 87 11.34 -17.75 -2.80
C PRO A 87 10.50 -17.53 -4.08
N ASN A 88 9.28 -18.09 -4.13
CA ASN A 88 8.39 -18.00 -5.32
C ASN A 88 7.37 -16.86 -5.20
N ALA A 89 7.31 -16.23 -4.01
CA ALA A 89 6.38 -15.14 -3.72
C ALA A 89 6.66 -13.90 -4.58
N THR A 90 5.60 -13.44 -5.27
CA THR A 90 5.64 -12.27 -6.15
C THR A 90 4.54 -11.29 -5.71
N ILE A 91 4.90 -10.02 -5.53
CA ILE A 91 3.97 -8.96 -5.11
C ILE A 91 3.73 -8.00 -6.29
N THR A 92 2.45 -7.77 -6.64
CA THR A 92 2.07 -6.96 -7.81
C THR A 92 1.17 -5.80 -7.36
N ARG A 93 1.71 -4.58 -7.36
CA ARG A 93 0.95 -3.39 -6.93
C ARG A 93 0.09 -2.88 -8.09
N THR A 94 -1.22 -2.99 -7.92
CA THR A 94 -2.23 -2.43 -8.80
C THR A 94 -2.98 -1.36 -8.00
N VAL A 95 -2.69 -0.08 -8.31
CA VAL A 95 -3.21 1.06 -7.55
C VAL A 95 -4.70 1.25 -7.86
N ARG A 96 -5.50 1.41 -6.80
CA ARG A 96 -6.97 1.55 -6.89
C ARG A 96 -7.39 3.02 -6.75
N THR A 97 -6.48 3.92 -7.18
CA THR A 97 -6.73 5.35 -7.35
C THR A 97 -5.77 5.92 -8.41
N GLU A 98 -6.05 7.11 -8.96
CA GLU A 98 -5.24 7.71 -10.04
C GLU A 98 -5.38 9.25 -10.08
N VAL A 99 -4.34 9.93 -10.58
CA VAL A 99 -4.39 11.39 -10.86
C VAL A 99 -4.90 11.58 -12.31
N GLY A 100 -6.21 11.82 -12.42
CA GLY A 100 -6.87 11.92 -13.73
C GLY A 100 -8.24 11.27 -13.70
N SER A 101 -9.24 12.04 -13.28
CA SER A 101 -10.66 11.65 -13.31
C SER A 101 -11.43 12.70 -14.11
N SER A 102 -10.77 13.22 -15.16
CA SER A 102 -11.27 14.28 -16.03
C SER A 102 -12.57 13.87 -16.73
N TRP A 103 -13.54 14.80 -16.78
CA TRP A 103 -14.83 14.61 -17.45
C TRP A 103 -14.99 15.73 -18.49
N SER A 104 -14.79 15.38 -19.77
CA SER A 104 -14.96 16.29 -20.90
C SER A 104 -16.37 16.15 -21.45
N LEU A 105 -17.23 17.12 -21.12
CA LEU A 105 -18.63 17.13 -21.57
C LEU A 105 -18.71 17.69 -23.02
N GLU A 106 -17.65 18.38 -23.46
CA GLU A 106 -17.53 18.92 -24.82
C GLU A 106 -17.52 17.78 -25.86
N HIS A 107 -18.55 17.80 -26.72
CA HIS A 107 -18.71 16.87 -27.85
C HIS A 107 -19.36 17.66 -29.00
N HIS A 108 -20.63 18.06 -28.80
CA HIS A 108 -21.38 18.91 -29.75
C HIS A 108 -22.37 19.78 -28.97
N HIS A 109 -22.08 21.08 -28.89
CA HIS A 109 -23.03 22.11 -28.43
C HIS A 109 -23.10 23.19 -29.51
N HIS A 110 -24.32 23.60 -29.89
CA HIS A 110 -24.54 24.55 -30.99
C HIS A 110 -25.95 25.17 -30.86
N HIS A 111 -25.98 26.44 -30.43
CA HIS A 111 -27.21 27.25 -30.36
C HIS A 111 -27.73 27.54 -31.77
N HIS A 112 -29.04 27.35 -31.98
CA HIS A 112 -29.70 27.66 -33.27
C HIS A 112 -29.95 29.19 -33.34
N MET A 1 -7.12 16.04 4.25
CA MET A 1 -6.24 14.89 3.93
C MET A 1 -7.00 13.88 3.05
N LEU A 2 -6.26 13.03 2.33
CA LEU A 2 -6.83 12.08 1.34
C LEU A 2 -6.49 10.63 1.70
N THR A 3 -7.28 9.68 1.17
CA THR A 3 -7.15 8.25 1.49
C THR A 3 -6.73 7.49 0.22
N VAL A 4 -5.46 7.06 0.19
CA VAL A 4 -4.82 6.37 -0.94
C VAL A 4 -4.79 4.86 -0.66
N GLU A 5 -5.47 4.09 -1.49
CA GLU A 5 -5.52 2.62 -1.40
C GLU A 5 -4.69 2.00 -2.53
N VAL A 6 -4.24 0.75 -2.31
CA VAL A 6 -3.63 -0.10 -3.35
C VAL A 6 -4.22 -1.52 -3.24
N GLU A 7 -4.02 -2.30 -4.30
CA GLU A 7 -4.43 -3.70 -4.41
C GLU A 7 -3.20 -4.47 -4.91
N VAL A 8 -2.60 -5.24 -3.99
CA VAL A 8 -1.30 -5.86 -4.19
C VAL A 8 -1.48 -7.39 -4.24
N LYS A 9 -1.29 -7.99 -5.43
CA LYS A 9 -1.42 -9.45 -5.60
C LYS A 9 -0.09 -10.11 -5.24
N ILE A 10 -0.06 -10.74 -4.07
CA ILE A 10 1.14 -11.32 -3.48
C ILE A 10 1.20 -12.81 -3.84
N THR A 11 2.09 -13.16 -4.78
CA THR A 11 2.28 -14.53 -5.26
C THR A 11 3.52 -15.15 -4.57
N ALA A 12 3.28 -16.17 -3.75
CA ALA A 12 4.33 -16.91 -3.02
C ALA A 12 4.08 -18.43 -3.18
N ASP A 13 4.97 -19.26 -2.61
CA ASP A 13 4.82 -20.72 -2.68
C ASP A 13 3.62 -21.17 -1.83
N ASP A 14 3.48 -20.55 -0.65
CA ASP A 14 2.35 -20.80 0.25
C ASP A 14 1.69 -19.47 0.62
N GLU A 15 0.49 -19.26 0.08
CA GLU A 15 -0.30 -18.03 0.26
C GLU A 15 -0.82 -17.88 1.70
N ASN A 16 -1.09 -19.01 2.38
CA ASN A 16 -1.55 -19.02 3.79
C ASN A 16 -0.44 -18.45 4.70
N LYS A 17 0.79 -18.91 4.42
CA LYS A 17 2.02 -18.44 5.06
C LYS A 17 2.28 -16.97 4.72
N ALA A 18 2.12 -16.66 3.41
CA ALA A 18 2.43 -15.36 2.83
C ALA A 18 1.67 -14.22 3.51
N GLU A 19 0.38 -14.47 3.76
CA GLU A 19 -0.50 -13.52 4.44
C GLU A 19 0.03 -13.22 5.86
N GLU A 20 0.41 -14.27 6.60
CA GLU A 20 0.82 -14.15 8.01
C GLU A 20 2.13 -13.35 8.16
N ILE A 21 3.10 -13.63 7.25
CA ILE A 21 4.39 -12.94 7.19
C ILE A 21 4.16 -11.43 6.95
N VAL A 22 3.39 -11.14 5.88
CA VAL A 22 3.08 -9.76 5.46
C VAL A 22 2.36 -8.97 6.58
N LYS A 23 1.36 -9.60 7.24
CA LYS A 23 0.58 -8.99 8.36
C LYS A 23 1.51 -8.52 9.51
N ARG A 24 2.40 -9.43 9.95
CA ARG A 24 3.34 -9.21 11.06
C ARG A 24 4.26 -8.02 10.73
N VAL A 25 4.78 -8.02 9.49
CA VAL A 25 5.70 -6.99 9.01
C VAL A 25 4.99 -5.63 8.91
N ILE A 26 3.72 -5.61 8.43
CA ILE A 26 2.93 -4.35 8.34
C ILE A 26 2.64 -3.81 9.75
N ASP A 27 2.41 -4.73 10.71
CA ASP A 27 2.12 -4.39 12.13
C ASP A 27 3.30 -3.64 12.77
N GLU A 28 4.51 -4.10 12.45
CA GLU A 28 5.75 -3.48 12.91
C GLU A 28 6.12 -2.21 12.12
N VAL A 29 5.89 -2.22 10.79
CA VAL A 29 6.18 -1.07 9.93
C VAL A 29 5.16 0.08 10.18
N GLU A 30 3.96 -0.29 10.67
CA GLU A 30 2.86 0.66 10.98
C GLU A 30 3.30 1.65 12.07
N ARG A 31 3.90 1.11 13.13
CA ARG A 31 4.38 1.90 14.28
C ARG A 31 5.69 2.65 13.91
N GLU A 32 6.41 2.13 12.90
CA GLU A 32 7.62 2.78 12.34
C GLU A 32 7.25 3.91 11.34
N VAL A 33 6.01 3.88 10.84
CA VAL A 33 5.46 4.98 10.03
C VAL A 33 4.92 6.09 10.96
N GLN A 34 4.44 5.73 12.16
CA GLN A 34 3.88 6.74 13.11
C GLN A 34 4.92 7.79 13.54
N LYS A 35 6.21 7.39 13.61
CA LYS A 35 7.31 8.28 14.04
C LYS A 35 7.76 9.21 12.89
N GLN A 36 7.32 8.91 11.66
CA GLN A 36 7.70 9.66 10.44
C GLN A 36 6.51 10.53 9.99
N TYR A 37 5.36 9.87 9.84
CA TYR A 37 4.09 10.44 9.46
C TYR A 37 3.06 10.20 10.60
N PRO A 38 2.92 11.15 11.58
CA PRO A 38 1.94 11.01 12.69
C PRO A 38 0.48 11.14 12.22
N ASN A 39 0.29 11.89 11.12
CA ASN A 39 -1.03 12.15 10.51
C ASN A 39 -1.58 10.90 9.79
N ALA A 40 -0.68 9.97 9.41
CA ALA A 40 -1.03 8.83 8.56
C ALA A 40 -1.67 7.67 9.33
N THR A 41 -2.84 7.21 8.84
CA THR A 41 -3.54 6.04 9.35
C THR A 41 -3.41 4.91 8.30
N ILE A 42 -2.72 3.84 8.68
CA ILE A 42 -2.57 2.63 7.85
C ILE A 42 -3.70 1.65 8.19
N THR A 43 -4.23 1.00 7.16
CA THR A 43 -5.16 -0.13 7.29
C THR A 43 -4.66 -1.23 6.34
N ARG A 44 -4.60 -2.48 6.81
CA ARG A 44 -4.25 -3.63 5.94
C ARG A 44 -5.39 -4.65 5.95
N THR A 45 -5.76 -5.12 4.75
CA THR A 45 -6.87 -6.07 4.55
C THR A 45 -6.39 -7.13 3.55
N LEU A 46 -6.14 -8.36 4.02
CA LEU A 46 -5.55 -9.44 3.20
C LEU A 46 -6.52 -10.63 3.09
N THR A 47 -6.53 -11.29 1.92
CA THR A 47 -7.31 -12.53 1.69
C THR A 47 -6.54 -13.48 0.76
N ARG A 48 -6.47 -14.78 1.12
CA ARG A 48 -5.94 -15.82 0.22
C ARG A 48 -7.07 -16.22 -0.75
N ASP A 49 -6.89 -15.88 -2.03
CA ASP A 49 -7.91 -16.11 -3.07
C ASP A 49 -7.20 -16.48 -4.38
N ASP A 50 -7.58 -17.65 -4.94
CA ASP A 50 -7.01 -18.17 -6.21
C ASP A 50 -5.50 -18.46 -6.07
N GLY A 51 -5.08 -18.79 -4.82
CA GLY A 51 -3.67 -19.09 -4.49
C GLY A 51 -2.80 -17.85 -4.31
N THR A 52 -3.42 -16.66 -4.35
CA THR A 52 -2.73 -15.37 -4.27
C THR A 52 -3.34 -14.50 -3.15
N VAL A 53 -2.49 -13.88 -2.31
CA VAL A 53 -2.95 -13.00 -1.23
C VAL A 53 -3.19 -11.59 -1.79
N GLU A 54 -4.45 -11.17 -1.88
CA GLU A 54 -4.77 -9.79 -2.25
C GLU A 54 -4.66 -8.93 -0.98
N LEU A 55 -3.67 -8.05 -0.99
CA LEU A 55 -3.42 -7.10 0.08
C LEU A 55 -4.03 -5.75 -0.30
N ARG A 56 -4.71 -5.14 0.64
CA ARG A 56 -5.25 -3.78 0.52
C ARG A 56 -4.59 -2.91 1.57
N ILE A 57 -3.65 -2.04 1.15
CA ILE A 57 -3.05 -1.03 2.05
C ILE A 57 -3.81 0.28 1.80
N LYS A 58 -4.60 0.69 2.80
CA LYS A 58 -5.35 1.94 2.79
C LYS A 58 -4.66 2.92 3.75
N VAL A 59 -3.94 3.89 3.19
CA VAL A 59 -3.25 4.94 3.97
C VAL A 59 -3.98 6.27 3.80
N LYS A 60 -4.64 6.72 4.87
CA LYS A 60 -5.17 8.07 4.94
C LYS A 60 -4.02 8.97 5.42
N ALA A 61 -3.50 9.79 4.51
CA ALA A 61 -2.35 10.69 4.79
C ALA A 61 -2.63 12.06 4.18
N ASP A 62 -1.74 13.04 4.43
CA ASP A 62 -1.93 14.43 4.01
C ASP A 62 -1.94 14.57 2.48
N THR A 63 -0.91 14.03 1.81
CA THR A 63 -0.76 14.10 0.33
C THR A 63 -0.54 12.70 -0.28
N GLU A 64 -0.78 12.58 -1.60
CA GLU A 64 -0.66 11.31 -2.36
C GLU A 64 0.78 10.80 -2.36
N GLU A 65 1.74 11.73 -2.50
CA GLU A 65 3.18 11.44 -2.49
C GLU A 65 3.59 10.73 -1.18
N LYS A 66 3.15 11.30 -0.06
CA LYS A 66 3.51 10.83 1.28
C LYS A 66 2.79 9.52 1.60
N ALA A 67 1.54 9.38 1.15
CA ALA A 67 0.72 8.18 1.35
C ALA A 67 1.31 6.96 0.60
N LYS A 68 1.71 7.19 -0.66
CA LYS A 68 2.29 6.15 -1.52
C LYS A 68 3.72 5.78 -1.07
N SER A 69 4.44 6.76 -0.48
CA SER A 69 5.77 6.50 0.12
C SER A 69 5.65 5.45 1.23
N ILE A 70 4.64 5.62 2.10
CA ILE A 70 4.30 4.69 3.18
C ILE A 70 4.00 3.29 2.64
N ILE A 71 3.08 3.23 1.66
CA ILE A 71 2.65 1.97 1.02
C ILE A 71 3.86 1.24 0.41
N LYS A 72 4.75 2.00 -0.27
CA LYS A 72 5.89 1.45 -1.00
C LYS A 72 6.90 0.81 -0.03
N LEU A 73 7.25 1.52 1.06
CA LEU A 73 8.23 1.02 2.04
C LEU A 73 7.68 -0.21 2.81
N ILE A 74 6.34 -0.32 2.88
CA ILE A 74 5.65 -1.51 3.39
C ILE A 74 5.85 -2.69 2.40
N GLU A 75 5.54 -2.47 1.11
CA GLU A 75 5.60 -3.49 0.03
C GLU A 75 7.00 -4.07 -0.15
N GLU A 76 8.01 -3.23 0.03
CA GLU A 76 9.42 -3.65 -0.09
C GLU A 76 9.82 -4.52 1.12
N ARG A 77 9.38 -4.13 2.34
CA ARG A 77 9.69 -4.85 3.59
C ARG A 77 8.97 -6.22 3.67
N ILE A 78 7.69 -6.25 3.26
CA ILE A 78 6.85 -7.46 3.37
C ILE A 78 7.34 -8.54 2.42
N GLU A 79 7.73 -8.13 1.18
CA GLU A 79 8.27 -9.04 0.15
C GLU A 79 9.66 -9.53 0.57
N GLU A 80 10.44 -8.64 1.19
CA GLU A 80 11.81 -8.93 1.65
C GLU A 80 11.80 -10.08 2.66
N GLU A 81 10.91 -9.93 3.67
CA GLU A 81 10.72 -10.93 4.73
C GLU A 81 10.05 -12.21 4.22
N LEU A 82 9.08 -12.04 3.32
CA LEU A 82 8.34 -13.16 2.73
C LEU A 82 9.26 -14.05 1.89
N ARG A 83 10.17 -13.40 1.13
CA ARG A 83 11.04 -14.06 0.17
C ARG A 83 12.21 -14.79 0.89
N LYS A 84 12.42 -14.47 2.18
CA LYS A 84 13.38 -15.20 3.05
C LYS A 84 12.95 -16.68 3.18
N ARG A 85 11.63 -16.91 3.17
CA ARG A 85 11.01 -18.22 3.49
C ARG A 85 10.33 -18.83 2.25
N ASP A 86 9.85 -17.98 1.34
CA ASP A 86 9.21 -18.39 0.07
C ASP A 86 10.12 -17.92 -1.11
N PRO A 87 10.75 -18.87 -1.88
CA PRO A 87 11.78 -18.53 -2.91
C PRO A 87 11.30 -17.47 -3.95
N ASN A 88 10.26 -17.80 -4.74
CA ASN A 88 9.68 -16.87 -5.72
C ASN A 88 8.42 -16.26 -5.12
N ALA A 89 8.65 -15.30 -4.22
CA ALA A 89 7.60 -14.53 -3.56
C ALA A 89 7.63 -13.08 -4.06
N THR A 90 6.92 -12.81 -5.16
CA THR A 90 6.85 -11.47 -5.76
C THR A 90 5.47 -10.86 -5.52
N ILE A 91 5.43 -9.57 -5.15
CA ILE A 91 4.15 -8.83 -4.99
C ILE A 91 3.84 -8.05 -6.29
N THR A 92 2.54 -7.90 -6.62
CA THR A 92 2.10 -7.17 -7.82
C THR A 92 1.36 -5.89 -7.40
N ARG A 93 2.03 -4.75 -7.57
CA ARG A 93 1.50 -3.43 -7.17
C ARG A 93 0.49 -2.92 -8.22
N THR A 94 -0.80 -2.88 -7.85
CA THR A 94 -1.86 -2.28 -8.68
C THR A 94 -2.61 -1.22 -7.84
N VAL A 95 -2.33 0.07 -8.14
CA VAL A 95 -2.74 1.22 -7.30
C VAL A 95 -4.26 1.52 -7.48
N ARG A 96 -4.94 1.88 -6.37
CA ARG A 96 -6.42 2.06 -6.34
C ARG A 96 -6.83 3.51 -6.02
N THR A 97 -5.85 4.43 -5.90
CA THR A 97 -6.16 5.87 -5.78
C THR A 97 -6.37 6.49 -7.18
N GLU A 98 -7.53 7.12 -7.38
CA GLU A 98 -7.86 7.89 -8.60
C GLU A 98 -7.11 9.24 -8.58
N VAL A 99 -6.76 9.75 -9.77
CA VAL A 99 -6.01 11.01 -9.92
C VAL A 99 -6.94 12.15 -10.41
N GLY A 100 -7.01 13.23 -9.63
CA GLY A 100 -7.84 14.39 -9.95
C GLY A 100 -8.00 15.33 -8.75
N SER A 101 -7.38 16.51 -8.84
CA SER A 101 -7.40 17.52 -7.76
C SER A 101 -7.50 18.91 -8.38
N SER A 102 -8.67 19.57 -8.24
CA SER A 102 -8.90 20.94 -8.74
C SER A 102 -9.81 21.72 -7.77
N TRP A 103 -9.31 22.87 -7.31
CA TRP A 103 -10.08 23.82 -6.52
C TRP A 103 -9.47 25.22 -6.72
N SER A 104 -10.06 25.98 -7.64
CA SER A 104 -9.75 27.38 -7.84
C SER A 104 -10.58 28.23 -6.87
N LEU A 105 -9.91 28.86 -5.91
CA LEU A 105 -10.56 29.69 -4.90
C LEU A 105 -10.83 31.09 -5.48
N GLU A 106 -11.93 31.20 -6.24
CA GLU A 106 -12.29 32.41 -6.98
C GLU A 106 -13.63 32.98 -6.49
N HIS A 107 -13.57 33.78 -5.42
CA HIS A 107 -14.73 34.54 -4.93
C HIS A 107 -14.53 36.02 -5.33
N HIS A 108 -14.78 36.28 -6.63
CA HIS A 108 -14.62 37.62 -7.24
C HIS A 108 -15.80 38.55 -6.85
N HIS A 109 -15.56 39.85 -7.01
CA HIS A 109 -16.45 40.91 -6.53
C HIS A 109 -16.11 42.25 -7.22
N HIS A 110 -17.14 42.93 -7.77
CA HIS A 110 -16.99 44.22 -8.46
C HIS A 110 -18.05 45.22 -7.97
N HIS A 111 -17.76 45.83 -6.80
CA HIS A 111 -18.66 46.81 -6.15
C HIS A 111 -17.87 47.64 -5.11
N HIS A 112 -18.34 48.85 -4.81
CA HIS A 112 -17.75 49.71 -3.76
C HIS A 112 -18.61 49.67 -2.47
N MET A 1 -6.90 16.25 3.07
CA MET A 1 -6.45 14.86 3.33
C MET A 1 -7.13 13.89 2.36
N LEU A 2 -6.32 13.19 1.55
CA LEU A 2 -6.77 12.12 0.64
C LEU A 2 -6.55 10.74 1.29
N THR A 3 -7.27 9.73 0.82
CA THR A 3 -7.14 8.35 1.31
C THR A 3 -6.60 7.46 0.16
N VAL A 4 -5.38 6.94 0.32
CA VAL A 4 -4.69 6.17 -0.73
C VAL A 4 -4.92 4.67 -0.50
N GLU A 5 -5.79 4.11 -1.35
CA GLU A 5 -6.12 2.70 -1.38
C GLU A 5 -5.35 2.01 -2.52
N VAL A 6 -4.54 1.02 -2.17
CA VAL A 6 -3.83 0.14 -3.14
C VAL A 6 -4.32 -1.30 -2.98
N GLU A 7 -4.11 -2.09 -4.03
CA GLU A 7 -4.39 -3.53 -4.05
C GLU A 7 -3.15 -4.24 -4.59
N VAL A 8 -2.57 -5.10 -3.77
CA VAL A 8 -1.29 -5.73 -4.03
C VAL A 8 -1.49 -7.25 -4.05
N LYS A 9 -1.42 -7.84 -5.25
CA LYS A 9 -1.63 -9.28 -5.46
C LYS A 9 -0.29 -10.00 -5.28
N ILE A 10 -0.14 -10.65 -4.12
CA ILE A 10 1.12 -11.26 -3.67
C ILE A 10 1.10 -12.75 -4.05
N THR A 11 1.98 -13.12 -4.98
CA THR A 11 2.17 -14.50 -5.42
C THR A 11 3.30 -15.12 -4.59
N ALA A 12 2.95 -16.09 -3.76
CA ALA A 12 3.91 -16.83 -2.92
C ALA A 12 3.65 -18.32 -3.08
N ASP A 13 4.63 -19.15 -2.69
CA ASP A 13 4.52 -20.62 -2.80
C ASP A 13 3.45 -21.12 -1.80
N ASP A 14 3.39 -20.46 -0.65
CA ASP A 14 2.35 -20.63 0.38
C ASP A 14 1.67 -19.27 0.61
N GLU A 15 0.40 -19.16 0.18
CA GLU A 15 -0.46 -17.97 0.44
C GLU A 15 -0.69 -17.76 1.95
N ASN A 16 -0.69 -18.87 2.72
CA ASN A 16 -0.80 -18.87 4.19
C ASN A 16 0.41 -18.17 4.81
N LYS A 17 1.62 -18.62 4.40
CA LYS A 17 2.91 -18.08 4.88
C LYS A 17 3.01 -16.59 4.56
N ALA A 18 2.53 -16.23 3.34
CA ALA A 18 2.48 -14.85 2.87
C ALA A 18 1.57 -14.00 3.76
N GLU A 19 0.42 -14.55 4.16
CA GLU A 19 -0.52 -13.86 5.05
C GLU A 19 0.16 -13.50 6.40
N GLU A 20 0.84 -14.50 6.98
CA GLU A 20 1.46 -14.40 8.31
C GLU A 20 2.59 -13.34 8.33
N ILE A 21 3.52 -13.48 7.37
CA ILE A 21 4.71 -12.64 7.25
C ILE A 21 4.32 -11.19 6.94
N VAL A 22 3.47 -11.00 5.91
CA VAL A 22 3.04 -9.67 5.44
C VAL A 22 2.31 -8.91 6.58
N LYS A 23 1.31 -9.55 7.22
CA LYS A 23 0.56 -8.98 8.38
C LYS A 23 1.53 -8.45 9.47
N ARG A 24 2.42 -9.36 9.92
CA ARG A 24 3.42 -9.09 10.97
C ARG A 24 4.25 -7.84 10.62
N VAL A 25 4.87 -7.88 9.43
CA VAL A 25 5.85 -6.89 9.00
C VAL A 25 5.21 -5.49 8.82
N ILE A 26 4.00 -5.42 8.20
CA ILE A 26 3.31 -4.11 8.00
C ILE A 26 3.00 -3.48 9.35
N ASP A 27 2.61 -4.33 10.32
CA ASP A 27 2.28 -3.89 11.70
C ASP A 27 3.53 -3.34 12.42
N GLU A 28 4.68 -4.00 12.20
CA GLU A 28 5.99 -3.61 12.79
C GLU A 28 6.56 -2.36 12.09
N VAL A 29 6.15 -2.12 10.84
CA VAL A 29 6.51 -0.91 10.10
C VAL A 29 5.52 0.25 10.44
N GLU A 30 4.25 -0.11 10.70
CA GLU A 30 3.15 0.85 10.93
C GLU A 30 3.43 1.68 12.18
N ARG A 31 3.91 0.99 13.23
CA ARG A 31 4.30 1.61 14.51
C ARG A 31 5.45 2.64 14.31
N GLU A 32 6.33 2.35 13.33
CA GLU A 32 7.47 3.19 12.98
C GLU A 32 7.08 4.33 12.02
N VAL A 33 5.96 4.13 11.29
CA VAL A 33 5.36 5.16 10.44
C VAL A 33 4.61 6.19 11.30
N GLN A 34 3.87 5.70 12.33
CA GLN A 34 2.98 6.53 13.19
C GLN A 34 3.74 7.61 13.98
N LYS A 35 4.98 7.32 14.36
CA LYS A 35 5.83 8.26 15.13
C LYS A 35 6.36 9.39 14.21
N GLN A 36 6.53 9.06 12.90
CA GLN A 36 7.02 10.01 11.88
C GLN A 36 5.83 10.68 11.14
N TYR A 37 4.66 10.03 11.20
CA TYR A 37 3.43 10.44 10.49
C TYR A 37 2.20 10.21 11.40
N PRO A 38 1.82 11.22 12.26
CA PRO A 38 0.50 11.23 12.95
C PRO A 38 -0.67 11.48 11.95
N ASN A 39 -0.31 12.09 10.81
CA ASN A 39 -1.25 12.43 9.72
C ASN A 39 -1.59 11.21 8.83
N ALA A 40 -0.78 10.15 8.89
CA ALA A 40 -1.02 8.92 8.08
C ALA A 40 -1.61 7.79 8.94
N THR A 41 -2.76 7.23 8.50
CA THR A 41 -3.40 6.07 9.15
C THR A 41 -3.44 4.89 8.16
N ILE A 42 -2.75 3.81 8.50
CA ILE A 42 -2.61 2.60 7.66
C ILE A 42 -3.69 1.57 8.07
N THR A 43 -4.34 0.94 7.08
CA THR A 43 -5.29 -0.16 7.29
C THR A 43 -4.93 -1.30 6.32
N ARG A 44 -4.77 -2.51 6.86
CA ARG A 44 -4.40 -3.70 6.06
C ARG A 44 -5.63 -4.60 5.93
N THR A 45 -5.84 -5.16 4.73
CA THR A 45 -6.89 -6.15 4.49
C THR A 45 -6.37 -7.21 3.50
N LEU A 46 -6.11 -8.42 4.01
CA LEU A 46 -5.58 -9.55 3.21
C LEU A 46 -6.73 -10.52 2.94
N THR A 47 -6.93 -10.89 1.66
CA THR A 47 -7.95 -11.85 1.24
C THR A 47 -7.28 -12.91 0.35
N ARG A 48 -7.17 -14.13 0.86
CA ARG A 48 -6.53 -15.26 0.15
C ARG A 48 -7.56 -15.91 -0.78
N ASP A 49 -7.34 -15.75 -2.10
CA ASP A 49 -8.22 -16.29 -3.16
C ASP A 49 -7.37 -16.97 -4.23
N ASP A 50 -7.57 -18.29 -4.41
CA ASP A 50 -6.93 -19.12 -5.47
C ASP A 50 -5.38 -19.02 -5.42
N GLY A 51 -4.84 -19.28 -4.21
CA GLY A 51 -3.39 -19.28 -3.96
C GLY A 51 -2.72 -17.91 -3.91
N THR A 52 -3.51 -16.84 -4.18
CA THR A 52 -3.00 -15.45 -4.23
C THR A 52 -3.49 -14.66 -2.99
N VAL A 53 -2.62 -13.78 -2.45
CA VAL A 53 -2.95 -12.92 -1.30
C VAL A 53 -3.26 -11.50 -1.79
N GLU A 54 -4.53 -11.08 -1.70
CA GLU A 54 -4.96 -9.73 -2.05
C GLU A 54 -4.70 -8.82 -0.84
N LEU A 55 -3.61 -8.07 -0.88
CA LEU A 55 -3.23 -7.13 0.18
C LEU A 55 -3.71 -5.72 -0.18
N ARG A 56 -4.71 -5.23 0.54
CA ARG A 56 -5.23 -3.88 0.39
C ARG A 56 -4.72 -3.02 1.54
N ILE A 57 -3.71 -2.17 1.26
CA ILE A 57 -3.19 -1.18 2.21
C ILE A 57 -3.87 0.16 1.91
N LYS A 58 -4.35 0.81 2.96
CA LYS A 58 -5.07 2.08 2.85
C LYS A 58 -4.45 3.09 3.81
N VAL A 59 -3.65 4.03 3.26
CA VAL A 59 -2.98 5.08 4.04
C VAL A 59 -3.69 6.41 3.79
N LYS A 60 -4.45 6.87 4.80
CA LYS A 60 -5.13 8.16 4.76
C LYS A 60 -4.13 9.23 5.22
N ALA A 61 -3.70 10.09 4.29
CA ALA A 61 -2.64 11.09 4.52
C ALA A 61 -2.96 12.39 3.78
N ASP A 62 -2.13 13.42 3.98
CA ASP A 62 -2.29 14.74 3.35
C ASP A 62 -2.00 14.66 1.85
N THR A 63 -0.90 13.97 1.54
CA THR A 63 -0.30 13.93 0.21
C THR A 63 -0.15 12.47 -0.24
N GLU A 64 -0.52 12.17 -1.51
CA GLU A 64 -0.48 10.80 -2.04
C GLU A 64 0.97 10.34 -2.23
N GLU A 65 1.88 11.26 -2.61
CA GLU A 65 3.32 10.97 -2.79
C GLU A 65 3.90 10.33 -1.51
N LYS A 66 3.60 10.98 -0.38
CA LYS A 66 4.12 10.60 0.94
C LYS A 66 3.47 9.29 1.42
N ALA A 67 2.18 9.11 1.06
CA ALA A 67 1.43 7.88 1.37
C ALA A 67 1.93 6.69 0.50
N LYS A 68 2.37 6.99 -0.74
CA LYS A 68 2.96 6.00 -1.67
C LYS A 68 4.28 5.51 -1.10
N SER A 69 5.10 6.47 -0.60
CA SER A 69 6.40 6.20 0.02
C SER A 69 6.25 5.23 1.19
N ILE A 70 5.23 5.47 2.03
CA ILE A 70 4.89 4.63 3.19
C ILE A 70 4.56 3.19 2.74
N ILE A 71 3.62 3.05 1.77
CA ILE A 71 3.21 1.74 1.21
C ILE A 71 4.42 1.03 0.57
N LYS A 72 5.24 1.80 -0.17
CA LYS A 72 6.35 1.27 -0.98
C LYS A 72 7.46 0.69 -0.10
N LEU A 73 7.80 1.38 1.01
CA LEU A 73 8.83 0.89 1.95
C LEU A 73 8.31 -0.34 2.73
N ILE A 74 6.98 -0.39 2.95
CA ILE A 74 6.29 -1.58 3.50
C ILE A 74 6.41 -2.77 2.53
N GLU A 75 6.23 -2.49 1.22
CA GLU A 75 6.29 -3.47 0.13
C GLU A 75 7.68 -4.13 0.03
N GLU A 76 8.73 -3.29 0.14
CA GLU A 76 10.14 -3.76 0.06
C GLU A 76 10.52 -4.59 1.29
N ARG A 77 9.78 -4.37 2.41
CA ARG A 77 9.96 -5.12 3.66
C ARG A 77 9.27 -6.50 3.58
N ILE A 78 7.95 -6.48 3.25
CA ILE A 78 7.09 -7.67 3.34
C ILE A 78 7.53 -8.79 2.37
N GLU A 79 7.87 -8.41 1.11
CA GLU A 79 8.29 -9.38 0.09
C GLU A 79 9.68 -9.95 0.44
N GLU A 80 10.55 -9.09 1.02
CA GLU A 80 11.93 -9.46 1.40
C GLU A 80 11.94 -10.57 2.49
N GLU A 81 11.10 -10.40 3.52
CA GLU A 81 10.99 -11.35 4.63
C GLU A 81 10.31 -12.64 4.16
N LEU A 82 9.32 -12.46 3.26
CA LEU A 82 8.57 -13.57 2.64
C LEU A 82 9.47 -14.40 1.72
N ARG A 83 10.37 -13.71 0.99
CA ARG A 83 11.23 -14.31 -0.06
C ARG A 83 12.28 -15.27 0.53
N LYS A 84 12.66 -15.01 1.80
CA LYS A 84 13.61 -15.87 2.55
C LYS A 84 13.04 -17.30 2.76
N ARG A 85 11.71 -17.42 2.73
CA ARG A 85 10.99 -18.70 2.95
C ARG A 85 10.18 -19.13 1.70
N ASP A 86 9.88 -18.16 0.83
CA ASP A 86 9.10 -18.35 -0.40
C ASP A 86 9.88 -17.76 -1.57
N PRO A 87 10.67 -18.56 -2.32
CA PRO A 87 11.60 -18.06 -3.37
C PRO A 87 10.88 -17.61 -4.66
N ASN A 88 9.54 -17.60 -4.63
CA ASN A 88 8.68 -17.12 -5.73
C ASN A 88 7.82 -15.93 -5.28
N ALA A 89 8.22 -15.29 -4.15
CA ALA A 89 7.53 -14.11 -3.61
C ALA A 89 7.70 -12.91 -4.56
N THR A 90 6.60 -12.50 -5.18
CA THR A 90 6.54 -11.36 -6.10
C THR A 90 5.18 -10.69 -5.93
N ILE A 91 5.16 -9.36 -5.78
CA ILE A 91 3.91 -8.60 -5.57
C ILE A 91 3.47 -7.93 -6.89
N THR A 92 2.15 -7.76 -7.07
CA THR A 92 1.59 -6.98 -8.18
C THR A 92 0.90 -5.74 -7.58
N ARG A 93 1.56 -4.58 -7.70
CA ARG A 93 1.15 -3.35 -7.02
C ARG A 93 0.23 -2.53 -7.93
N THR A 94 -1.07 -2.50 -7.61
CA THR A 94 -2.11 -1.86 -8.44
C THR A 94 -2.96 -0.91 -7.57
N VAL A 95 -2.75 0.40 -7.72
CA VAL A 95 -3.43 1.43 -6.91
C VAL A 95 -4.89 1.62 -7.39
N ARG A 96 -5.83 1.60 -6.44
CA ARG A 96 -7.27 1.71 -6.73
C ARG A 96 -7.70 3.17 -6.94
N THR A 97 -7.03 4.10 -6.22
CA THR A 97 -7.28 5.55 -6.36
C THR A 97 -6.09 6.21 -7.11
N GLU A 98 -6.40 6.86 -8.23
CA GLU A 98 -5.43 7.62 -9.03
C GLU A 98 -5.82 9.10 -8.92
N VAL A 99 -5.13 9.85 -8.03
CA VAL A 99 -5.40 11.28 -7.79
C VAL A 99 -4.85 12.11 -8.98
N GLY A 100 -5.64 12.11 -10.06
CA GLY A 100 -5.31 12.84 -11.28
C GLY A 100 -5.80 14.29 -11.25
N SER A 101 -6.76 14.56 -10.34
CA SER A 101 -7.30 15.90 -10.13
C SER A 101 -6.20 16.86 -9.62
N SER A 102 -5.67 17.68 -10.55
CA SER A 102 -4.55 18.60 -10.28
C SER A 102 -4.52 19.74 -11.34
N TRP A 103 -5.60 19.85 -12.13
CA TRP A 103 -5.74 20.90 -13.17
C TRP A 103 -6.15 22.22 -12.49
N SER A 104 -5.32 23.25 -12.65
CA SER A 104 -5.51 24.56 -12.01
C SER A 104 -5.75 25.64 -13.10
N LEU A 105 -7.03 26.07 -13.22
CA LEU A 105 -7.46 27.05 -14.23
C LEU A 105 -7.39 28.46 -13.59
N GLU A 106 -6.21 29.08 -13.68
CA GLU A 106 -5.88 30.32 -12.95
C GLU A 106 -6.12 31.59 -13.79
N HIS A 107 -7.31 32.19 -13.66
CA HIS A 107 -7.55 33.59 -14.00
C HIS A 107 -8.26 34.22 -12.80
N HIS A 108 -7.55 34.18 -11.65
CA HIS A 108 -8.06 34.65 -10.34
C HIS A 108 -7.83 36.17 -10.16
N HIS A 109 -8.41 36.93 -11.10
CA HIS A 109 -8.41 38.40 -11.12
C HIS A 109 -9.35 38.88 -12.23
N HIS A 110 -10.15 39.91 -11.95
CA HIS A 110 -11.04 40.55 -12.93
C HIS A 110 -10.63 42.04 -13.07
N HIS A 111 -10.57 42.51 -14.32
CA HIS A 111 -10.24 43.92 -14.65
C HIS A 111 -11.45 44.83 -14.39
N HIS A 112 -11.27 46.16 -14.50
CA HIS A 112 -12.32 47.14 -14.24
C HIS A 112 -12.67 47.90 -15.54
N MET A 1 -6.39 16.34 3.77
CA MET A 1 -6.10 14.90 3.96
C MET A 1 -6.93 14.05 2.98
N LEU A 2 -6.24 13.13 2.27
CA LEU A 2 -6.81 12.20 1.29
C LEU A 2 -6.42 10.74 1.63
N THR A 3 -7.17 9.78 1.09
CA THR A 3 -6.88 8.34 1.24
C THR A 3 -6.31 7.75 -0.08
N VAL A 4 -5.36 6.80 0.06
CA VAL A 4 -4.67 6.15 -1.08
C VAL A 4 -4.73 4.62 -0.91
N GLU A 5 -5.54 3.95 -1.76
CA GLU A 5 -5.64 2.47 -1.78
C GLU A 5 -4.78 1.91 -2.93
N VAL A 6 -4.03 0.84 -2.63
CA VAL A 6 -3.37 -0.02 -3.64
C VAL A 6 -3.74 -1.48 -3.33
N GLU A 7 -3.88 -2.29 -4.37
CA GLU A 7 -4.13 -3.74 -4.27
C GLU A 7 -2.86 -4.48 -4.69
N VAL A 8 -2.16 -5.05 -3.70
CA VAL A 8 -0.94 -5.83 -3.92
C VAL A 8 -1.31 -7.32 -3.91
N LYS A 9 -1.30 -7.91 -5.09
CA LYS A 9 -1.66 -9.30 -5.33
C LYS A 9 -0.41 -10.17 -5.08
N ILE A 10 -0.40 -10.89 -3.95
CA ILE A 10 0.78 -11.62 -3.45
C ILE A 10 0.65 -13.11 -3.78
N THR A 11 1.48 -13.59 -4.71
CA THR A 11 1.57 -15.02 -5.07
C THR A 11 2.91 -15.55 -4.54
N ALA A 12 2.87 -16.37 -3.48
CA ALA A 12 4.07 -16.87 -2.78
C ALA A 12 4.06 -18.41 -2.80
N ASP A 13 5.03 -19.03 -2.09
CA ASP A 13 5.16 -20.50 -2.02
C ASP A 13 3.94 -21.13 -1.33
N ASP A 14 3.47 -20.45 -0.26
CA ASP A 14 2.23 -20.82 0.45
C ASP A 14 1.41 -19.55 0.70
N GLU A 15 0.13 -19.53 0.26
CA GLU A 15 -0.77 -18.36 0.45
C GLU A 15 -1.08 -18.09 1.95
N ASN A 16 -1.35 -19.16 2.71
CA ASN A 16 -1.74 -19.08 4.14
C ASN A 16 -0.57 -18.52 4.96
N LYS A 17 0.59 -19.16 4.79
CA LYS A 17 1.87 -18.83 5.43
C LYS A 17 2.32 -17.41 5.04
N ALA A 18 2.15 -17.06 3.74
CA ALA A 18 2.57 -15.74 3.19
C ALA A 18 1.87 -14.60 3.91
N GLU A 19 0.54 -14.77 4.08
CA GLU A 19 -0.34 -13.77 4.68
C GLU A 19 0.13 -13.43 6.10
N GLU A 20 0.60 -14.46 6.83
CA GLU A 20 0.97 -14.33 8.25
C GLU A 20 2.23 -13.46 8.42
N ILE A 21 3.22 -13.71 7.53
CA ILE A 21 4.46 -12.92 7.46
C ILE A 21 4.12 -11.45 7.13
N VAL A 22 3.39 -11.26 6.02
CA VAL A 22 3.07 -9.92 5.48
C VAL A 22 2.32 -9.06 6.53
N LYS A 23 1.28 -9.63 7.18
CA LYS A 23 0.52 -8.96 8.27
C LYS A 23 1.43 -8.53 9.43
N ARG A 24 2.33 -9.46 9.82
CA ARG A 24 3.29 -9.24 10.93
C ARG A 24 4.24 -8.08 10.57
N VAL A 25 4.76 -8.10 9.33
CA VAL A 25 5.76 -7.14 8.86
C VAL A 25 5.12 -5.73 8.74
N ILE A 26 3.91 -5.65 8.11
CA ILE A 26 3.19 -4.36 7.93
C ILE A 26 2.97 -3.72 9.31
N ASP A 27 2.51 -4.55 10.28
CA ASP A 27 2.21 -4.14 11.66
C ASP A 27 3.44 -3.52 12.35
N GLU A 28 4.60 -4.17 12.15
CA GLU A 28 5.87 -3.73 12.75
C GLU A 28 6.47 -2.50 12.04
N VAL A 29 6.12 -2.30 10.76
CA VAL A 29 6.50 -1.10 9.98
C VAL A 29 5.47 0.05 10.20
N GLU A 30 4.25 -0.33 10.58
CA GLU A 30 3.08 0.56 10.70
C GLU A 30 3.27 1.54 11.86
N ARG A 31 3.78 0.99 12.98
CA ARG A 31 4.13 1.75 14.18
C ARG A 31 5.34 2.69 13.91
N GLU A 32 6.20 2.27 12.97
CA GLU A 32 7.39 3.03 12.57
C GLU A 32 7.03 4.17 11.62
N VAL A 33 5.85 4.07 10.99
CA VAL A 33 5.26 5.17 10.21
C VAL A 33 4.54 6.14 11.16
N GLN A 34 3.92 5.62 12.24
CA GLN A 34 3.17 6.45 13.22
C GLN A 34 4.05 7.50 13.90
N LYS A 35 5.34 7.15 14.11
CA LYS A 35 6.30 8.04 14.80
C LYS A 35 6.82 9.14 13.85
N GLN A 36 6.84 8.87 12.53
CA GLN A 36 7.30 9.85 11.52
C GLN A 36 6.13 10.73 11.07
N TYR A 37 5.07 10.05 10.62
CA TYR A 37 3.80 10.66 10.19
C TYR A 37 2.72 10.33 11.26
N PRO A 38 2.49 11.25 12.26
CA PRO A 38 1.53 10.99 13.36
C PRO A 38 0.08 10.83 12.87
N ASN A 39 -0.27 11.53 11.79
CA ASN A 39 -1.65 11.60 11.26
C ASN A 39 -1.87 10.60 10.10
N ALA A 40 -0.91 9.68 9.88
CA ALA A 40 -1.04 8.63 8.85
C ALA A 40 -1.78 7.41 9.41
N THR A 41 -2.88 6.99 8.75
CA THR A 41 -3.63 5.79 9.12
C THR A 41 -3.40 4.71 8.05
N ILE A 42 -2.75 3.61 8.45
CA ILE A 42 -2.49 2.47 7.57
C ILE A 42 -3.49 1.37 7.90
N THR A 43 -4.29 0.98 6.90
CA THR A 43 -5.30 -0.07 7.04
C THR A 43 -4.88 -1.24 6.13
N ARG A 44 -4.47 -2.35 6.74
CA ARG A 44 -4.02 -3.54 6.03
C ARG A 44 -5.18 -4.56 6.03
N THR A 45 -5.56 -5.03 4.83
CA THR A 45 -6.66 -6.00 4.66
C THR A 45 -6.23 -7.06 3.63
N LEU A 46 -5.93 -8.27 4.13
CA LEU A 46 -5.44 -9.38 3.30
C LEU A 46 -6.52 -10.48 3.23
N THR A 47 -6.86 -10.91 2.01
CA THR A 47 -7.86 -11.95 1.78
C THR A 47 -7.37 -12.89 0.65
N ARG A 48 -7.25 -14.18 0.96
CA ARG A 48 -6.70 -15.20 0.05
C ARG A 48 -7.81 -15.71 -0.89
N ASP A 49 -7.57 -15.61 -2.21
CA ASP A 49 -8.53 -15.99 -3.25
C ASP A 49 -7.79 -16.60 -4.45
N ASP A 50 -8.18 -17.85 -4.81
CA ASP A 50 -7.61 -18.62 -5.96
C ASP A 50 -6.09 -18.88 -5.82
N GLY A 51 -5.55 -18.75 -4.58
CA GLY A 51 -4.12 -18.96 -4.32
C GLY A 51 -3.34 -17.66 -4.16
N THR A 52 -4.00 -16.51 -4.44
CA THR A 52 -3.40 -15.17 -4.37
C THR A 52 -3.88 -14.44 -3.09
N VAL A 53 -2.93 -13.97 -2.28
CA VAL A 53 -3.25 -13.17 -1.09
C VAL A 53 -3.43 -11.71 -1.52
N GLU A 54 -4.68 -11.26 -1.57
CA GLU A 54 -5.02 -9.89 -2.01
C GLU A 54 -4.83 -8.93 -0.83
N LEU A 55 -3.74 -8.18 -0.87
CA LEU A 55 -3.42 -7.17 0.12
C LEU A 55 -3.99 -5.83 -0.33
N ARG A 56 -4.74 -5.18 0.57
CA ARG A 56 -5.31 -3.85 0.37
C ARG A 56 -4.65 -2.90 1.38
N ILE A 57 -3.71 -2.06 0.90
CA ILE A 57 -3.05 -1.05 1.74
C ILE A 57 -3.78 0.29 1.52
N LYS A 58 -4.45 0.76 2.57
CA LYS A 58 -5.24 2.00 2.54
C LYS A 58 -4.56 3.00 3.50
N VAL A 59 -3.82 3.97 2.92
CA VAL A 59 -3.06 4.98 3.69
C VAL A 59 -3.76 6.35 3.56
N LYS A 60 -4.32 6.81 4.67
CA LYS A 60 -4.91 8.15 4.77
C LYS A 60 -3.81 9.10 5.28
N ALA A 61 -3.34 10.01 4.41
CA ALA A 61 -2.24 10.94 4.72
C ALA A 61 -2.58 12.34 4.16
N ASP A 62 -1.69 13.30 4.42
CA ASP A 62 -1.84 14.70 3.97
C ASP A 62 -1.77 14.79 2.43
N THR A 63 -0.79 14.09 1.84
CA THR A 63 -0.51 14.12 0.39
C THR A 63 -0.34 12.69 -0.14
N GLU A 64 -0.82 12.47 -1.39
CA GLU A 64 -0.87 11.14 -2.01
C GLU A 64 0.52 10.60 -2.38
N GLU A 65 1.45 11.50 -2.73
CA GLU A 65 2.84 11.14 -3.06
C GLU A 65 3.55 10.53 -1.83
N LYS A 66 3.40 11.22 -0.68
CA LYS A 66 4.01 10.79 0.59
C LYS A 66 3.29 9.56 1.16
N ALA A 67 1.99 9.42 0.83
CA ALA A 67 1.19 8.23 1.20
C ALA A 67 1.70 6.97 0.43
N LYS A 68 2.10 7.18 -0.84
CA LYS A 68 2.68 6.11 -1.69
C LYS A 68 4.12 5.78 -1.26
N SER A 69 4.81 6.77 -0.66
CA SER A 69 6.13 6.57 -0.03
C SER A 69 5.99 5.65 1.21
N ILE A 70 4.91 5.89 1.99
CA ILE A 70 4.52 5.04 3.13
C ILE A 70 4.23 3.59 2.66
N ILE A 71 3.48 3.48 1.55
CA ILE A 71 3.17 2.18 0.92
C ILE A 71 4.47 1.47 0.51
N LYS A 72 5.39 2.21 -0.17
CA LYS A 72 6.61 1.63 -0.74
C LYS A 72 7.52 1.06 0.35
N LEU A 73 7.72 1.80 1.45
CA LEU A 73 8.64 1.36 2.53
C LEU A 73 8.09 0.10 3.27
N ILE A 74 6.74 -0.09 3.19
CA ILE A 74 6.08 -1.33 3.63
C ILE A 74 6.34 -2.47 2.61
N GLU A 75 6.19 -2.14 1.30
CA GLU A 75 6.40 -3.07 0.17
C GLU A 75 7.82 -3.67 0.15
N GLU A 76 8.81 -2.81 0.43
CA GLU A 76 10.23 -3.19 0.47
C GLU A 76 10.48 -4.24 1.56
N ARG A 77 9.74 -4.11 2.67
CA ARG A 77 9.90 -4.95 3.86
C ARG A 77 9.13 -6.28 3.75
N ILE A 78 7.88 -6.24 3.24
CA ILE A 78 7.02 -7.44 3.19
C ILE A 78 7.48 -8.42 2.09
N GLU A 79 7.99 -7.86 0.96
CA GLU A 79 8.64 -8.66 -0.09
C GLU A 79 9.93 -9.29 0.48
N GLU A 80 10.68 -8.49 1.28
CA GLU A 80 11.98 -8.91 1.85
C GLU A 80 11.82 -10.14 2.76
N GLU A 81 11.05 -10.00 3.84
CA GLU A 81 10.96 -11.00 4.92
C GLU A 81 10.22 -12.27 4.48
N LEU A 82 9.39 -12.15 3.44
CA LEU A 82 8.67 -13.29 2.85
C LEU A 82 9.61 -14.06 1.88
N ARG A 83 10.19 -13.31 0.93
CA ARG A 83 11.00 -13.87 -0.19
C ARG A 83 12.38 -14.39 0.26
N LYS A 84 12.87 -13.88 1.41
CA LYS A 84 14.13 -14.36 2.06
C LYS A 84 14.01 -15.83 2.51
N ARG A 85 12.78 -16.36 2.58
CA ARG A 85 12.52 -17.79 2.86
C ARG A 85 11.75 -18.46 1.70
N ASP A 86 10.89 -17.68 1.03
CA ASP A 86 9.95 -18.16 -0.02
C ASP A 86 10.31 -17.45 -1.35
N PRO A 87 11.25 -18.03 -2.18
CA PRO A 87 11.77 -17.35 -3.40
C PRO A 87 10.70 -17.13 -4.49
N ASN A 88 9.58 -17.87 -4.40
CA ASN A 88 8.42 -17.72 -5.32
C ASN A 88 7.48 -16.58 -4.91
N ALA A 89 7.88 -15.76 -3.91
CA ALA A 89 7.09 -14.61 -3.45
C ALA A 89 7.19 -13.45 -4.46
N THR A 90 6.31 -13.50 -5.47
CA THR A 90 6.16 -12.44 -6.48
C THR A 90 4.89 -11.65 -6.17
N ILE A 91 4.97 -10.31 -6.20
CA ILE A 91 3.84 -9.42 -5.88
C ILE A 91 3.51 -8.54 -7.10
N THR A 92 2.23 -8.17 -7.24
CA THR A 92 1.77 -7.23 -8.25
C THR A 92 0.99 -6.09 -7.56
N ARG A 93 1.63 -4.92 -7.40
CA ARG A 93 0.98 -3.74 -6.80
C ARG A 93 0.28 -2.95 -7.90
N THR A 94 -1.04 -3.11 -7.97
CA THR A 94 -1.91 -2.40 -8.89
C THR A 94 -2.62 -1.29 -8.11
N VAL A 95 -2.36 -0.02 -8.47
CA VAL A 95 -2.85 1.14 -7.72
C VAL A 95 -4.37 1.32 -7.95
N ARG A 96 -5.12 1.49 -6.86
CA ARG A 96 -6.59 1.59 -6.87
C ARG A 96 -7.06 3.04 -6.68
N THR A 97 -6.15 3.99 -6.95
CA THR A 97 -6.43 5.42 -6.91
C THR A 97 -5.55 6.18 -7.92
N GLU A 98 -6.04 7.34 -8.35
CA GLU A 98 -5.31 8.30 -9.19
C GLU A 98 -5.74 9.70 -8.74
N VAL A 99 -4.85 10.70 -8.90
CA VAL A 99 -5.13 12.10 -8.57
C VAL A 99 -6.41 12.59 -9.30
N GLY A 100 -7.43 12.98 -8.52
CA GLY A 100 -8.72 13.41 -9.07
C GLY A 100 -8.66 14.71 -9.86
N SER A 101 -9.83 15.15 -10.36
CA SER A 101 -9.98 16.43 -11.07
C SER A 101 -9.68 17.61 -10.14
N SER A 102 -8.44 18.17 -10.28
CA SER A 102 -7.94 19.29 -9.47
C SER A 102 -8.87 20.51 -9.61
N TRP A 103 -9.69 20.72 -8.57
CA TRP A 103 -10.74 21.75 -8.55
C TRP A 103 -10.33 22.86 -7.57
N SER A 104 -9.67 23.89 -8.11
CA SER A 104 -9.14 25.02 -7.35
C SER A 104 -10.01 26.26 -7.61
N LEU A 105 -10.63 26.81 -6.55
CA LEU A 105 -11.56 27.94 -6.66
C LEU A 105 -10.88 29.22 -6.15
N GLU A 106 -10.71 30.22 -7.05
CA GLU A 106 -10.09 31.51 -6.73
C GLU A 106 -11.16 32.61 -6.60
N HIS A 107 -10.84 33.63 -5.79
CA HIS A 107 -11.59 34.91 -5.75
C HIS A 107 -10.57 36.05 -5.67
N HIS A 108 -10.62 36.96 -6.64
CA HIS A 108 -9.80 38.19 -6.61
C HIS A 108 -10.65 39.33 -6.05
N HIS A 109 -10.53 39.59 -4.75
CA HIS A 109 -11.23 40.69 -4.07
C HIS A 109 -10.21 41.48 -3.23
N HIS A 110 -9.45 42.34 -3.93
CA HIS A 110 -8.55 43.34 -3.33
C HIS A 110 -8.21 44.37 -4.42
N HIS A 111 -9.09 45.37 -4.56
CA HIS A 111 -8.96 46.45 -5.55
C HIS A 111 -9.84 47.64 -5.13
N HIS A 112 -9.20 48.76 -4.78
CA HIS A 112 -9.92 49.99 -4.37
C HIS A 112 -10.38 50.77 -5.62
N MET A 1 -6.21 16.80 3.16
CA MET A 1 -5.43 15.54 3.02
C MET A 1 -6.26 14.49 2.26
N LEU A 2 -5.57 13.60 1.53
CA LEU A 2 -6.20 12.58 0.67
C LEU A 2 -6.01 11.17 1.26
N THR A 3 -6.88 10.23 0.86
CA THR A 3 -6.74 8.81 1.21
C THR A 3 -6.44 8.01 -0.06
N VAL A 4 -5.27 7.35 -0.09
CA VAL A 4 -4.81 6.53 -1.22
C VAL A 4 -5.11 5.05 -0.93
N GLU A 5 -5.91 4.42 -1.81
CA GLU A 5 -6.18 2.99 -1.79
C GLU A 5 -5.41 2.30 -2.91
N VAL A 6 -4.65 1.26 -2.55
CA VAL A 6 -3.98 0.34 -3.49
C VAL A 6 -4.32 -1.11 -3.09
N GLU A 7 -4.10 -2.02 -4.02
CA GLU A 7 -4.36 -3.45 -3.87
C GLU A 7 -3.13 -4.22 -4.33
N VAL A 8 -2.40 -4.78 -3.37
CA VAL A 8 -1.18 -5.53 -3.66
C VAL A 8 -1.52 -7.03 -3.66
N LYS A 9 -1.60 -7.61 -4.87
CA LYS A 9 -1.85 -9.04 -5.06
C LYS A 9 -0.51 -9.79 -5.01
N ILE A 10 -0.38 -10.67 -4.01
CA ILE A 10 0.88 -11.34 -3.65
C ILE A 10 0.80 -12.83 -4.02
N THR A 11 1.69 -13.25 -4.92
CA THR A 11 1.78 -14.62 -5.41
C THR A 11 3.04 -15.27 -4.82
N ALA A 12 2.86 -16.18 -3.85
CA ALA A 12 3.98 -16.83 -3.13
C ALA A 12 3.90 -18.36 -3.28
N ASP A 13 4.94 -19.05 -2.82
CA ASP A 13 5.07 -20.50 -2.88
C ASP A 13 4.05 -21.15 -1.92
N ASP A 14 3.91 -20.53 -0.74
CA ASP A 14 2.86 -20.83 0.23
C ASP A 14 2.13 -19.51 0.55
N GLU A 15 0.89 -19.36 0.04
CA GLU A 15 0.08 -18.13 0.21
C GLU A 15 -0.42 -17.96 1.65
N ASN A 16 -0.64 -19.08 2.35
CA ASN A 16 -1.02 -19.08 3.78
C ASN A 16 0.12 -18.47 4.62
N LYS A 17 1.35 -18.89 4.29
CA LYS A 17 2.59 -18.41 4.92
C LYS A 17 2.95 -16.99 4.45
N ALA A 18 2.53 -16.66 3.22
CA ALA A 18 2.71 -15.30 2.65
C ALA A 18 1.96 -14.29 3.52
N GLU A 19 0.69 -14.62 3.80
CA GLU A 19 -0.18 -13.84 4.68
C GLU A 19 0.46 -13.66 6.07
N GLU A 20 1.02 -14.75 6.63
CA GLU A 20 1.63 -14.76 7.99
C GLU A 20 2.73 -13.69 8.08
N ILE A 21 3.66 -13.75 7.11
CA ILE A 21 4.84 -12.88 7.03
C ILE A 21 4.41 -11.41 6.79
N VAL A 22 3.55 -11.19 5.77
CA VAL A 22 3.11 -9.85 5.36
C VAL A 22 2.38 -9.10 6.52
N LYS A 23 1.48 -9.80 7.22
CA LYS A 23 0.74 -9.25 8.40
C LYS A 23 1.72 -8.84 9.51
N ARG A 24 2.66 -9.77 9.83
CA ARG A 24 3.70 -9.55 10.84
C ARG A 24 4.46 -8.25 10.56
N VAL A 25 4.91 -8.11 9.31
CA VAL A 25 5.77 -7.02 8.87
C VAL A 25 5.02 -5.68 8.88
N ILE A 26 3.76 -5.64 8.37
CA ILE A 26 2.94 -4.40 8.33
C ILE A 26 2.66 -3.89 9.77
N ASP A 27 2.55 -4.84 10.72
CA ASP A 27 2.40 -4.54 12.16
C ASP A 27 3.68 -3.90 12.73
N GLU A 28 4.85 -4.43 12.30
CA GLU A 28 6.19 -3.92 12.70
C GLU A 28 6.48 -2.55 12.04
N VAL A 29 5.93 -2.36 10.83
CA VAL A 29 6.09 -1.13 10.04
C VAL A 29 5.09 -0.05 10.52
N GLU A 30 3.94 -0.51 11.06
CA GLU A 30 2.85 0.37 11.55
C GLU A 30 3.37 1.38 12.59
N ARG A 31 4.02 0.85 13.64
CA ARG A 31 4.58 1.64 14.76
C ARG A 31 5.68 2.62 14.26
N GLU A 32 6.32 2.29 13.13
CA GLU A 32 7.41 3.10 12.54
C GLU A 32 6.85 4.19 11.59
N VAL A 33 5.63 3.98 11.06
CA VAL A 33 4.95 4.99 10.22
C VAL A 33 4.18 6.00 11.10
N GLN A 34 3.63 5.52 12.23
CA GLN A 34 2.86 6.34 13.18
C GLN A 34 3.71 7.47 13.81
N LYS A 35 5.01 7.19 14.02
CA LYS A 35 5.94 8.17 14.63
C LYS A 35 6.34 9.26 13.62
N GLN A 36 6.57 8.83 12.35
CA GLN A 36 7.03 9.71 11.26
C GLN A 36 5.85 10.53 10.69
N TYR A 37 4.65 9.92 10.77
CA TYR A 37 3.41 10.47 10.24
C TYR A 37 2.26 10.23 11.27
N PRO A 38 2.05 11.14 12.28
CA PRO A 38 0.91 11.05 13.23
C PRO A 38 -0.46 11.28 12.53
N ASN A 39 -0.44 12.05 11.42
CA ASN A 39 -1.65 12.34 10.61
C ASN A 39 -1.97 11.18 9.65
N ALA A 40 -1.07 10.19 9.54
CA ALA A 40 -1.29 9.03 8.66
C ALA A 40 -1.84 7.84 9.44
N THR A 41 -2.76 7.12 8.77
CA THR A 41 -3.27 5.83 9.23
C THR A 41 -3.06 4.80 8.11
N ILE A 42 -2.53 3.63 8.46
CA ILE A 42 -2.50 2.46 7.56
C ILE A 42 -3.78 1.63 7.80
N THR A 43 -4.31 1.02 6.75
CA THR A 43 -5.34 -0.02 6.82
C THR A 43 -4.88 -1.18 5.92
N ARG A 44 -4.70 -2.38 6.49
CA ARG A 44 -4.33 -3.58 5.70
C ARG A 44 -5.44 -4.63 5.82
N THR A 45 -5.86 -5.18 4.67
CA THR A 45 -6.87 -6.25 4.61
C THR A 45 -6.40 -7.32 3.61
N LEU A 46 -5.98 -8.49 4.12
CA LEU A 46 -5.50 -9.61 3.29
C LEU A 46 -6.66 -10.59 3.06
N THR A 47 -6.84 -11.02 1.79
CA THR A 47 -7.87 -12.00 1.41
C THR A 47 -7.24 -13.06 0.49
N ARG A 48 -7.06 -14.28 1.02
CA ARG A 48 -6.46 -15.42 0.31
C ARG A 48 -7.55 -16.13 -0.51
N ASP A 49 -7.40 -16.09 -1.84
CA ASP A 49 -8.39 -16.62 -2.78
C ASP A 49 -7.67 -17.20 -4.00
N ASP A 50 -7.87 -18.52 -4.25
CA ASP A 50 -7.28 -19.29 -5.38
C ASP A 50 -5.73 -19.17 -5.44
N GLY A 51 -5.10 -19.10 -4.25
CA GLY A 51 -3.64 -19.08 -4.12
C GLY A 51 -3.02 -17.68 -4.10
N THR A 52 -3.86 -16.63 -4.26
CA THR A 52 -3.37 -15.24 -4.28
C THR A 52 -3.77 -14.53 -2.97
N VAL A 53 -2.77 -13.92 -2.29
CA VAL A 53 -3.02 -13.07 -1.11
C VAL A 53 -3.34 -11.66 -1.63
N GLU A 54 -4.62 -11.31 -1.62
CA GLU A 54 -5.08 -10.03 -2.16
C GLU A 54 -5.12 -9.03 -1.00
N LEU A 55 -4.05 -8.23 -0.90
CA LEU A 55 -3.81 -7.28 0.18
C LEU A 55 -4.34 -5.91 -0.25
N ARG A 56 -4.97 -5.22 0.71
CA ARG A 56 -5.53 -3.88 0.53
C ARG A 56 -4.83 -2.92 1.47
N ILE A 57 -3.92 -2.10 0.93
CA ILE A 57 -3.24 -1.05 1.71
C ILE A 57 -3.92 0.29 1.41
N LYS A 58 -4.65 0.82 2.40
CA LYS A 58 -5.29 2.12 2.34
C LYS A 58 -4.56 3.04 3.34
N VAL A 59 -3.79 3.99 2.80
CA VAL A 59 -3.04 4.97 3.60
C VAL A 59 -3.72 6.34 3.50
N LYS A 60 -4.16 6.86 4.64
CA LYS A 60 -4.59 8.26 4.77
C LYS A 60 -3.32 9.09 4.99
N ALA A 61 -3.12 10.15 4.21
CA ALA A 61 -1.89 10.98 4.27
C ALA A 61 -2.17 12.39 3.73
N ASP A 62 -1.31 13.35 4.12
CA ASP A 62 -1.43 14.77 3.72
C ASP A 62 -1.32 14.92 2.19
N THR A 63 -0.35 14.18 1.59
CA THR A 63 -0.08 14.22 0.14
C THR A 63 0.17 12.79 -0.40
N GLU A 64 -0.04 12.62 -1.72
CA GLU A 64 0.00 11.31 -2.41
C GLU A 64 1.42 10.75 -2.55
N GLU A 65 2.43 11.64 -2.63
CA GLU A 65 3.86 11.27 -2.75
C GLU A 65 4.33 10.55 -1.47
N LYS A 66 3.97 11.15 -0.33
CA LYS A 66 4.33 10.64 1.00
C LYS A 66 3.47 9.42 1.38
N ALA A 67 2.25 9.35 0.82
CA ALA A 67 1.35 8.18 0.94
C ALA A 67 1.98 6.96 0.24
N LYS A 68 2.45 7.17 -1.00
CA LYS A 68 3.11 6.13 -1.82
C LYS A 68 4.44 5.70 -1.18
N SER A 69 5.12 6.65 -0.51
CA SER A 69 6.37 6.39 0.22
C SER A 69 6.15 5.37 1.34
N ILE A 70 5.01 5.54 2.07
CA ILE A 70 4.58 4.61 3.13
C ILE A 70 4.26 3.22 2.53
N ILE A 71 3.43 3.20 1.47
CA ILE A 71 3.04 1.95 0.76
C ILE A 71 4.28 1.22 0.23
N LYS A 72 5.26 2.01 -0.28
CA LYS A 72 6.48 1.49 -0.90
C LYS A 72 7.30 0.73 0.13
N LEU A 73 7.60 1.38 1.27
CA LEU A 73 8.46 0.80 2.31
C LEU A 73 7.78 -0.40 3.00
N ILE A 74 6.42 -0.43 2.99
CA ILE A 74 5.63 -1.60 3.41
C ILE A 74 5.93 -2.80 2.46
N GLU A 75 5.81 -2.55 1.14
CA GLU A 75 6.00 -3.58 0.10
C GLU A 75 7.46 -4.06 0.03
N GLU A 76 8.41 -3.13 0.29
CA GLU A 76 9.84 -3.44 0.30
C GLU A 76 10.17 -4.39 1.45
N ARG A 77 9.58 -4.11 2.63
CA ARG A 77 9.83 -4.87 3.87
C ARG A 77 9.10 -6.23 3.86
N ILE A 78 7.83 -6.28 3.40
CA ILE A 78 7.03 -7.53 3.41
C ILE A 78 7.65 -8.55 2.46
N GLU A 79 8.09 -8.08 1.28
CA GLU A 79 8.76 -8.92 0.27
C GLU A 79 10.17 -9.33 0.73
N GLU A 80 10.83 -8.42 1.47
CA GLU A 80 12.18 -8.65 2.02
C GLU A 80 12.20 -9.88 2.95
N GLU A 81 11.19 -9.94 3.84
CA GLU A 81 11.06 -11.03 4.83
C GLU A 81 10.39 -12.27 4.21
N LEU A 82 9.49 -12.04 3.23
CA LEU A 82 8.70 -13.10 2.57
C LEU A 82 9.60 -13.97 1.68
N ARG A 83 10.37 -13.30 0.80
CA ARG A 83 11.23 -13.97 -0.19
C ARG A 83 12.39 -14.73 0.49
N LYS A 84 12.73 -14.36 1.76
CA LYS A 84 13.69 -15.12 2.60
C LYS A 84 13.20 -16.57 2.83
N ARG A 85 11.88 -16.71 3.01
CA ARG A 85 11.24 -17.99 3.42
C ARG A 85 10.46 -18.62 2.25
N ASP A 86 10.23 -17.82 1.19
CA ASP A 86 9.51 -18.23 -0.03
C ASP A 86 10.36 -17.85 -1.26
N PRO A 87 11.10 -18.83 -1.89
CA PRO A 87 11.98 -18.56 -3.08
C PRO A 87 11.15 -18.10 -4.30
N ASN A 88 9.85 -18.40 -4.27
CA ASN A 88 8.87 -17.93 -5.24
C ASN A 88 7.90 -17.03 -4.48
N ALA A 89 8.20 -15.74 -4.44
CA ALA A 89 7.34 -14.72 -3.84
C ALA A 89 7.41 -13.43 -4.66
N THR A 90 6.25 -12.86 -5.03
CA THR A 90 6.15 -11.63 -5.82
C THR A 90 4.91 -10.84 -5.41
N ILE A 91 5.10 -9.59 -4.95
CA ILE A 91 3.99 -8.66 -4.66
C ILE A 91 3.76 -7.76 -5.90
N THR A 92 2.49 -7.50 -6.27
CA THR A 92 2.15 -6.68 -7.45
C THR A 92 1.00 -5.71 -7.11
N ARG A 93 1.21 -4.41 -7.38
CA ARG A 93 0.31 -3.35 -6.89
C ARG A 93 -0.54 -2.75 -8.03
N THR A 94 -1.86 -2.95 -7.93
CA THR A 94 -2.87 -2.26 -8.73
C THR A 94 -3.52 -1.15 -7.87
N VAL A 95 -3.41 0.12 -8.31
CA VAL A 95 -3.97 1.27 -7.57
C VAL A 95 -5.51 1.30 -7.73
N ARG A 96 -6.21 1.47 -6.61
CA ARG A 96 -7.69 1.45 -6.55
C ARG A 96 -8.28 2.87 -6.49
N THR A 97 -7.40 3.88 -6.60
CA THR A 97 -7.79 5.29 -6.61
C THR A 97 -7.02 6.04 -7.72
N GLU A 98 -7.47 7.27 -8.02
CA GLU A 98 -6.78 8.16 -8.96
C GLU A 98 -6.68 9.58 -8.35
N VAL A 99 -6.73 9.65 -6.99
CA VAL A 99 -6.58 10.93 -6.25
C VAL A 99 -5.08 11.33 -6.19
N GLY A 100 -4.82 12.64 -6.36
CA GLY A 100 -3.46 13.17 -6.32
C GLY A 100 -3.39 14.68 -6.56
N SER A 101 -2.13 15.17 -6.73
CA SER A 101 -1.78 16.58 -6.99
C SER A 101 -2.48 17.58 -6.03
N SER A 102 -2.04 17.57 -4.76
CA SER A 102 -2.53 18.48 -3.72
C SER A 102 -1.56 19.67 -3.54
N TRP A 103 -1.88 20.83 -4.17
CA TRP A 103 -1.05 22.06 -4.06
C TRP A 103 -1.91 23.20 -3.50
N SER A 104 -1.76 23.48 -2.19
CA SER A 104 -2.33 24.66 -1.53
C SER A 104 -1.22 25.69 -1.30
N LEU A 105 -1.34 26.84 -1.97
CA LEU A 105 -0.46 28.00 -1.77
C LEU A 105 -1.08 28.86 -0.65
N GLU A 106 -0.96 28.35 0.58
CA GLU A 106 -1.67 28.89 1.75
C GLU A 106 -0.79 29.93 2.49
N HIS A 107 -1.13 31.19 2.29
CA HIS A 107 -0.59 32.33 3.05
C HIS A 107 -1.74 33.29 3.41
N HIS A 108 -2.96 32.70 3.48
CA HIS A 108 -4.21 33.40 3.80
C HIS A 108 -4.31 33.65 5.32
N HIS A 109 -3.86 34.83 5.77
CA HIS A 109 -3.92 35.26 7.18
C HIS A 109 -4.24 36.77 7.25
N HIS A 110 -5.12 37.15 8.19
CA HIS A 110 -5.59 38.54 8.38
C HIS A 110 -5.17 39.06 9.77
N HIS A 111 -3.96 38.67 10.19
CA HIS A 111 -3.38 39.07 11.50
C HIS A 111 -2.97 40.56 11.45
N HIS A 112 -2.06 40.91 10.52
CA HIS A 112 -1.66 42.31 10.24
C HIS A 112 -0.80 42.34 8.94
N MET A 1 -7.25 16.20 4.04
CA MET A 1 -6.31 15.08 3.77
C MET A 1 -6.99 14.05 2.86
N LEU A 2 -6.18 13.41 2.01
CA LEU A 2 -6.63 12.47 0.98
C LEU A 2 -6.43 11.01 1.44
N THR A 3 -7.16 10.08 0.80
CA THR A 3 -7.04 8.64 1.09
C THR A 3 -6.57 7.89 -0.17
N VAL A 4 -5.38 7.28 -0.08
CA VAL A 4 -4.79 6.48 -1.15
C VAL A 4 -5.05 4.99 -0.86
N GLU A 5 -5.56 4.27 -1.87
CA GLU A 5 -5.92 2.85 -1.78
C GLU A 5 -5.27 2.11 -2.94
N VAL A 6 -4.59 1.00 -2.64
CA VAL A 6 -3.93 0.12 -3.63
C VAL A 6 -4.25 -1.34 -3.29
N GLU A 7 -4.62 -2.11 -4.31
CA GLU A 7 -4.76 -3.57 -4.23
C GLU A 7 -3.41 -4.19 -4.56
N VAL A 8 -2.70 -4.66 -3.53
CA VAL A 8 -1.38 -5.29 -3.68
C VAL A 8 -1.55 -6.82 -3.55
N LYS A 9 -1.48 -7.55 -4.68
CA LYS A 9 -1.66 -9.01 -4.68
C LYS A 9 -0.29 -9.69 -4.62
N ILE A 10 -0.10 -10.47 -3.56
CA ILE A 10 1.18 -11.07 -3.17
C ILE A 10 1.20 -12.54 -3.61
N THR A 11 2.02 -12.84 -4.63
CA THR A 11 2.18 -14.17 -5.18
C THR A 11 3.30 -14.94 -4.43
N ALA A 12 2.92 -16.10 -3.86
CA ALA A 12 3.82 -17.03 -3.18
C ALA A 12 3.25 -18.45 -3.29
N ASP A 13 4.11 -19.47 -3.13
CA ASP A 13 3.74 -20.91 -3.23
C ASP A 13 2.61 -21.27 -2.23
N ASP A 14 2.71 -20.73 -1.01
CA ASP A 14 1.70 -20.90 0.04
C ASP A 14 1.10 -19.54 0.41
N GLU A 15 -0.22 -19.40 0.16
CA GLU A 15 -0.99 -18.22 0.58
C GLU A 15 -1.13 -18.17 2.12
N ASN A 16 -1.14 -19.37 2.75
CA ASN A 16 -1.17 -19.54 4.20
C ASN A 16 0.12 -18.96 4.84
N LYS A 17 1.28 -19.32 4.26
CA LYS A 17 2.59 -18.85 4.74
C LYS A 17 2.76 -17.34 4.52
N ALA A 18 2.33 -16.88 3.32
CA ALA A 18 2.49 -15.50 2.88
C ALA A 18 1.85 -14.49 3.84
N GLU A 19 0.56 -14.71 4.15
CA GLU A 19 -0.25 -13.76 4.93
C GLU A 19 0.29 -13.55 6.35
N GLU A 20 0.75 -14.63 7.00
CA GLU A 20 1.24 -14.59 8.40
C GLU A 20 2.47 -13.69 8.52
N ILE A 21 3.44 -13.92 7.61
CA ILE A 21 4.68 -13.14 7.53
C ILE A 21 4.33 -11.67 7.26
N VAL A 22 3.58 -11.43 6.16
CA VAL A 22 3.20 -10.08 5.70
C VAL A 22 2.50 -9.26 6.80
N LYS A 23 1.47 -9.86 7.44
CA LYS A 23 0.67 -9.20 8.51
C LYS A 23 1.54 -8.76 9.70
N ARG A 24 2.43 -9.67 10.14
CA ARG A 24 3.31 -9.41 11.29
C ARG A 24 4.32 -8.28 10.95
N VAL A 25 4.77 -8.27 9.70
CA VAL A 25 5.67 -7.24 9.17
C VAL A 25 4.93 -5.89 9.02
N ILE A 26 3.62 -5.93 8.67
CA ILE A 26 2.78 -4.69 8.59
C ILE A 26 2.62 -4.09 10.00
N ASP A 27 2.50 -4.97 11.02
CA ASP A 27 2.39 -4.58 12.44
C ASP A 27 3.65 -3.84 12.90
N GLU A 28 4.81 -4.35 12.44
CA GLU A 28 6.10 -3.70 12.66
C GLU A 28 6.17 -2.33 11.97
N VAL A 29 5.96 -2.33 10.64
CA VAL A 29 6.09 -1.14 9.79
C VAL A 29 5.06 -0.04 10.18
N GLU A 30 3.90 -0.47 10.70
CA GLU A 30 2.78 0.44 11.05
C GLU A 30 3.21 1.44 12.11
N ARG A 31 3.80 0.93 13.20
CA ARG A 31 4.25 1.76 14.34
C ARG A 31 5.48 2.61 13.93
N GLU A 32 6.27 2.09 12.96
CA GLU A 32 7.43 2.80 12.39
C GLU A 32 6.99 3.98 11.49
N VAL A 33 5.80 3.84 10.89
CA VAL A 33 5.18 4.89 10.09
C VAL A 33 4.47 5.92 10.99
N GLN A 34 3.84 5.47 12.08
CA GLN A 34 3.08 6.37 12.99
C GLN A 34 4.00 7.36 13.75
N LYS A 35 5.29 6.98 13.92
CA LYS A 35 6.27 7.81 14.66
C LYS A 35 6.98 8.82 13.72
N GLN A 36 6.80 8.67 12.40
CA GLN A 36 7.40 9.57 11.37
C GLN A 36 6.30 10.43 10.74
N TYR A 37 5.25 9.72 10.31
CA TYR A 37 4.02 10.30 9.75
C TYR A 37 2.86 10.07 10.75
N PRO A 38 2.61 11.00 11.73
CA PRO A 38 1.44 10.89 12.65
C PRO A 38 0.12 11.13 11.91
N ASN A 39 0.25 11.80 10.75
CA ASN A 39 -0.87 12.14 9.84
C ASN A 39 -1.36 10.91 9.07
N ALA A 40 -0.50 9.89 8.92
CA ALA A 40 -0.81 8.70 8.10
C ALA A 40 -1.62 7.68 8.91
N THR A 41 -2.78 7.28 8.38
CA THR A 41 -3.63 6.25 8.97
C THR A 41 -3.59 5.01 8.07
N ILE A 42 -3.03 3.92 8.59
CA ILE A 42 -2.85 2.66 7.86
C ILE A 42 -4.05 1.73 8.12
N THR A 43 -4.70 1.31 7.05
CA THR A 43 -5.84 0.39 7.07
C THR A 43 -5.57 -0.69 6.03
N ARG A 44 -5.55 -1.97 6.44
CA ARG A 44 -5.11 -3.08 5.57
C ARG A 44 -6.07 -4.26 5.72
N THR A 45 -6.37 -4.90 4.58
CA THR A 45 -7.26 -6.08 4.53
C THR A 45 -6.67 -7.12 3.56
N LEU A 46 -6.23 -8.27 4.11
CA LEU A 46 -5.66 -9.38 3.33
C LEU A 46 -6.76 -10.44 3.09
N THR A 47 -6.89 -10.88 1.83
CA THR A 47 -7.87 -11.90 1.39
C THR A 47 -7.14 -12.95 0.53
N ARG A 48 -7.07 -14.21 1.01
CA ARG A 48 -6.36 -15.28 0.29
C ARG A 48 -7.29 -15.87 -0.79
N ASP A 49 -6.81 -15.87 -2.04
CA ASP A 49 -7.60 -16.26 -3.22
C ASP A 49 -6.67 -16.93 -4.25
N ASP A 50 -6.86 -18.25 -4.42
CA ASP A 50 -6.17 -19.07 -5.45
C ASP A 50 -4.64 -18.96 -5.35
N GLY A 51 -4.12 -19.17 -4.12
CA GLY A 51 -2.66 -19.14 -3.87
C GLY A 51 -2.08 -17.73 -3.72
N THR A 52 -2.93 -16.70 -3.90
CA THR A 52 -2.48 -15.29 -3.95
C THR A 52 -3.18 -14.47 -2.86
N VAL A 53 -2.40 -13.92 -1.90
CA VAL A 53 -2.95 -13.10 -0.80
C VAL A 53 -3.08 -11.64 -1.24
N GLU A 54 -4.30 -11.15 -1.31
CA GLU A 54 -4.61 -9.80 -1.77
C GLU A 54 -4.60 -8.84 -0.57
N LEU A 55 -3.50 -8.12 -0.41
CA LEU A 55 -3.31 -7.11 0.62
C LEU A 55 -3.72 -5.75 0.04
N ARG A 56 -4.87 -5.24 0.46
CA ARG A 56 -5.34 -3.92 0.04
C ARG A 56 -4.90 -2.88 1.09
N ILE A 57 -3.90 -2.04 0.73
CA ILE A 57 -3.30 -1.04 1.62
C ILE A 57 -4.00 0.30 1.40
N LYS A 58 -4.50 0.88 2.50
CA LYS A 58 -5.20 2.16 2.50
C LYS A 58 -4.44 3.11 3.42
N VAL A 59 -3.68 4.03 2.83
CA VAL A 59 -2.93 5.05 3.58
C VAL A 59 -3.64 6.40 3.41
N LYS A 60 -4.33 6.84 4.45
CA LYS A 60 -4.94 8.17 4.49
C LYS A 60 -3.87 9.14 5.00
N ALA A 61 -3.37 10.01 4.12
CA ALA A 61 -2.24 10.90 4.42
C ALA A 61 -2.56 12.33 3.96
N ASP A 62 -1.70 13.27 4.38
CA ASP A 62 -1.79 14.68 3.99
C ASP A 62 -1.51 14.85 2.48
N THR A 63 -0.55 14.05 1.95
CA THR A 63 -0.11 14.12 0.54
C THR A 63 -0.05 12.71 -0.08
N GLU A 64 -0.48 12.59 -1.35
CA GLU A 64 -0.56 11.29 -2.07
C GLU A 64 0.83 10.75 -2.45
N GLU A 65 1.83 11.66 -2.54
CA GLU A 65 3.24 11.28 -2.79
C GLU A 65 3.80 10.46 -1.63
N LYS A 66 3.68 11.02 -0.41
CA LYS A 66 4.23 10.41 0.82
C LYS A 66 3.41 9.20 1.24
N ALA A 67 2.13 9.16 0.82
CA ALA A 67 1.28 7.98 0.99
C ALA A 67 1.83 6.79 0.19
N LYS A 68 2.27 7.05 -1.08
CA LYS A 68 2.91 6.03 -1.93
C LYS A 68 4.24 5.58 -1.33
N SER A 69 4.98 6.54 -0.73
CA SER A 69 6.28 6.29 -0.07
C SER A 69 6.12 5.28 1.08
N ILE A 70 5.02 5.43 1.83
CA ILE A 70 4.64 4.53 2.93
C ILE A 70 4.29 3.14 2.39
N ILE A 71 3.45 3.08 1.35
CA ILE A 71 3.06 1.82 0.66
C ILE A 71 4.33 1.11 0.15
N LYS A 72 5.26 1.90 -0.40
CA LYS A 72 6.51 1.41 -0.99
C LYS A 72 7.36 0.69 0.06
N LEU A 73 7.62 1.36 1.20
CA LEU A 73 8.49 0.81 2.24
C LEU A 73 7.83 -0.36 2.99
N ILE A 74 6.47 -0.42 2.97
CA ILE A 74 5.71 -1.61 3.44
C ILE A 74 6.05 -2.80 2.53
N GLU A 75 5.98 -2.56 1.21
CA GLU A 75 6.21 -3.58 0.16
C GLU A 75 7.65 -4.09 0.13
N GLU A 76 8.62 -3.19 0.42
CA GLU A 76 10.05 -3.58 0.51
C GLU A 76 10.24 -4.61 1.64
N ARG A 77 9.61 -4.31 2.78
CA ARG A 77 9.72 -5.14 4.00
C ARG A 77 8.97 -6.49 3.83
N ILE A 78 7.65 -6.42 3.54
CA ILE A 78 6.76 -7.62 3.50
C ILE A 78 7.21 -8.65 2.44
N GLU A 79 7.71 -8.15 1.27
CA GLU A 79 8.20 -9.05 0.20
C GLU A 79 9.51 -9.69 0.66
N GLU A 80 10.48 -8.86 1.12
CA GLU A 80 11.85 -9.32 1.46
C GLU A 80 11.82 -10.43 2.51
N GLU A 81 11.00 -10.23 3.56
CA GLU A 81 10.83 -11.19 4.66
C GLU A 81 10.27 -12.52 4.14
N LEU A 82 9.19 -12.44 3.36
CA LEU A 82 8.55 -13.61 2.73
C LEU A 82 9.47 -14.26 1.67
N ARG A 83 10.36 -13.45 1.05
CA ARG A 83 11.14 -13.87 -0.12
C ARG A 83 12.42 -14.62 0.30
N LYS A 84 12.87 -14.37 1.55
CA LYS A 84 13.95 -15.17 2.17
C LYS A 84 13.48 -16.60 2.50
N ARG A 85 12.15 -16.82 2.43
CA ARG A 85 11.51 -18.11 2.72
C ARG A 85 10.85 -18.69 1.43
N ASP A 86 10.52 -17.80 0.48
CA ASP A 86 9.91 -18.14 -0.81
C ASP A 86 10.65 -17.34 -1.90
N PRO A 87 11.56 -17.97 -2.69
CA PRO A 87 12.49 -17.23 -3.62
C PRO A 87 11.77 -16.42 -4.72
N ASN A 88 10.54 -16.83 -5.06
CA ASN A 88 9.73 -16.19 -6.13
C ASN A 88 8.67 -15.21 -5.57
N ALA A 89 8.64 -15.02 -4.24
CA ALA A 89 7.68 -14.12 -3.58
C ALA A 89 7.80 -12.69 -4.11
N THR A 90 6.70 -12.17 -4.68
CA THR A 90 6.64 -10.83 -5.22
C THR A 90 5.25 -10.24 -5.03
N ILE A 91 5.20 -8.98 -4.61
CA ILE A 91 3.94 -8.25 -4.43
C ILE A 91 3.64 -7.41 -5.71
N THR A 92 2.36 -7.30 -6.08
CA THR A 92 1.94 -6.59 -7.31
C THR A 92 1.04 -5.41 -6.91
N ARG A 93 1.54 -4.17 -7.06
CA ARG A 93 0.79 -2.97 -6.67
C ARG A 93 -0.10 -2.49 -7.83
N THR A 94 -1.41 -2.72 -7.69
CA THR A 94 -2.43 -2.19 -8.60
C THR A 94 -3.21 -1.10 -7.84
N VAL A 95 -3.10 0.17 -8.28
CA VAL A 95 -3.74 1.30 -7.57
C VAL A 95 -5.27 1.28 -7.83
N ARG A 96 -6.04 1.53 -6.76
CA ARG A 96 -7.52 1.46 -6.77
C ARG A 96 -8.15 2.86 -6.79
N THR A 97 -7.32 3.92 -6.77
CA THR A 97 -7.80 5.30 -6.77
C THR A 97 -6.77 6.24 -7.45
N GLU A 98 -7.24 7.44 -7.79
CA GLU A 98 -6.41 8.55 -8.28
C GLU A 98 -7.27 9.82 -8.29
N VAL A 99 -6.82 10.85 -9.01
CA VAL A 99 -7.65 12.01 -9.36
C VAL A 99 -7.18 12.56 -10.74
N GLY A 100 -7.83 12.05 -11.80
CA GLY A 100 -7.59 12.48 -13.18
C GLY A 100 -8.81 13.18 -13.79
N SER A 101 -9.96 13.09 -13.10
CA SER A 101 -11.21 13.76 -13.52
C SER A 101 -11.05 15.29 -13.39
N SER A 102 -11.06 15.98 -14.53
CA SER A 102 -10.86 17.43 -14.62
C SER A 102 -11.44 17.95 -15.95
N TRP A 103 -12.49 18.78 -15.85
CA TRP A 103 -13.07 19.51 -17.00
C TRP A 103 -13.68 20.83 -16.50
N SER A 104 -13.36 21.94 -17.20
CA SER A 104 -13.89 23.27 -16.86
C SER A 104 -15.26 23.47 -17.51
N LEU A 105 -16.24 23.95 -16.72
CA LEU A 105 -17.61 24.20 -17.20
C LEU A 105 -17.86 25.72 -17.27
N GLU A 106 -18.33 26.19 -18.45
CA GLU A 106 -18.62 27.61 -18.70
C GLU A 106 -19.66 27.75 -19.83
N HIS A 107 -20.53 28.76 -19.70
CA HIS A 107 -21.61 29.06 -20.64
C HIS A 107 -21.90 30.58 -20.64
N HIS A 108 -21.71 31.22 -21.81
CA HIS A 108 -21.99 32.66 -22.01
C HIS A 108 -22.89 32.82 -23.26
N HIS A 109 -24.19 33.09 -23.04
CA HIS A 109 -25.18 33.31 -24.13
C HIS A 109 -26.44 33.98 -23.56
N HIS A 110 -27.13 34.80 -24.38
CA HIS A 110 -28.41 35.44 -24.02
C HIS A 110 -29.11 35.97 -25.28
N HIS A 111 -30.38 35.58 -25.45
CA HIS A 111 -31.27 36.05 -26.53
C HIS A 111 -32.64 36.43 -25.92
N HIS A 112 -33.12 37.63 -26.24
CA HIS A 112 -34.44 38.12 -25.81
C HIS A 112 -34.98 39.10 -26.87
N MET A 1 -5.76 16.48 3.17
CA MET A 1 -5.73 15.00 3.33
C MET A 1 -6.45 14.32 2.15
N LEU A 2 -5.79 13.31 1.58
CA LEU A 2 -6.30 12.41 0.54
C LEU A 2 -6.14 10.95 1.00
N THR A 3 -6.91 10.04 0.40
CA THR A 3 -6.88 8.61 0.76
C THR A 3 -6.34 7.81 -0.43
N VAL A 4 -5.21 7.10 -0.20
CA VAL A 4 -4.46 6.37 -1.25
C VAL A 4 -4.65 4.85 -1.11
N GLU A 5 -5.42 4.24 -2.04
CA GLU A 5 -5.63 2.79 -2.10
C GLU A 5 -4.72 2.14 -3.15
N VAL A 6 -4.21 0.95 -2.80
CA VAL A 6 -3.57 0.00 -3.73
C VAL A 6 -3.99 -1.43 -3.29
N GLU A 7 -4.39 -2.25 -4.26
CA GLU A 7 -4.66 -3.68 -4.08
C GLU A 7 -3.36 -4.44 -4.44
N VAL A 8 -2.67 -4.97 -3.44
CA VAL A 8 -1.41 -5.69 -3.62
C VAL A 8 -1.70 -7.21 -3.64
N LYS A 9 -1.61 -7.80 -4.84
CA LYS A 9 -1.80 -9.24 -5.06
C LYS A 9 -0.47 -9.97 -4.83
N ILE A 10 -0.40 -10.69 -3.71
CA ILE A 10 0.81 -11.37 -3.26
C ILE A 10 0.77 -12.83 -3.74
N THR A 11 1.57 -13.14 -4.75
CA THR A 11 1.74 -14.50 -5.27
C THR A 11 2.94 -15.17 -4.60
N ALA A 12 2.67 -16.25 -3.87
CA ALA A 12 3.68 -17.09 -3.19
C ALA A 12 3.32 -18.56 -3.38
N ASP A 13 4.28 -19.46 -3.06
CA ASP A 13 4.08 -20.92 -3.18
C ASP A 13 3.03 -21.40 -2.17
N ASP A 14 3.03 -20.78 -0.98
CA ASP A 14 2.08 -21.08 0.10
C ASP A 14 1.47 -19.75 0.58
N GLU A 15 0.20 -19.49 0.21
CA GLU A 15 -0.51 -18.24 0.55
C GLU A 15 -0.69 -18.06 2.08
N ASN A 16 -0.88 -19.16 2.81
CA ASN A 16 -1.04 -19.13 4.28
C ASN A 16 0.28 -18.69 4.97
N LYS A 17 1.42 -19.09 4.38
CA LYS A 17 2.75 -18.67 4.84
C LYS A 17 2.94 -17.17 4.58
N ALA A 18 2.61 -16.75 3.34
CA ALA A 18 2.76 -15.35 2.88
C ALA A 18 1.96 -14.39 3.76
N GLU A 19 0.76 -14.83 4.19
CA GLU A 19 -0.14 -14.02 5.02
C GLU A 19 0.51 -13.71 6.39
N GLU A 20 1.00 -14.75 7.08
CA GLU A 20 1.65 -14.62 8.41
C GLU A 20 2.80 -13.59 8.39
N ILE A 21 3.61 -13.68 7.33
CA ILE A 21 4.75 -12.78 7.09
C ILE A 21 4.29 -11.32 7.05
N VAL A 22 3.31 -11.05 6.17
CA VAL A 22 2.82 -9.70 5.87
C VAL A 22 2.06 -9.08 7.08
N LYS A 23 1.37 -9.93 7.87
CA LYS A 23 0.67 -9.49 9.11
C LYS A 23 1.70 -8.93 10.12
N ARG A 24 2.75 -9.73 10.37
CA ARG A 24 3.86 -9.38 11.26
C ARG A 24 4.54 -8.08 10.83
N VAL A 25 4.84 -7.99 9.52
CA VAL A 25 5.57 -6.87 8.92
C VAL A 25 4.83 -5.54 9.13
N ILE A 26 3.57 -5.45 8.66
CA ILE A 26 2.81 -4.18 8.68
C ILE A 26 2.43 -3.76 10.12
N ASP A 27 2.36 -4.75 11.04
CA ASP A 27 2.24 -4.50 12.49
C ASP A 27 3.43 -3.66 13.00
N GLU A 28 4.65 -4.18 12.74
CA GLU A 28 5.89 -3.54 13.18
C GLU A 28 6.24 -2.28 12.36
N VAL A 29 5.76 -2.21 11.10
CA VAL A 29 6.00 -1.06 10.22
C VAL A 29 5.11 0.14 10.63
N GLU A 30 3.79 -0.12 10.85
CA GLU A 30 2.82 0.96 11.14
C GLU A 30 3.18 1.71 12.42
N ARG A 31 3.56 0.98 13.48
CA ARG A 31 3.94 1.59 14.78
C ARG A 31 5.14 2.55 14.60
N GLU A 32 6.00 2.24 13.62
CA GLU A 32 7.18 3.05 13.29
C GLU A 32 6.86 4.17 12.26
N VAL A 33 5.75 4.02 11.51
CA VAL A 33 5.27 5.06 10.58
C VAL A 33 4.54 6.17 11.35
N GLN A 34 3.64 5.78 12.26
CA GLN A 34 2.75 6.70 13.01
C GLN A 34 3.54 7.72 13.86
N LYS A 35 4.77 7.35 14.26
CA LYS A 35 5.62 8.17 15.15
C LYS A 35 6.23 9.37 14.38
N GLN A 36 6.31 9.23 13.04
CA GLN A 36 6.81 10.29 12.12
C GLN A 36 5.66 10.91 11.31
N TYR A 37 4.60 10.11 11.05
CA TYR A 37 3.45 10.46 10.20
C TYR A 37 2.15 10.42 11.04
N PRO A 38 1.78 11.53 11.76
CA PRO A 38 0.57 11.57 12.63
C PRO A 38 -0.76 11.62 11.84
N ASN A 39 -0.70 12.14 10.60
CA ASN A 39 -1.91 12.27 9.72
C ASN A 39 -2.06 11.06 8.78
N ALA A 40 -1.11 10.12 8.81
CA ALA A 40 -1.16 8.91 7.95
C ALA A 40 -1.75 7.72 8.71
N THR A 41 -2.81 7.09 8.15
CA THR A 41 -3.45 5.90 8.73
C THR A 41 -3.32 4.73 7.74
N ILE A 42 -2.60 3.67 8.14
CA ILE A 42 -2.35 2.50 7.28
C ILE A 42 -3.47 1.47 7.48
N THR A 43 -4.37 1.39 6.50
CA THR A 43 -5.41 0.36 6.48
C THR A 43 -4.86 -0.83 5.69
N ARG A 44 -5.03 -2.05 6.23
CA ARG A 44 -4.58 -3.28 5.55
C ARG A 44 -5.54 -4.41 5.87
N THR A 45 -5.96 -5.13 4.82
CA THR A 45 -6.82 -6.31 4.94
C THR A 45 -6.26 -7.43 4.03
N LEU A 46 -5.78 -8.52 4.64
CA LEU A 46 -5.28 -9.69 3.92
C LEU A 46 -6.44 -10.69 3.76
N THR A 47 -6.76 -11.04 2.51
CA THR A 47 -7.81 -11.99 2.18
C THR A 47 -7.27 -12.94 1.11
N ARG A 48 -7.06 -14.22 1.48
CA ARG A 48 -6.48 -15.22 0.59
C ARG A 48 -7.60 -15.77 -0.29
N ASP A 49 -7.68 -15.25 -1.51
CA ASP A 49 -8.74 -15.56 -2.48
C ASP A 49 -8.08 -16.00 -3.81
N ASP A 50 -8.58 -17.12 -4.36
CA ASP A 50 -8.12 -17.68 -5.65
C ASP A 50 -6.61 -18.07 -5.57
N GLY A 51 -6.21 -18.64 -4.41
CA GLY A 51 -4.83 -19.11 -4.17
C GLY A 51 -3.81 -17.98 -4.06
N THR A 52 -4.29 -16.76 -3.81
CA THR A 52 -3.45 -15.54 -3.77
C THR A 52 -3.85 -14.66 -2.57
N VAL A 53 -2.85 -14.10 -1.84
CA VAL A 53 -3.10 -13.21 -0.69
C VAL A 53 -3.36 -11.79 -1.21
N GLU A 54 -4.60 -11.32 -1.11
CA GLU A 54 -4.94 -9.96 -1.53
C GLU A 54 -4.80 -9.03 -0.33
N LEU A 55 -3.67 -8.32 -0.30
CA LEU A 55 -3.38 -7.31 0.71
C LEU A 55 -3.81 -5.94 0.18
N ARG A 56 -4.89 -5.39 0.72
CA ARG A 56 -5.42 -4.10 0.29
C ARG A 56 -4.92 -3.01 1.25
N ILE A 57 -3.91 -2.24 0.80
CA ILE A 57 -3.29 -1.17 1.59
C ILE A 57 -3.94 0.17 1.22
N LYS A 58 -4.51 0.85 2.20
CA LYS A 58 -5.13 2.16 2.02
C LYS A 58 -4.56 3.12 3.06
N VAL A 59 -3.61 3.97 2.63
CA VAL A 59 -2.97 4.96 3.51
C VAL A 59 -3.63 6.32 3.31
N LYS A 60 -4.42 6.74 4.29
CA LYS A 60 -5.04 8.06 4.31
C LYS A 60 -4.02 9.02 4.94
N ALA A 61 -3.45 9.91 4.12
CA ALA A 61 -2.37 10.83 4.53
C ALA A 61 -2.64 12.21 3.93
N ASP A 62 -1.80 13.20 4.26
CA ASP A 62 -1.95 14.57 3.77
C ASP A 62 -1.65 14.65 2.25
N THR A 63 -0.50 14.09 1.83
CA THR A 63 -0.02 14.13 0.43
C THR A 63 0.24 12.71 -0.11
N GLU A 64 -0.01 12.52 -1.43
CA GLU A 64 0.04 11.20 -2.08
C GLU A 64 1.47 10.67 -2.22
N GLU A 65 2.46 11.58 -2.30
CA GLU A 65 3.89 11.23 -2.40
C GLU A 65 4.35 10.51 -1.12
N LYS A 66 3.93 11.08 0.03
CA LYS A 66 4.27 10.54 1.36
C LYS A 66 3.49 9.26 1.65
N ALA A 67 2.23 9.21 1.16
CA ALA A 67 1.37 8.02 1.29
C ALA A 67 1.93 6.83 0.48
N LYS A 68 2.43 7.13 -0.74
CA LYS A 68 3.10 6.13 -1.61
C LYS A 68 4.42 5.67 -0.97
N SER A 69 5.14 6.61 -0.35
CA SER A 69 6.41 6.34 0.36
C SER A 69 6.24 5.29 1.46
N ILE A 70 5.12 5.42 2.19
CA ILE A 70 4.74 4.49 3.26
C ILE A 70 4.41 3.10 2.68
N ILE A 71 3.55 3.07 1.65
CA ILE A 71 3.18 1.81 0.97
C ILE A 71 4.43 1.14 0.36
N LYS A 72 5.33 1.97 -0.19
CA LYS A 72 6.56 1.54 -0.87
C LYS A 72 7.45 0.74 0.09
N LEU A 73 7.74 1.32 1.27
CA LEU A 73 8.61 0.68 2.26
C LEU A 73 7.93 -0.57 2.87
N ILE A 74 6.58 -0.56 2.97
CA ILE A 74 5.78 -1.75 3.39
C ILE A 74 6.02 -2.90 2.39
N GLU A 75 5.97 -2.56 1.09
CA GLU A 75 6.16 -3.52 -0.02
C GLU A 75 7.59 -4.06 -0.03
N GLU A 76 8.57 -3.21 0.31
CA GLU A 76 9.99 -3.61 0.39
C GLU A 76 10.21 -4.63 1.54
N ARG A 77 9.43 -4.46 2.62
CA ARG A 77 9.55 -5.27 3.84
C ARG A 77 8.80 -6.62 3.74
N ILE A 78 7.58 -6.60 3.15
CA ILE A 78 6.77 -7.81 2.98
C ILE A 78 7.41 -8.73 1.92
N GLU A 79 8.00 -8.08 0.88
CA GLU A 79 8.74 -8.78 -0.18
C GLU A 79 10.03 -9.38 0.37
N GLU A 80 10.72 -8.61 1.25
CA GLU A 80 11.98 -9.04 1.89
C GLU A 80 11.80 -10.36 2.63
N GLU A 81 10.91 -10.37 3.64
CA GLU A 81 10.72 -11.52 4.53
C GLU A 81 10.12 -12.74 3.80
N LEU A 82 9.37 -12.50 2.71
CA LEU A 82 8.72 -13.57 1.93
C LEU A 82 9.70 -14.19 0.92
N ARG A 83 10.48 -13.35 0.22
CA ARG A 83 11.37 -13.81 -0.87
C ARG A 83 12.68 -14.43 -0.34
N LYS A 84 13.08 -14.04 0.91
CA LYS A 84 14.24 -14.66 1.60
C LYS A 84 14.01 -16.17 1.88
N ARG A 85 12.72 -16.58 1.93
CA ARG A 85 12.34 -18.00 2.14
C ARG A 85 11.65 -18.58 0.89
N ASP A 86 11.24 -17.72 -0.05
CA ASP A 86 10.66 -18.13 -1.34
C ASP A 86 11.28 -17.27 -2.47
N PRO A 87 12.42 -17.72 -3.10
CA PRO A 87 13.23 -16.90 -4.06
C PRO A 87 12.44 -16.33 -5.27
N ASN A 88 11.30 -16.95 -5.62
CA ASN A 88 10.48 -16.53 -6.79
C ASN A 88 9.09 -16.02 -6.37
N ALA A 89 8.94 -15.67 -5.08
CA ALA A 89 7.73 -14.99 -4.57
C ALA A 89 7.77 -13.51 -4.93
N THR A 90 6.61 -12.94 -5.28
CA THR A 90 6.52 -11.54 -5.70
C THR A 90 5.15 -10.95 -5.30
N ILE A 91 5.15 -9.71 -4.80
CA ILE A 91 3.92 -8.94 -4.55
C ILE A 91 3.67 -7.99 -5.75
N THR A 92 2.40 -7.82 -6.16
CA THR A 92 2.05 -7.02 -7.35
C THR A 92 1.09 -5.88 -6.97
N ARG A 93 1.56 -4.64 -7.09
CA ARG A 93 0.78 -3.44 -6.73
C ARG A 93 -0.16 -3.04 -7.88
N THR A 94 -1.45 -3.30 -7.71
CA THR A 94 -2.50 -2.71 -8.53
C THR A 94 -2.92 -1.39 -7.88
N VAL A 95 -2.58 -0.24 -8.50
CA VAL A 95 -2.94 1.07 -7.94
C VAL A 95 -4.45 1.30 -8.11
N ARG A 96 -5.10 1.63 -6.99
CA ARG A 96 -6.56 1.69 -6.88
C ARG A 96 -7.04 3.11 -6.52
N THR A 97 -6.18 4.10 -6.78
CA THR A 97 -6.52 5.51 -6.53
C THR A 97 -5.81 6.42 -7.56
N GLU A 98 -6.35 7.63 -7.69
CA GLU A 98 -5.69 8.75 -8.39
C GLU A 98 -6.29 10.07 -7.87
N VAL A 99 -5.43 11.07 -7.72
CA VAL A 99 -5.83 12.41 -7.24
C VAL A 99 -5.50 13.46 -8.34
N GLY A 100 -6.56 13.96 -8.99
CA GLY A 100 -6.45 15.00 -10.00
C GLY A 100 -6.50 16.39 -9.39
N SER A 101 -5.40 16.77 -8.71
CA SER A 101 -5.26 18.10 -8.08
C SER A 101 -5.06 19.19 -9.16
N SER A 102 -6.18 19.70 -9.68
CA SER A 102 -6.17 20.85 -10.61
C SER A 102 -6.27 22.14 -9.80
N TRP A 103 -5.25 23.01 -9.91
CA TRP A 103 -5.17 24.26 -9.15
C TRP A 103 -4.23 25.23 -9.88
N SER A 104 -4.78 26.34 -10.36
CA SER A 104 -4.03 27.42 -11.02
C SER A 104 -3.65 28.46 -9.97
N LEU A 105 -2.41 28.36 -9.47
CA LEU A 105 -1.89 29.26 -8.44
C LEU A 105 -1.51 30.61 -9.06
N GLU A 106 -2.40 31.60 -8.91
CA GLU A 106 -2.22 32.94 -9.47
C GLU A 106 -2.98 33.97 -8.61
N HIS A 107 -2.23 34.91 -7.99
CA HIS A 107 -2.79 36.01 -7.20
C HIS A 107 -1.93 37.28 -7.44
N HIS A 108 -2.35 38.08 -8.44
CA HIS A 108 -1.68 39.35 -8.82
C HIS A 108 -2.61 40.16 -9.74
N HIS A 109 -2.16 41.37 -10.13
CA HIS A 109 -2.91 42.26 -11.04
C HIS A 109 -1.92 42.93 -12.01
N HIS A 110 -0.98 43.71 -11.44
CA HIS A 110 0.00 44.49 -12.22
C HIS A 110 1.20 44.87 -11.32
N HIS A 111 2.41 44.56 -11.79
CA HIS A 111 3.67 44.98 -11.15
C HIS A 111 4.00 46.43 -11.56
N HIS A 112 4.26 47.29 -10.58
CA HIS A 112 4.77 48.66 -10.81
C HIS A 112 6.32 48.64 -10.68
N MET A 1 -8.64 15.36 4.38
CA MET A 1 -7.43 14.54 4.09
C MET A 1 -7.81 13.38 3.17
N LEU A 2 -6.85 12.92 2.35
CA LEU A 2 -7.08 11.87 1.34
C LEU A 2 -6.68 10.48 1.88
N THR A 3 -7.15 9.43 1.21
CA THR A 3 -6.81 8.05 1.56
C THR A 3 -6.34 7.28 0.30
N VAL A 4 -5.12 6.73 0.37
CA VAL A 4 -4.42 6.09 -0.77
C VAL A 4 -4.55 4.56 -0.68
N GLU A 5 -5.18 3.96 -1.71
CA GLU A 5 -5.41 2.49 -1.79
C GLU A 5 -4.64 1.86 -2.97
N VAL A 6 -3.94 0.76 -2.70
CA VAL A 6 -3.32 -0.11 -3.73
C VAL A 6 -3.80 -1.57 -3.52
N GLU A 7 -3.62 -2.40 -4.55
CA GLU A 7 -4.02 -3.81 -4.55
C GLU A 7 -2.81 -4.66 -4.98
N VAL A 8 -2.25 -5.42 -4.06
CA VAL A 8 -1.02 -6.16 -4.25
C VAL A 8 -1.33 -7.67 -4.22
N LYS A 9 -1.28 -8.31 -5.40
CA LYS A 9 -1.57 -9.73 -5.56
C LYS A 9 -0.29 -10.55 -5.28
N ILE A 10 -0.26 -11.20 -4.11
CA ILE A 10 0.92 -11.92 -3.62
C ILE A 10 0.79 -13.40 -3.98
N THR A 11 1.52 -13.82 -5.01
CA THR A 11 1.47 -15.18 -5.55
C THR A 11 2.48 -16.07 -4.81
N ALA A 12 1.97 -16.99 -3.98
CA ALA A 12 2.77 -17.88 -3.13
C ALA A 12 2.17 -19.28 -3.10
N ASP A 13 3.01 -20.29 -2.80
CA ASP A 13 2.61 -21.71 -2.77
C ASP A 13 1.53 -21.94 -1.69
N ASP A 14 1.61 -21.16 -0.60
CA ASP A 14 0.55 -21.08 0.41
C ASP A 14 0.23 -19.61 0.65
N GLU A 15 -0.98 -19.20 0.25
CA GLU A 15 -1.51 -17.85 0.49
C GLU A 15 -1.67 -17.59 2.01
N ASN A 16 -1.94 -18.64 2.81
CA ASN A 16 -2.01 -18.54 4.28
C ASN A 16 -0.65 -18.11 4.85
N LYS A 17 0.42 -18.77 4.34
CA LYS A 17 1.80 -18.51 4.76
C LYS A 17 2.21 -17.06 4.46
N ALA A 18 2.04 -16.68 3.18
CA ALA A 18 2.41 -15.35 2.67
C ALA A 18 1.68 -14.23 3.44
N GLU A 19 0.38 -14.46 3.69
CA GLU A 19 -0.49 -13.53 4.40
C GLU A 19 0.07 -13.21 5.81
N GLU A 20 0.33 -14.27 6.58
CA GLU A 20 0.75 -14.15 8.00
C GLU A 20 2.07 -13.37 8.14
N ILE A 21 3.03 -13.67 7.23
CA ILE A 21 4.32 -12.99 7.18
C ILE A 21 4.10 -11.49 6.91
N VAL A 22 3.36 -11.19 5.83
CA VAL A 22 3.10 -9.82 5.35
C VAL A 22 2.33 -8.98 6.40
N LYS A 23 1.35 -9.59 7.08
CA LYS A 23 0.57 -8.95 8.17
C LYS A 23 1.49 -8.51 9.30
N ARG A 24 2.38 -9.43 9.71
CA ARG A 24 3.36 -9.20 10.78
C ARG A 24 4.34 -8.09 10.37
N VAL A 25 4.78 -8.10 9.09
CA VAL A 25 5.73 -7.10 8.56
C VAL A 25 5.10 -5.70 8.55
N ILE A 26 3.87 -5.57 8.02
CA ILE A 26 3.16 -4.27 7.94
C ILE A 26 2.88 -3.71 9.34
N ASP A 27 2.69 -4.61 10.31
CA ASP A 27 2.49 -4.23 11.73
C ASP A 27 3.80 -3.69 12.33
N GLU A 28 4.95 -4.25 11.88
CA GLU A 28 6.29 -3.70 12.23
C GLU A 28 6.45 -2.29 11.62
N VAL A 29 6.09 -2.17 10.33
CA VAL A 29 6.23 -0.93 9.55
C VAL A 29 5.29 0.16 10.07
N GLU A 30 4.12 -0.27 10.56
CA GLU A 30 3.06 0.61 11.04
C GLU A 30 3.59 1.47 12.19
N ARG A 31 4.24 0.83 13.16
CA ARG A 31 4.83 1.53 14.33
C ARG A 31 6.09 2.34 13.95
N GLU A 32 6.74 2.01 12.81
CA GLU A 32 7.84 2.83 12.25
C GLU A 32 7.30 4.11 11.58
N VAL A 33 6.10 4.00 10.99
CA VAL A 33 5.45 5.09 10.26
C VAL A 33 4.71 6.04 11.20
N GLN A 34 4.12 5.51 12.27
CA GLN A 34 3.34 6.32 13.24
C GLN A 34 4.24 7.33 13.99
N LYS A 35 5.50 6.95 14.22
CA LYS A 35 6.47 7.77 14.98
C LYS A 35 7.16 8.85 14.10
N GLN A 36 6.93 8.77 12.77
CA GLN A 36 7.45 9.76 11.79
C GLN A 36 6.29 10.63 11.26
N TYR A 37 5.25 9.93 10.78
CA TYR A 37 4.03 10.53 10.23
C TYR A 37 2.84 10.25 11.19
N PRO A 38 2.51 11.18 12.14
CA PRO A 38 1.29 11.03 12.99
C PRO A 38 -0.02 11.25 12.19
N ASN A 39 0.10 11.92 11.02
CA ASN A 39 -1.02 12.19 10.08
C ASN A 39 -1.42 10.92 9.29
N ALA A 40 -0.60 9.87 9.36
CA ALA A 40 -0.83 8.61 8.62
C ALA A 40 -1.62 7.60 9.47
N THR A 41 -2.64 6.96 8.86
CA THR A 41 -3.32 5.80 9.43
C THR A 41 -3.32 4.69 8.38
N ILE A 42 -2.60 3.61 8.66
CA ILE A 42 -2.42 2.47 7.74
C ILE A 42 -3.52 1.43 8.02
N THR A 43 -4.10 0.88 6.95
CA THR A 43 -5.06 -0.23 7.00
C THR A 43 -4.53 -1.34 6.07
N ARG A 44 -4.55 -2.58 6.56
CA ARG A 44 -4.07 -3.75 5.82
C ARG A 44 -5.22 -4.78 5.75
N THR A 45 -5.68 -5.09 4.54
CA THR A 45 -6.79 -6.02 4.32
C THR A 45 -6.35 -7.08 3.30
N LEU A 46 -6.15 -8.32 3.78
CA LEU A 46 -5.55 -9.41 2.98
C LEU A 46 -6.63 -10.47 2.69
N THR A 47 -7.04 -10.59 1.41
CA THR A 47 -8.10 -11.50 0.95
C THR A 47 -7.44 -12.68 0.18
N ARG A 48 -7.42 -13.86 0.80
CA ARG A 48 -6.71 -15.03 0.27
C ARG A 48 -7.60 -15.80 -0.72
N ASP A 49 -7.08 -16.04 -1.94
CA ASP A 49 -7.79 -16.82 -2.98
C ASP A 49 -6.80 -17.35 -4.04
N ASP A 50 -6.86 -18.68 -4.28
CA ASP A 50 -6.14 -19.36 -5.40
C ASP A 50 -4.60 -19.18 -5.27
N GLY A 51 -4.08 -19.36 -4.04
CA GLY A 51 -2.65 -19.21 -3.75
C GLY A 51 -2.15 -17.78 -3.94
N THR A 52 -3.09 -16.81 -3.86
CA THR A 52 -2.80 -15.39 -4.12
C THR A 52 -3.49 -14.51 -3.07
N VAL A 53 -2.68 -13.79 -2.28
CA VAL A 53 -3.16 -12.86 -1.25
C VAL A 53 -3.43 -11.48 -1.86
N GLU A 54 -4.68 -11.01 -1.79
CA GLU A 54 -5.03 -9.65 -2.24
C GLU A 54 -4.77 -8.70 -1.07
N LEU A 55 -3.62 -8.04 -1.12
CA LEU A 55 -3.18 -7.11 -0.08
C LEU A 55 -3.59 -5.68 -0.48
N ARG A 56 -4.59 -5.17 0.21
CA ARG A 56 -5.08 -3.81 0.02
C ARG A 56 -4.51 -2.93 1.13
N ILE A 57 -3.50 -2.11 0.77
CA ILE A 57 -2.85 -1.18 1.69
C ILE A 57 -3.51 0.19 1.51
N LYS A 58 -4.25 0.61 2.54
CA LYS A 58 -5.03 1.84 2.53
C LYS A 58 -4.47 2.78 3.61
N VAL A 59 -3.69 3.79 3.17
CA VAL A 59 -3.01 4.75 4.07
C VAL A 59 -3.68 6.13 3.95
N LYS A 60 -4.39 6.54 5.00
CA LYS A 60 -5.03 7.86 5.09
C LYS A 60 -4.00 8.87 5.60
N ALA A 61 -3.66 9.85 4.77
CA ALA A 61 -2.63 10.85 5.10
C ALA A 61 -3.04 12.24 4.57
N ASP A 62 -2.23 13.23 4.93
CA ASP A 62 -2.44 14.65 4.58
C ASP A 62 -2.26 14.89 3.06
N THR A 63 -1.30 14.19 2.45
CA THR A 63 -0.94 14.34 1.02
C THR A 63 -0.60 12.95 0.43
N GLU A 64 -0.98 12.75 -0.86
CA GLU A 64 -0.89 11.43 -1.51
C GLU A 64 0.55 10.93 -1.64
N GLU A 65 1.46 11.86 -1.99
CA GLU A 65 2.87 11.57 -2.27
C GLU A 65 3.54 10.85 -1.08
N LYS A 66 3.29 11.38 0.12
CA LYS A 66 3.89 10.88 1.38
C LYS A 66 3.26 9.54 1.77
N ALA A 67 1.93 9.40 1.55
CA ALA A 67 1.19 8.14 1.81
C ALA A 67 1.66 7.01 0.86
N LYS A 68 2.02 7.40 -0.35
CA LYS A 68 2.53 6.48 -1.41
C LYS A 68 4.00 6.13 -1.14
N SER A 69 4.74 7.05 -0.50
CA SER A 69 6.12 6.77 0.01
C SER A 69 6.06 5.75 1.15
N ILE A 70 4.99 5.85 1.98
CA ILE A 70 4.73 4.90 3.07
C ILE A 70 4.46 3.49 2.49
N ILE A 71 3.52 3.41 1.52
CA ILE A 71 3.20 2.16 0.82
C ILE A 71 4.46 1.61 0.10
N LYS A 72 5.26 2.51 -0.46
CA LYS A 72 6.52 2.18 -1.17
C LYS A 72 7.49 1.43 -0.24
N LEU A 73 7.71 1.99 0.98
CA LEU A 73 8.63 1.38 1.95
C LEU A 73 8.01 0.13 2.61
N ILE A 74 6.66 0.03 2.61
CA ILE A 74 5.94 -1.22 3.01
C ILE A 74 6.24 -2.34 1.98
N GLU A 75 6.20 -2.00 0.68
CA GLU A 75 6.50 -2.93 -0.44
C GLU A 75 7.94 -3.46 -0.34
N GLU A 76 8.85 -2.57 0.06
CA GLU A 76 10.28 -2.88 0.27
C GLU A 76 10.48 -3.83 1.47
N ARG A 77 9.68 -3.61 2.52
CA ARG A 77 9.74 -4.38 3.77
C ARG A 77 9.12 -5.79 3.61
N ILE A 78 7.92 -5.86 3.00
CA ILE A 78 7.15 -7.11 2.92
C ILE A 78 7.84 -8.10 2.00
N GLU A 79 8.35 -7.61 0.84
CA GLU A 79 9.10 -8.44 -0.12
C GLU A 79 10.39 -8.94 0.54
N GLU A 80 11.03 -8.08 1.35
CA GLU A 80 12.30 -8.38 2.01
C GLU A 80 12.18 -9.63 2.90
N GLU A 81 11.29 -9.55 3.90
CA GLU A 81 11.14 -10.61 4.91
C GLU A 81 10.48 -11.88 4.33
N LEU A 82 9.53 -11.67 3.43
CA LEU A 82 8.78 -12.76 2.75
C LEU A 82 9.72 -13.59 1.86
N ARG A 83 10.56 -12.90 1.07
CA ARG A 83 11.46 -13.54 0.08
C ARG A 83 12.73 -14.12 0.75
N LYS A 84 13.03 -13.70 2.00
CA LYS A 84 14.17 -14.26 2.77
C LYS A 84 13.96 -15.76 3.09
N ARG A 85 12.69 -16.16 3.26
CA ARG A 85 12.34 -17.53 3.69
C ARG A 85 11.41 -18.24 2.68
N ASP A 86 10.59 -17.45 1.98
CA ASP A 86 9.70 -17.92 0.90
C ASP A 86 10.06 -17.13 -0.38
N PRO A 87 11.20 -17.49 -1.06
CA PRO A 87 11.81 -16.64 -2.11
C PRO A 87 10.98 -16.51 -3.39
N ASN A 88 10.09 -17.48 -3.61
CA ASN A 88 9.24 -17.55 -4.82
C ASN A 88 7.88 -16.86 -4.61
N ALA A 89 7.70 -16.18 -3.47
CA ALA A 89 6.45 -15.49 -3.15
C ALA A 89 6.48 -14.05 -3.70
N THR A 90 5.96 -13.89 -4.94
CA THR A 90 6.02 -12.63 -5.71
C THR A 90 4.84 -11.71 -5.32
N ILE A 91 4.98 -10.39 -5.57
CA ILE A 91 3.93 -9.38 -5.29
C ILE A 91 3.62 -8.60 -6.61
N THR A 92 2.33 -8.36 -6.89
CA THR A 92 1.87 -7.68 -8.13
C THR A 92 1.04 -6.42 -7.79
N ARG A 93 1.63 -5.23 -8.01
CA ARG A 93 0.97 -3.96 -7.69
C ARG A 93 -0.07 -3.57 -8.77
N THR A 94 -1.27 -3.23 -8.30
CA THR A 94 -2.34 -2.65 -9.11
C THR A 94 -2.89 -1.43 -8.35
N VAL A 95 -2.59 -0.21 -8.82
CA VAL A 95 -2.96 1.02 -8.12
C VAL A 95 -4.48 1.26 -8.24
N ARG A 96 -5.14 1.43 -7.07
CA ARG A 96 -6.60 1.58 -6.97
C ARG A 96 -6.99 3.03 -6.63
N THR A 97 -6.01 3.95 -6.67
CA THR A 97 -6.23 5.37 -6.35
C THR A 97 -5.60 6.28 -7.41
N GLU A 98 -6.17 7.48 -7.54
CA GLU A 98 -5.61 8.58 -8.35
C GLU A 98 -6.30 9.87 -7.90
N VAL A 99 -5.64 10.66 -7.02
CA VAL A 99 -6.19 11.92 -6.51
C VAL A 99 -5.74 13.09 -7.43
N GLY A 100 -5.98 12.90 -8.74
CA GLY A 100 -5.69 13.90 -9.77
C GLY A 100 -6.97 14.57 -10.22
N SER A 101 -7.66 15.22 -9.26
CA SER A 101 -8.97 15.85 -9.48
C SER A 101 -8.96 17.33 -9.03
N SER A 102 -7.75 17.89 -8.84
CA SER A 102 -7.56 19.30 -8.41
C SER A 102 -7.85 20.26 -9.59
N TRP A 103 -9.15 20.52 -9.80
CA TRP A 103 -9.65 21.38 -10.88
C TRP A 103 -10.73 22.30 -10.28
N SER A 104 -10.26 23.39 -9.66
CA SER A 104 -11.11 24.39 -9.03
C SER A 104 -11.05 25.69 -9.85
N LEU A 105 -12.22 26.33 -10.06
CA LEU A 105 -12.35 27.55 -10.88
C LEU A 105 -13.07 28.61 -10.03
N GLU A 106 -12.30 29.53 -9.43
CA GLU A 106 -12.83 30.63 -8.61
C GLU A 106 -13.12 31.86 -9.50
N HIS A 107 -14.41 32.25 -9.55
CA HIS A 107 -14.87 33.40 -10.31
C HIS A 107 -16.26 33.85 -9.80
N HIS A 108 -16.26 34.70 -8.76
CA HIS A 108 -17.49 35.34 -8.24
C HIS A 108 -17.16 36.76 -7.76
N HIS A 109 -17.49 37.75 -8.62
CA HIS A 109 -17.31 39.18 -8.33
C HIS A 109 -18.14 40.01 -9.33
N HIS A 110 -19.48 40.07 -9.10
CA HIS A 110 -20.38 40.95 -9.88
C HIS A 110 -19.92 42.41 -9.72
N HIS A 111 -19.60 42.73 -8.46
CA HIS A 111 -18.94 43.95 -7.97
C HIS A 111 -18.62 43.67 -6.49
N HIS A 112 -17.51 44.22 -5.98
CA HIS A 112 -17.08 44.02 -4.59
C HIS A 112 -17.95 44.90 -3.65
N MET A 1 -7.44 16.92 2.70
CA MET A 1 -6.54 15.75 2.65
C MET A 1 -7.08 14.71 1.63
N LEU A 2 -6.26 13.68 1.33
CA LEU A 2 -6.57 12.63 0.33
C LEU A 2 -6.43 11.23 0.93
N THR A 3 -7.05 10.23 0.27
CA THR A 3 -6.90 8.82 0.64
C THR A 3 -6.33 8.04 -0.57
N VAL A 4 -5.18 7.40 -0.36
CA VAL A 4 -4.45 6.64 -1.38
C VAL A 4 -4.71 5.14 -1.16
N GLU A 5 -5.25 4.48 -2.19
CA GLU A 5 -5.68 3.07 -2.14
C GLU A 5 -4.92 2.29 -3.21
N VAL A 6 -4.28 1.18 -2.81
CA VAL A 6 -3.56 0.29 -3.73
C VAL A 6 -3.90 -1.17 -3.41
N GLU A 7 -4.12 -1.96 -4.46
CA GLU A 7 -4.28 -3.40 -4.40
C GLU A 7 -2.90 -4.04 -4.61
N VAL A 8 -2.30 -4.54 -3.55
CA VAL A 8 -1.02 -5.21 -3.59
C VAL A 8 -1.27 -6.73 -3.60
N LYS A 9 -1.08 -7.37 -4.76
CA LYS A 9 -1.34 -8.79 -4.96
C LYS A 9 -0.09 -9.59 -4.64
N ILE A 10 -0.09 -10.22 -3.46
CA ILE A 10 1.06 -10.92 -2.91
C ILE A 10 0.94 -12.40 -3.30
N THR A 11 1.78 -12.81 -4.26
CA THR A 11 1.75 -14.15 -4.81
C THR A 11 2.87 -14.98 -4.17
N ALA A 12 2.48 -16.05 -3.46
CA ALA A 12 3.38 -16.99 -2.77
C ALA A 12 2.72 -18.36 -2.75
N ASP A 13 3.52 -19.43 -2.94
CA ASP A 13 3.01 -20.81 -3.06
C ASP A 13 2.36 -21.27 -1.74
N ASP A 14 2.96 -20.86 -0.63
CA ASP A 14 2.45 -21.11 0.72
C ASP A 14 1.69 -19.86 1.19
N GLU A 15 0.37 -19.86 0.94
CA GLU A 15 -0.54 -18.76 1.28
C GLU A 15 -0.68 -18.57 2.81
N ASN A 16 -0.62 -19.70 3.54
CA ASN A 16 -0.63 -19.73 5.02
C ASN A 16 0.62 -19.02 5.58
N LYS A 17 1.79 -19.33 4.96
CA LYS A 17 3.10 -18.74 5.30
C LYS A 17 3.08 -17.23 5.01
N ALA A 18 2.47 -16.90 3.85
CA ALA A 18 2.40 -15.53 3.33
C ALA A 18 1.62 -14.60 4.26
N GLU A 19 0.47 -15.08 4.77
CA GLU A 19 -0.37 -14.30 5.69
C GLU A 19 0.42 -13.95 6.98
N GLU A 20 1.14 -14.96 7.52
CA GLU A 20 1.90 -14.82 8.78
C GLU A 20 2.98 -13.74 8.65
N ILE A 21 3.81 -13.89 7.60
CA ILE A 21 4.96 -13.01 7.34
C ILE A 21 4.50 -11.58 7.04
N VAL A 22 3.58 -11.42 6.06
CA VAL A 22 3.09 -10.11 5.60
C VAL A 22 2.49 -9.27 6.77
N LYS A 23 1.55 -9.89 7.55
CA LYS A 23 0.92 -9.21 8.71
C LYS A 23 1.96 -8.78 9.76
N ARG A 24 2.91 -9.70 10.04
CA ARG A 24 4.00 -9.49 11.02
C ARG A 24 4.85 -8.28 10.64
N VAL A 25 5.24 -8.24 9.36
CA VAL A 25 6.15 -7.22 8.81
C VAL A 25 5.45 -5.85 8.74
N ILE A 26 4.17 -5.85 8.32
CA ILE A 26 3.34 -4.62 8.27
C ILE A 26 3.21 -4.01 9.68
N ASP A 27 3.07 -4.90 10.69
CA ASP A 27 2.95 -4.52 12.12
C ASP A 27 4.27 -3.85 12.59
N GLU A 28 5.40 -4.40 12.14
CA GLU A 28 6.75 -3.86 12.45
C GLU A 28 6.99 -2.51 11.76
N VAL A 29 6.41 -2.36 10.55
CA VAL A 29 6.46 -1.10 9.79
C VAL A 29 5.59 -0.04 10.49
N GLU A 30 4.41 -0.46 10.96
CA GLU A 30 3.38 0.42 11.53
C GLU A 30 3.86 1.08 12.83
N ARG A 31 4.58 0.31 13.70
CA ARG A 31 5.08 0.85 15.00
C ARG A 31 5.97 2.10 14.79
N GLU A 32 6.64 2.16 13.63
CA GLU A 32 7.49 3.30 13.24
C GLU A 32 6.68 4.38 12.51
N VAL A 33 5.99 3.98 11.44
CA VAL A 33 5.30 4.92 10.52
C VAL A 33 4.15 5.72 11.21
N GLN A 34 3.60 5.17 12.32
CA GLN A 34 2.60 5.89 13.14
C GLN A 34 3.22 7.11 13.85
N LYS A 35 4.42 6.93 14.44
CA LYS A 35 5.11 8.01 15.19
C LYS A 35 5.85 8.95 14.21
N GLN A 36 6.05 8.49 12.95
CA GLN A 36 6.63 9.32 11.87
C GLN A 36 5.53 10.16 11.17
N TYR A 37 4.34 9.56 11.01
CA TYR A 37 3.19 10.17 10.30
C TYR A 37 1.91 9.98 11.15
N PRO A 38 1.68 10.85 12.19
CA PRO A 38 0.47 10.79 13.04
C PRO A 38 -0.84 11.09 12.28
N ASN A 39 -0.71 11.83 11.16
CA ASN A 39 -1.86 12.26 10.32
C ASN A 39 -2.19 11.23 9.23
N ALA A 40 -1.40 10.15 9.13
CA ALA A 40 -1.62 9.08 8.15
C ALA A 40 -2.30 7.86 8.80
N THR A 41 -3.44 7.42 8.23
CA THR A 41 -4.19 6.23 8.67
C THR A 41 -3.93 5.08 7.70
N ILE A 42 -3.29 4.01 8.19
CA ILE A 42 -2.88 2.87 7.35
C ILE A 42 -3.86 1.69 7.58
N THR A 43 -4.58 1.29 6.54
CA THR A 43 -5.55 0.18 6.59
C THR A 43 -5.11 -0.93 5.64
N ARG A 44 -4.98 -2.17 6.15
CA ARG A 44 -4.46 -3.30 5.37
C ARG A 44 -5.48 -4.45 5.42
N THR A 45 -6.01 -4.84 4.25
CA THR A 45 -7.04 -5.88 4.13
C THR A 45 -6.51 -7.05 3.30
N LEU A 46 -6.21 -8.17 3.95
CA LEU A 46 -5.70 -9.39 3.30
C LEU A 46 -6.87 -10.34 3.00
N THR A 47 -7.19 -10.53 1.71
CA THR A 47 -8.22 -11.46 1.25
C THR A 47 -7.54 -12.60 0.47
N ARG A 48 -7.54 -13.80 1.04
CA ARG A 48 -6.79 -14.96 0.54
C ARG A 48 -7.63 -15.79 -0.45
N ASP A 49 -7.04 -16.09 -1.63
CA ASP A 49 -7.69 -16.87 -2.70
C ASP A 49 -6.61 -17.57 -3.55
N ASP A 50 -6.60 -18.93 -3.48
CA ASP A 50 -5.81 -19.83 -4.35
C ASP A 50 -4.31 -19.44 -4.45
N GLY A 51 -3.64 -19.43 -3.29
CA GLY A 51 -2.20 -19.15 -3.21
C GLY A 51 -1.84 -17.69 -3.49
N THR A 52 -2.82 -16.79 -3.31
CA THR A 52 -2.63 -15.36 -3.53
C THR A 52 -3.29 -14.58 -2.39
N VAL A 53 -2.47 -13.91 -1.58
CA VAL A 53 -2.93 -13.00 -0.54
C VAL A 53 -3.14 -11.62 -1.19
N GLU A 54 -4.40 -11.25 -1.42
CA GLU A 54 -4.75 -10.00 -2.11
C GLU A 54 -4.94 -8.89 -1.06
N LEU A 55 -3.91 -8.09 -0.90
CA LEU A 55 -3.80 -7.06 0.13
C LEU A 55 -4.30 -5.72 -0.43
N ARG A 56 -5.00 -4.95 0.42
CA ARG A 56 -5.41 -3.57 0.12
C ARG A 56 -4.76 -2.64 1.15
N ILE A 57 -3.78 -1.83 0.71
CA ILE A 57 -3.17 -0.80 1.57
C ILE A 57 -3.82 0.55 1.25
N LYS A 58 -4.60 1.06 2.20
CA LYS A 58 -5.25 2.36 2.12
C LYS A 58 -4.56 3.30 3.13
N VAL A 59 -3.71 4.22 2.63
CA VAL A 59 -3.06 5.24 3.47
C VAL A 59 -3.76 6.58 3.24
N LYS A 60 -4.57 7.00 4.21
CA LYS A 60 -5.21 8.32 4.20
C LYS A 60 -4.23 9.33 4.81
N ALA A 61 -3.72 10.23 3.98
CA ALA A 61 -2.68 11.21 4.37
C ALA A 61 -3.03 12.56 3.75
N ASP A 62 -2.43 13.63 4.29
CA ASP A 62 -2.67 14.98 3.78
C ASP A 62 -1.99 15.19 2.41
N THR A 63 -0.93 14.40 2.14
CA THR A 63 -0.18 14.45 0.89
C THR A 63 0.04 13.03 0.33
N GLU A 64 -0.12 12.89 -1.00
CA GLU A 64 0.17 11.65 -1.75
C GLU A 64 1.65 11.26 -1.67
N GLU A 65 2.53 12.28 -1.51
CA GLU A 65 3.99 12.09 -1.37
C GLU A 65 4.31 11.13 -0.21
N LYS A 66 3.80 11.48 0.98
CA LYS A 66 4.01 10.70 2.20
C LYS A 66 3.33 9.32 2.08
N ALA A 67 2.04 9.34 1.65
CA ALA A 67 1.19 8.14 1.55
C ALA A 67 1.80 7.03 0.67
N LYS A 68 2.28 7.42 -0.53
CA LYS A 68 2.89 6.49 -1.50
C LYS A 68 4.27 5.99 -1.03
N SER A 69 5.06 6.88 -0.39
CA SER A 69 6.38 6.51 0.17
C SER A 69 6.24 5.42 1.27
N ILE A 70 5.19 5.54 2.09
CA ILE A 70 4.82 4.55 3.13
C ILE A 70 4.56 3.19 2.47
N ILE A 71 3.67 3.18 1.45
CA ILE A 71 3.30 1.99 0.66
C ILE A 71 4.53 1.34 0.02
N LYS A 72 5.41 2.20 -0.53
CA LYS A 72 6.61 1.78 -1.26
C LYS A 72 7.54 0.97 -0.36
N LEU A 73 7.80 1.49 0.87
CA LEU A 73 8.68 0.80 1.83
C LEU A 73 8.03 -0.47 2.42
N ILE A 74 6.66 -0.50 2.50
CA ILE A 74 5.90 -1.70 2.93
C ILE A 74 6.13 -2.84 1.90
N GLU A 75 6.05 -2.51 0.60
CA GLU A 75 6.26 -3.46 -0.51
C GLU A 75 7.68 -4.04 -0.51
N GLU A 76 8.67 -3.15 -0.27
CA GLU A 76 10.09 -3.52 -0.14
C GLU A 76 10.31 -4.57 0.96
N ARG A 77 9.54 -4.41 2.06
CA ARG A 77 9.64 -5.25 3.26
C ARG A 77 8.91 -6.60 3.09
N ILE A 78 7.59 -6.55 2.81
CA ILE A 78 6.70 -7.74 2.80
C ILE A 78 7.12 -8.75 1.72
N GLU A 79 7.59 -8.24 0.56
CA GLU A 79 8.06 -9.07 -0.55
C GLU A 79 9.38 -9.77 -0.19
N GLU A 80 10.35 -8.97 0.34
CA GLU A 80 11.71 -9.48 0.65
C GLU A 80 11.68 -10.57 1.73
N GLU A 81 10.99 -10.26 2.84
CA GLU A 81 10.84 -11.16 4.01
C GLU A 81 10.21 -12.49 3.60
N LEU A 82 9.13 -12.41 2.81
CA LEU A 82 8.40 -13.58 2.32
C LEU A 82 9.25 -14.34 1.28
N ARG A 83 10.04 -13.61 0.47
CA ARG A 83 10.87 -14.19 -0.61
C ARG A 83 12.06 -15.00 -0.06
N LYS A 84 12.55 -14.58 1.12
CA LYS A 84 13.64 -15.30 1.82
C LYS A 84 13.13 -16.62 2.46
N ARG A 85 11.79 -16.85 2.39
CA ARG A 85 11.15 -18.11 2.82
C ARG A 85 10.35 -18.76 1.66
N ASP A 86 10.09 -18.01 0.58
CA ASP A 86 9.29 -18.48 -0.59
C ASP A 86 9.96 -17.97 -1.88
N PRO A 87 10.55 -18.86 -2.73
CA PRO A 87 11.35 -18.46 -3.94
C PRO A 87 10.56 -17.58 -4.96
N ASN A 88 9.25 -17.83 -5.09
CA ASN A 88 8.40 -17.16 -6.10
C ASN A 88 7.54 -16.05 -5.48
N ALA A 89 7.90 -15.61 -4.26
CA ALA A 89 7.19 -14.52 -3.56
C ALA A 89 7.47 -13.16 -4.25
N THR A 90 6.43 -12.59 -4.85
CA THR A 90 6.48 -11.30 -5.56
C THR A 90 5.12 -10.58 -5.39
N ILE A 91 5.14 -9.25 -5.20
CA ILE A 91 3.88 -8.47 -5.10
C ILE A 91 3.65 -7.66 -6.40
N THR A 92 2.36 -7.47 -6.77
CA THR A 92 1.96 -6.74 -7.96
C THR A 92 0.98 -5.62 -7.55
N ARG A 93 1.43 -4.36 -7.60
CA ARG A 93 0.63 -3.24 -7.11
C ARG A 93 -0.25 -2.66 -8.24
N THR A 94 -1.54 -2.99 -8.17
CA THR A 94 -2.59 -2.33 -8.93
C THR A 94 -3.00 -1.04 -8.20
N VAL A 95 -2.63 0.14 -8.73
CA VAL A 95 -3.00 1.42 -8.09
C VAL A 95 -4.51 1.69 -8.34
N ARG A 96 -5.28 1.73 -7.24
CA ARG A 96 -6.75 1.85 -7.28
C ARG A 96 -7.17 3.33 -7.33
N THR A 97 -6.48 4.16 -6.54
CA THR A 97 -6.71 5.61 -6.53
C THR A 97 -6.10 6.26 -7.78
N GLU A 98 -6.74 7.34 -8.23
CA GLU A 98 -6.25 8.17 -9.34
C GLU A 98 -6.63 9.63 -9.03
N VAL A 99 -6.62 9.96 -7.71
CA VAL A 99 -7.03 11.27 -7.16
C VAL A 99 -8.53 11.56 -7.45
N GLY A 100 -9.37 11.51 -6.40
CA GLY A 100 -10.81 11.77 -6.53
C GLY A 100 -11.15 13.18 -6.07
N SER A 101 -10.62 14.18 -6.78
CA SER A 101 -10.80 15.61 -6.42
C SER A 101 -12.12 16.14 -7.04
N SER A 102 -13.25 15.69 -6.47
CA SER A 102 -14.59 16.17 -6.84
C SER A 102 -15.05 17.21 -5.79
N TRP A 103 -14.74 18.48 -6.06
CA TRP A 103 -15.09 19.61 -5.18
C TRP A 103 -15.11 20.89 -6.01
N SER A 104 -16.22 21.10 -6.75
CA SER A 104 -16.44 22.28 -7.59
C SER A 104 -17.20 23.34 -6.79
N LEU A 105 -16.73 24.59 -6.84
CA LEU A 105 -17.35 25.73 -6.15
C LEU A 105 -17.69 26.83 -7.17
N GLU A 106 -18.80 27.52 -6.90
CA GLU A 106 -19.18 28.78 -7.53
C GLU A 106 -20.17 29.49 -6.61
N HIS A 107 -19.65 30.38 -5.76
CA HIS A 107 -20.47 31.25 -4.93
C HIS A 107 -20.85 32.46 -5.77
N HIS A 108 -21.84 32.21 -6.67
CA HIS A 108 -22.33 33.18 -7.65
C HIS A 108 -23.01 34.34 -6.88
N HIS A 109 -22.27 35.45 -6.74
CA HIS A 109 -22.68 36.64 -5.98
C HIS A 109 -23.92 37.26 -6.60
N HIS A 110 -25.09 36.90 -6.05
CA HIS A 110 -26.39 37.44 -6.48
C HIS A 110 -26.43 38.94 -6.16
N HIS A 111 -26.28 39.77 -7.21
CA HIS A 111 -26.24 41.23 -7.10
C HIS A 111 -27.65 41.74 -6.71
N HIS A 112 -27.84 42.01 -5.40
CA HIS A 112 -29.10 42.58 -4.86
C HIS A 112 -28.85 44.04 -4.42
N MET A 1 -8.07 15.69 4.22
CA MET A 1 -6.92 15.17 3.43
C MET A 1 -7.40 14.08 2.44
N LEU A 2 -6.44 13.48 1.69
CA LEU A 2 -6.73 12.41 0.72
C LEU A 2 -6.48 11.01 1.37
N THR A 3 -7.07 9.96 0.80
CA THR A 3 -6.80 8.57 1.21
C THR A 3 -6.40 7.75 -0.02
N VAL A 4 -5.22 7.12 0.07
CA VAL A 4 -4.58 6.37 -1.02
C VAL A 4 -4.79 4.86 -0.80
N GLU A 5 -5.43 4.20 -1.77
CA GLU A 5 -5.64 2.75 -1.74
C GLU A 5 -4.87 2.09 -2.91
N VAL A 6 -4.24 0.95 -2.62
CA VAL A 6 -3.66 0.03 -3.61
C VAL A 6 -4.04 -1.41 -3.22
N GLU A 7 -4.47 -2.20 -4.21
CA GLU A 7 -4.76 -3.64 -4.07
C GLU A 7 -3.57 -4.42 -4.63
N VAL A 8 -2.95 -5.24 -3.77
CA VAL A 8 -1.64 -5.87 -4.04
C VAL A 8 -1.78 -7.40 -3.95
N LYS A 9 -1.71 -8.07 -5.10
CA LYS A 9 -1.80 -9.54 -5.18
C LYS A 9 -0.41 -10.16 -4.96
N ILE A 10 -0.24 -10.77 -3.78
CA ILE A 10 1.01 -11.35 -3.33
C ILE A 10 1.04 -12.83 -3.69
N THR A 11 1.86 -13.17 -4.69
CA THR A 11 2.02 -14.53 -5.21
C THR A 11 3.26 -15.17 -4.55
N ALA A 12 3.02 -16.19 -3.72
CA ALA A 12 4.07 -16.97 -3.05
C ALA A 12 3.85 -18.46 -3.36
N ASP A 13 4.83 -19.30 -3.02
CA ASP A 13 4.71 -20.76 -3.13
C ASP A 13 3.76 -21.29 -2.02
N ASP A 14 3.69 -20.54 -0.90
CA ASP A 14 2.70 -20.78 0.17
C ASP A 14 2.08 -19.43 0.59
N GLU A 15 0.81 -19.19 0.15
CA GLU A 15 0.10 -17.91 0.38
C GLU A 15 -0.42 -17.81 1.84
N ASN A 16 -0.58 -18.97 2.50
CA ASN A 16 -0.97 -19.06 3.92
C ASN A 16 0.18 -18.54 4.80
N LYS A 17 1.40 -18.98 4.46
CA LYS A 17 2.65 -18.50 5.05
C LYS A 17 2.84 -17.00 4.74
N ALA A 18 2.58 -16.65 3.45
CA ALA A 18 2.71 -15.28 2.94
C ALA A 18 1.88 -14.28 3.75
N GLU A 19 0.60 -14.66 3.99
CA GLU A 19 -0.37 -13.81 4.71
C GLU A 19 0.17 -13.40 6.09
N GLU A 20 0.69 -14.38 6.84
CA GLU A 20 1.14 -14.17 8.23
C GLU A 20 2.39 -13.27 8.31
N ILE A 21 3.37 -13.52 7.41
CA ILE A 21 4.59 -12.72 7.32
C ILE A 21 4.24 -11.26 6.97
N VAL A 22 3.37 -11.08 5.97
CA VAL A 22 2.93 -9.76 5.48
C VAL A 22 2.19 -8.96 6.58
N LYS A 23 1.23 -9.62 7.29
CA LYS A 23 0.45 -9.00 8.39
C LYS A 23 1.37 -8.52 9.52
N ARG A 24 2.31 -9.41 9.92
CA ARG A 24 3.27 -9.16 11.02
C ARG A 24 4.22 -8.00 10.65
N VAL A 25 4.71 -8.03 9.40
CA VAL A 25 5.64 -7.03 8.86
C VAL A 25 4.96 -5.64 8.81
N ILE A 26 3.71 -5.58 8.31
CA ILE A 26 2.96 -4.32 8.23
C ILE A 26 2.71 -3.76 9.63
N ASP A 27 2.33 -4.64 10.58
CA ASP A 27 2.10 -4.30 12.00
C ASP A 27 3.34 -3.62 12.64
N GLU A 28 4.51 -4.24 12.44
CA GLU A 28 5.79 -3.79 13.03
C GLU A 28 6.32 -2.50 12.37
N VAL A 29 6.10 -2.39 11.05
CA VAL A 29 6.54 -1.22 10.26
C VAL A 29 5.49 -0.07 10.37
N GLU A 30 4.23 -0.44 10.73
CA GLU A 30 3.11 0.51 10.88
C GLU A 30 3.42 1.50 11.99
N ARG A 31 3.82 0.96 13.16
CA ARG A 31 4.14 1.74 14.36
C ARG A 31 5.41 2.59 14.15
N GLU A 32 6.28 2.15 13.21
CA GLU A 32 7.48 2.90 12.81
C GLU A 32 7.12 4.06 11.87
N VAL A 33 6.02 3.91 11.12
CA VAL A 33 5.46 4.99 10.30
C VAL A 33 4.67 5.97 11.20
N GLN A 34 3.89 5.44 12.17
CA GLN A 34 3.00 6.24 13.04
C GLN A 34 3.80 7.22 13.93
N LYS A 35 5.00 6.77 14.39
CA LYS A 35 5.86 7.57 15.30
C LYS A 35 6.54 8.74 14.56
N GLN A 36 6.61 8.63 13.22
CA GLN A 36 7.22 9.66 12.35
C GLN A 36 6.14 10.51 11.65
N TYR A 37 4.99 9.87 11.38
CA TYR A 37 3.88 10.45 10.62
C TYR A 37 2.59 10.39 11.48
N PRO A 38 2.29 11.48 12.27
CA PRO A 38 1.09 11.54 13.13
C PRO A 38 -0.23 11.64 12.32
N ASN A 39 -0.15 12.23 11.12
CA ASN A 39 -1.32 12.46 10.25
C ASN A 39 -1.65 11.19 9.41
N ALA A 40 -0.65 10.30 9.26
CA ALA A 40 -0.79 9.08 8.44
C ALA A 40 -1.54 7.98 9.21
N THR A 41 -2.62 7.47 8.60
CA THR A 41 -3.43 6.37 9.14
C THR A 41 -3.32 5.16 8.20
N ILE A 42 -2.79 4.04 8.71
CA ILE A 42 -2.56 2.82 7.90
C ILE A 42 -3.67 1.78 8.19
N THR A 43 -4.21 1.19 7.12
CA THR A 43 -5.17 0.09 7.17
C THR A 43 -4.69 -1.00 6.19
N ARG A 44 -4.83 -2.27 6.59
CA ARG A 44 -4.50 -3.42 5.72
C ARG A 44 -5.57 -4.51 5.88
N THR A 45 -6.04 -5.05 4.75
CA THR A 45 -7.07 -6.09 4.70
C THR A 45 -6.58 -7.22 3.76
N LEU A 46 -6.24 -8.39 4.33
CA LEU A 46 -5.74 -9.54 3.55
C LEU A 46 -6.87 -10.55 3.35
N THR A 47 -7.09 -10.95 2.08
CA THR A 47 -8.12 -11.91 1.69
C THR A 47 -7.52 -12.89 0.66
N ARG A 48 -7.42 -14.18 1.03
CA ARG A 48 -6.80 -15.21 0.18
C ARG A 48 -7.80 -15.73 -0.87
N ASP A 49 -7.29 -15.99 -2.08
CA ASP A 49 -8.09 -16.44 -3.23
C ASP A 49 -7.19 -17.22 -4.23
N ASP A 50 -7.32 -18.57 -4.21
CA ASP A 50 -6.71 -19.48 -5.21
C ASP A 50 -5.17 -19.27 -5.34
N GLY A 51 -4.47 -19.46 -4.21
CA GLY A 51 -3.00 -19.44 -4.17
C GLY A 51 -2.38 -18.05 -4.09
N THR A 52 -3.21 -16.99 -4.09
CA THR A 52 -2.74 -15.59 -4.06
C THR A 52 -3.48 -14.80 -2.96
N VAL A 53 -2.73 -13.99 -2.17
CA VAL A 53 -3.32 -13.11 -1.13
C VAL A 53 -3.64 -11.73 -1.75
N GLU A 54 -4.80 -11.18 -1.41
CA GLU A 54 -5.20 -9.83 -1.81
C GLU A 54 -4.95 -8.88 -0.63
N LEU A 55 -3.86 -8.12 -0.69
CA LEU A 55 -3.49 -7.14 0.34
C LEU A 55 -4.03 -5.76 -0.06
N ARG A 56 -4.94 -5.24 0.76
CA ARG A 56 -5.55 -3.94 0.54
C ARG A 56 -4.89 -2.93 1.47
N ILE A 57 -3.98 -2.10 0.93
CA ILE A 57 -3.27 -1.06 1.71
C ILE A 57 -4.00 0.26 1.50
N LYS A 58 -4.46 0.86 2.60
CA LYS A 58 -5.18 2.12 2.58
C LYS A 58 -4.53 3.07 3.58
N VAL A 59 -3.77 4.05 3.06
CA VAL A 59 -3.03 5.05 3.87
C VAL A 59 -3.66 6.44 3.65
N LYS A 60 -4.24 7.00 4.71
CA LYS A 60 -4.77 8.37 4.72
C LYS A 60 -3.59 9.33 5.02
N ALA A 61 -3.31 10.26 4.09
CA ALA A 61 -2.19 11.21 4.23
C ALA A 61 -2.55 12.56 3.59
N ASP A 62 -1.75 13.58 3.87
CA ASP A 62 -1.98 14.96 3.39
C ASP A 62 -1.61 15.07 1.90
N THR A 63 -0.56 14.34 1.49
CA THR A 63 -0.12 14.25 0.09
C THR A 63 0.01 12.78 -0.30
N GLU A 64 -0.41 12.45 -1.54
CA GLU A 64 -0.42 11.07 -2.06
C GLU A 64 1.01 10.52 -2.21
N GLU A 65 1.99 11.41 -2.44
CA GLU A 65 3.42 11.06 -2.60
C GLU A 65 3.97 10.41 -1.32
N LYS A 66 3.70 11.05 -0.16
CA LYS A 66 4.18 10.58 1.15
C LYS A 66 3.41 9.32 1.58
N ALA A 67 2.13 9.21 1.14
CA ALA A 67 1.32 8.00 1.35
C ALA A 67 1.91 6.81 0.57
N LYS A 68 2.37 7.09 -0.67
CA LYS A 68 3.02 6.09 -1.55
C LYS A 68 4.39 5.70 -1.02
N SER A 69 5.08 6.64 -0.34
CA SER A 69 6.35 6.37 0.35
C SER A 69 6.15 5.30 1.44
N ILE A 70 5.07 5.49 2.23
CA ILE A 70 4.65 4.57 3.31
C ILE A 70 4.30 3.19 2.72
N ILE A 71 3.52 3.18 1.62
CA ILE A 71 3.14 1.96 0.90
C ILE A 71 4.40 1.25 0.37
N LYS A 72 5.32 2.02 -0.24
CA LYS A 72 6.47 1.47 -0.98
C LYS A 72 7.47 0.78 -0.03
N LEU A 73 7.70 1.38 1.16
CA LEU A 73 8.62 0.79 2.17
C LEU A 73 8.00 -0.47 2.81
N ILE A 74 6.65 -0.53 2.82
CA ILE A 74 5.88 -1.74 3.19
C ILE A 74 6.03 -2.80 2.07
N GLU A 75 5.91 -2.36 0.80
CA GLU A 75 5.97 -3.23 -0.41
C GLU A 75 7.32 -3.92 -0.54
N GLU A 76 8.40 -3.18 -0.20
CA GLU A 76 9.76 -3.72 -0.16
C GLU A 76 9.83 -4.84 0.90
N ARG A 77 9.35 -4.53 2.10
CA ARG A 77 9.49 -5.39 3.29
C ARG A 77 8.61 -6.67 3.21
N ILE A 78 7.37 -6.55 2.70
CA ILE A 78 6.41 -7.68 2.69
C ILE A 78 6.85 -8.77 1.68
N GLU A 79 7.44 -8.33 0.54
CA GLU A 79 8.01 -9.24 -0.45
C GLU A 79 9.34 -9.80 0.07
N GLU A 80 10.17 -8.92 0.68
CA GLU A 80 11.56 -9.23 1.09
C GLU A 80 11.60 -10.30 2.20
N GLU A 81 10.97 -10.00 3.34
CA GLU A 81 10.98 -10.86 4.55
C GLU A 81 10.34 -12.23 4.27
N LEU A 82 9.35 -12.22 3.36
CA LEU A 82 8.71 -13.42 2.85
C LEU A 82 9.66 -14.19 1.92
N ARG A 83 10.39 -13.46 1.04
CA ARG A 83 11.26 -14.06 0.00
C ARG A 83 12.56 -14.63 0.60
N LYS A 84 12.87 -14.23 1.85
CA LYS A 84 13.97 -14.83 2.65
C LYS A 84 13.71 -16.34 2.87
N ARG A 85 12.40 -16.69 2.94
CA ARG A 85 11.90 -18.06 3.17
C ARG A 85 11.30 -18.66 1.88
N ASP A 86 10.77 -17.79 1.00
CA ASP A 86 9.96 -18.18 -0.16
C ASP A 86 10.54 -17.51 -1.43
N PRO A 87 11.51 -18.17 -2.15
CA PRO A 87 12.10 -17.64 -3.44
C PRO A 87 11.04 -17.20 -4.49
N ASN A 88 9.86 -17.84 -4.45
CA ASN A 88 8.76 -17.60 -5.41
C ASN A 88 7.87 -16.40 -5.00
N ALA A 89 8.26 -15.64 -3.96
CA ALA A 89 7.48 -14.49 -3.47
C ALA A 89 7.67 -13.26 -4.36
N THR A 90 6.54 -12.71 -4.83
CA THR A 90 6.48 -11.51 -5.67
C THR A 90 5.13 -10.84 -5.44
N ILE A 91 5.12 -9.52 -5.24
CA ILE A 91 3.87 -8.75 -5.03
C ILE A 91 3.47 -8.03 -6.35
N THR A 92 2.16 -7.92 -6.61
CA THR A 92 1.62 -7.27 -7.83
C THR A 92 0.77 -6.07 -7.39
N ARG A 93 1.27 -4.86 -7.62
CA ARG A 93 0.60 -3.62 -7.13
C ARG A 93 -0.37 -3.10 -8.20
N THR A 94 -1.64 -3.00 -7.83
CA THR A 94 -2.70 -2.39 -8.64
C THR A 94 -3.20 -1.14 -7.89
N VAL A 95 -2.92 0.04 -8.45
CA VAL A 95 -3.29 1.33 -7.83
C VAL A 95 -4.81 1.56 -7.97
N ARG A 96 -5.43 2.15 -6.92
CA ARG A 96 -6.87 2.45 -6.89
C ARG A 96 -7.11 3.96 -6.82
N THR A 97 -6.08 4.72 -6.42
CA THR A 97 -6.14 6.18 -6.34
C THR A 97 -5.63 6.80 -7.66
N GLU A 98 -6.27 7.90 -8.09
CA GLU A 98 -5.89 8.67 -9.28
C GLU A 98 -6.07 10.17 -9.00
N VAL A 99 -5.04 10.97 -9.28
CA VAL A 99 -5.15 12.43 -9.25
C VAL A 99 -5.70 12.89 -10.61
N GLY A 100 -7.04 12.95 -10.70
CA GLY A 100 -7.73 13.41 -11.89
C GLY A 100 -7.61 14.91 -12.07
N SER A 101 -6.65 15.34 -12.90
CA SER A 101 -6.40 16.76 -13.18
C SER A 101 -6.71 17.07 -14.64
N SER A 102 -7.33 18.24 -14.90
CA SER A 102 -7.66 18.72 -16.23
C SER A 102 -6.57 19.72 -16.69
N TRP A 103 -5.66 19.26 -17.57
CA TRP A 103 -4.62 20.14 -18.14
C TRP A 103 -5.27 21.18 -19.08
N SER A 104 -5.60 22.34 -18.50
CA SER A 104 -6.14 23.48 -19.24
C SER A 104 -4.96 24.40 -19.59
N LEU A 105 -4.69 24.51 -20.88
CA LEU A 105 -3.44 25.06 -21.40
C LEU A 105 -3.52 26.59 -21.44
N GLU A 106 -2.48 27.23 -20.89
CA GLU A 106 -2.22 28.67 -21.01
C GLU A 106 -0.89 28.85 -21.75
N HIS A 107 -0.78 29.90 -22.58
CA HIS A 107 0.47 30.18 -23.33
C HIS A 107 1.43 31.00 -22.47
N HIS A 108 1.13 32.31 -22.30
CA HIS A 108 2.02 33.29 -21.63
C HIS A 108 3.40 33.39 -22.34
N HIS A 109 3.42 32.94 -23.62
CA HIS A 109 4.61 32.89 -24.47
C HIS A 109 4.67 34.12 -25.38
N HIS A 110 4.23 35.26 -24.83
CA HIS A 110 4.40 36.57 -25.46
C HIS A 110 5.86 37.03 -25.29
N HIS A 111 6.76 36.44 -26.10
CA HIS A 111 8.21 36.65 -26.02
C HIS A 111 8.61 38.06 -26.52
N HIS A 112 9.65 38.62 -25.89
CA HIS A 112 10.16 39.97 -26.17
C HIS A 112 11.70 39.95 -25.99
N MET A 1 -8.26 15.95 4.62
CA MET A 1 -7.09 15.11 4.22
C MET A 1 -7.55 13.99 3.28
N LEU A 2 -6.59 13.36 2.58
CA LEU A 2 -6.87 12.39 1.50
C LEU A 2 -6.57 10.95 1.94
N THR A 3 -7.18 9.97 1.25
CA THR A 3 -6.94 8.54 1.48
C THR A 3 -6.37 7.89 0.20
N VAL A 4 -5.23 7.20 0.34
CA VAL A 4 -4.52 6.52 -0.78
C VAL A 4 -4.79 5.00 -0.71
N GLU A 5 -5.17 4.40 -1.86
CA GLU A 5 -5.62 2.98 -1.95
C GLU A 5 -4.85 2.20 -3.05
N VAL A 6 -4.14 1.12 -2.68
CA VAL A 6 -3.55 0.18 -3.66
C VAL A 6 -4.08 -1.24 -3.42
N GLU A 7 -3.90 -2.10 -4.44
CA GLU A 7 -4.27 -3.52 -4.41
C GLU A 7 -3.07 -4.33 -4.91
N VAL A 8 -2.43 -5.02 -3.98
CA VAL A 8 -1.16 -5.72 -4.18
C VAL A 8 -1.42 -7.24 -4.06
N LYS A 9 -1.39 -7.95 -5.20
CA LYS A 9 -1.67 -9.39 -5.25
C LYS A 9 -0.38 -10.19 -5.04
N ILE A 10 -0.30 -10.87 -3.91
CA ILE A 10 0.91 -11.57 -3.46
C ILE A 10 0.83 -13.04 -3.91
N THR A 11 1.65 -13.39 -4.93
CA THR A 11 1.78 -14.77 -5.43
C THR A 11 3.01 -15.44 -4.80
N ALA A 12 2.78 -16.53 -4.05
CA ALA A 12 3.82 -17.31 -3.36
C ALA A 12 3.51 -18.81 -3.48
N ASP A 13 4.48 -19.67 -3.11
CA ASP A 13 4.26 -21.14 -3.06
C ASP A 13 3.26 -21.50 -1.97
N ASP A 14 3.43 -20.86 -0.81
CA ASP A 14 2.54 -21.01 0.35
C ASP A 14 1.95 -19.64 0.69
N GLU A 15 0.76 -19.35 0.12
CA GLU A 15 0.07 -18.06 0.28
C GLU A 15 -0.49 -17.89 1.70
N ASN A 16 -0.86 -19.01 2.37
CA ASN A 16 -1.38 -18.99 3.75
C ASN A 16 -0.27 -18.56 4.73
N LYS A 17 0.93 -19.13 4.51
CA LYS A 17 2.15 -18.77 5.24
C LYS A 17 2.53 -17.33 4.91
N ALA A 18 2.43 -16.99 3.60
CA ALA A 18 2.81 -15.68 3.04
C ALA A 18 2.07 -14.52 3.70
N GLU A 19 0.74 -14.70 3.87
CA GLU A 19 -0.14 -13.69 4.45
C GLU A 19 0.30 -13.34 5.87
N GLU A 20 0.58 -14.37 6.69
CA GLU A 20 0.98 -14.22 8.11
C GLU A 20 2.30 -13.42 8.24
N ILE A 21 3.27 -13.75 7.35
CA ILE A 21 4.57 -13.05 7.27
C ILE A 21 4.36 -11.56 6.96
N VAL A 22 3.55 -11.30 5.93
CA VAL A 22 3.25 -9.95 5.42
C VAL A 22 2.52 -9.09 6.47
N LYS A 23 1.48 -9.65 7.13
CA LYS A 23 0.67 -8.95 8.15
C LYS A 23 1.52 -8.55 9.35
N ARG A 24 2.43 -9.49 9.75
CA ARG A 24 3.40 -9.26 10.82
C ARG A 24 4.27 -8.05 10.50
N VAL A 25 4.82 -8.05 9.28
CA VAL A 25 5.74 -7.01 8.80
C VAL A 25 5.03 -5.64 8.72
N ILE A 26 3.78 -5.61 8.22
CA ILE A 26 2.99 -4.35 8.08
C ILE A 26 2.79 -3.70 9.46
N ASP A 27 2.51 -4.55 10.47
CA ASP A 27 2.33 -4.12 11.87
C ASP A 27 3.65 -3.57 12.49
N GLU A 28 4.79 -4.22 12.14
CA GLU A 28 6.12 -3.81 12.61
C GLU A 28 6.52 -2.46 12.02
N VAL A 29 6.25 -2.29 10.72
CA VAL A 29 6.58 -1.07 9.97
C VAL A 29 5.55 0.04 10.24
N GLU A 30 4.33 -0.35 10.64
CA GLU A 30 3.22 0.59 10.93
C GLU A 30 3.60 1.57 12.03
N ARG A 31 4.14 1.04 13.14
CA ARG A 31 4.52 1.84 14.32
C ARG A 31 5.73 2.75 14.01
N GLU A 32 6.58 2.30 13.05
CA GLU A 32 7.72 3.09 12.54
C GLU A 32 7.19 4.29 11.72
N VAL A 33 6.13 4.04 10.95
CA VAL A 33 5.42 5.06 10.17
C VAL A 33 4.65 6.02 11.10
N GLN A 34 4.08 5.49 12.20
CA GLN A 34 3.24 6.30 13.12
C GLN A 34 4.06 7.37 13.86
N LYS A 35 5.31 7.02 14.23
CA LYS A 35 6.19 7.93 14.99
C LYS A 35 6.84 8.98 14.06
N GLN A 36 6.93 8.67 12.75
CA GLN A 36 7.42 9.63 11.72
C GLN A 36 6.26 10.47 11.16
N TYR A 37 5.07 9.85 11.11
CA TYR A 37 3.84 10.41 10.53
C TYR A 37 2.69 10.23 11.55
N PRO A 38 2.50 11.18 12.51
CA PRO A 38 1.46 11.08 13.56
C PRO A 38 0.01 11.16 13.00
N ASN A 39 -0.15 11.79 11.83
CA ASN A 39 -1.48 12.01 11.20
C ASN A 39 -1.79 10.97 10.08
N ALA A 40 -0.82 10.12 9.74
CA ALA A 40 -1.03 9.05 8.72
C ALA A 40 -1.63 7.80 9.38
N THR A 41 -2.78 7.30 8.85
CA THR A 41 -3.45 6.11 9.35
C THR A 41 -3.45 5.01 8.27
N ILE A 42 -2.76 3.90 8.55
CA ILE A 42 -2.64 2.75 7.65
C ILE A 42 -3.83 1.78 7.88
N THR A 43 -4.33 1.18 6.80
CA THR A 43 -5.36 0.14 6.85
C THR A 43 -4.94 -1.02 5.93
N ARG A 44 -4.60 -2.18 6.51
CA ARG A 44 -4.23 -3.37 5.71
C ARG A 44 -5.43 -4.35 5.69
N THR A 45 -5.67 -4.97 4.53
CA THR A 45 -6.77 -5.94 4.35
C THR A 45 -6.32 -7.07 3.40
N LEU A 46 -6.10 -8.28 3.94
CA LEU A 46 -5.59 -9.43 3.16
C LEU A 46 -6.67 -10.51 3.06
N THR A 47 -7.02 -10.88 1.81
CA THR A 47 -8.05 -11.87 1.49
C THR A 47 -7.49 -12.89 0.49
N ARG A 48 -7.29 -14.13 0.93
CA ARG A 48 -6.70 -15.19 0.08
C ARG A 48 -7.80 -15.91 -0.70
N ASP A 49 -7.70 -15.87 -2.04
CA ASP A 49 -8.62 -16.58 -2.95
C ASP A 49 -7.81 -17.51 -3.87
N ASP A 50 -8.15 -18.81 -3.87
CA ASP A 50 -7.70 -19.82 -4.87
C ASP A 50 -6.15 -20.01 -4.89
N GLY A 51 -5.46 -19.53 -3.83
CA GLY A 51 -4.00 -19.67 -3.72
C GLY A 51 -3.23 -18.39 -4.05
N THR A 52 -3.89 -17.22 -3.89
CA THR A 52 -3.22 -15.89 -3.98
C THR A 52 -3.76 -14.99 -2.85
N VAL A 53 -2.86 -14.23 -2.20
CA VAL A 53 -3.26 -13.22 -1.20
C VAL A 53 -3.60 -11.90 -1.92
N GLU A 54 -4.71 -11.27 -1.52
CA GLU A 54 -5.06 -9.91 -1.98
C GLU A 54 -4.83 -8.92 -0.83
N LEU A 55 -3.70 -8.23 -0.84
CA LEU A 55 -3.33 -7.23 0.17
C LEU A 55 -3.72 -5.84 -0.34
N ARG A 56 -4.61 -5.14 0.36
CA ARG A 56 -4.95 -3.76 0.06
C ARG A 56 -4.36 -2.86 1.16
N ILE A 57 -3.32 -2.07 0.81
CA ILE A 57 -2.70 -1.11 1.73
C ILE A 57 -3.33 0.26 1.45
N LYS A 58 -4.09 0.76 2.42
CA LYS A 58 -4.84 2.01 2.30
C LYS A 58 -4.38 2.98 3.40
N VAL A 59 -3.55 3.97 3.00
CA VAL A 59 -2.93 4.93 3.94
C VAL A 59 -3.55 6.33 3.75
N LYS A 60 -4.28 6.79 4.76
CA LYS A 60 -4.86 8.14 4.78
C LYS A 60 -3.82 9.14 5.33
N ALA A 61 -3.42 10.11 4.51
CA ALA A 61 -2.40 11.10 4.89
C ALA A 61 -2.78 12.51 4.40
N ASP A 62 -1.91 13.48 4.71
CA ASP A 62 -2.11 14.90 4.34
C ASP A 62 -1.92 15.11 2.83
N THR A 63 -0.90 14.44 2.25
CA THR A 63 -0.55 14.54 0.81
C THR A 63 -0.39 13.13 0.22
N GLU A 64 -0.78 12.97 -1.07
CA GLU A 64 -0.86 11.65 -1.73
C GLU A 64 0.52 10.99 -1.85
N GLU A 65 1.52 11.80 -2.26
CA GLU A 65 2.85 11.30 -2.66
C GLU A 65 3.57 10.64 -1.48
N LYS A 66 3.45 11.27 -0.29
CA LYS A 66 4.08 10.80 0.95
C LYS A 66 3.40 9.53 1.48
N ALA A 67 2.07 9.41 1.26
CA ALA A 67 1.29 8.21 1.64
C ALA A 67 1.62 7.02 0.74
N LYS A 68 1.86 7.31 -0.55
CA LYS A 68 2.26 6.32 -1.57
C LYS A 68 3.69 5.82 -1.30
N SER A 69 4.54 6.74 -0.80
CA SER A 69 5.91 6.44 -0.36
C SER A 69 5.90 5.53 0.90
N ILE A 70 4.92 5.76 1.79
CA ILE A 70 4.67 4.89 2.96
C ILE A 70 4.33 3.46 2.48
N ILE A 71 3.43 3.37 1.48
CA ILE A 71 3.03 2.08 0.91
C ILE A 71 4.23 1.36 0.27
N LYS A 72 5.08 2.12 -0.46
CA LYS A 72 6.25 1.56 -1.16
C LYS A 72 7.26 0.95 -0.16
N LEU A 73 7.55 1.65 0.96
CA LEU A 73 8.53 1.16 1.95
C LEU A 73 7.98 -0.04 2.77
N ILE A 74 6.63 -0.14 2.84
CA ILE A 74 5.95 -1.32 3.41
C ILE A 74 6.11 -2.52 2.44
N GLU A 75 5.93 -2.24 1.12
CA GLU A 75 6.06 -3.25 0.04
C GLU A 75 7.51 -3.75 -0.09
N GLU A 76 8.47 -2.86 0.17
CA GLU A 76 9.90 -3.18 0.22
C GLU A 76 10.18 -4.17 1.37
N ARG A 77 9.51 -3.95 2.50
CA ARG A 77 9.70 -4.77 3.72
C ARG A 77 8.97 -6.12 3.65
N ILE A 78 7.72 -6.13 3.14
CA ILE A 78 6.86 -7.33 3.17
C ILE A 78 7.43 -8.43 2.25
N GLU A 79 7.80 -8.04 1.00
CA GLU A 79 8.30 -8.98 -0.02
C GLU A 79 9.73 -9.43 0.33
N GLU A 80 10.52 -8.53 0.94
CA GLU A 80 11.88 -8.84 1.42
C GLU A 80 11.84 -9.98 2.44
N GLU A 81 11.04 -9.78 3.49
CA GLU A 81 10.87 -10.76 4.56
C GLU A 81 10.09 -11.98 4.09
N LEU A 82 9.30 -11.82 3.03
CA LEU A 82 8.54 -12.93 2.44
C LEU A 82 9.49 -13.87 1.70
N ARG A 83 10.46 -13.28 0.97
CA ARG A 83 11.46 -14.03 0.19
C ARG A 83 12.51 -14.72 1.08
N LYS A 84 12.52 -14.38 2.38
CA LYS A 84 13.36 -15.09 3.38
C LYS A 84 12.82 -16.51 3.62
N ARG A 85 11.48 -16.66 3.56
CA ARG A 85 10.78 -17.96 3.79
C ARG A 85 10.35 -18.59 2.44
N ASP A 86 10.15 -17.74 1.41
CA ASP A 86 9.60 -18.14 0.10
C ASP A 86 10.41 -17.39 -0.98
N PRO A 87 11.60 -17.96 -1.40
CA PRO A 87 12.68 -17.21 -2.13
C PRO A 87 12.25 -16.32 -3.31
N ASN A 88 11.23 -16.76 -4.06
CA ASN A 88 10.81 -16.12 -5.35
C ASN A 88 9.41 -15.48 -5.23
N ALA A 89 8.92 -15.28 -4.00
CA ALA A 89 7.57 -14.72 -3.75
C ALA A 89 7.48 -13.28 -4.24
N THR A 90 6.61 -13.04 -5.25
CA THR A 90 6.52 -11.75 -5.95
C THR A 90 5.10 -11.18 -5.84
N ILE A 91 5.01 -9.84 -5.73
CA ILE A 91 3.72 -9.13 -5.66
C ILE A 91 3.39 -8.44 -7.01
N THR A 92 2.11 -8.39 -7.37
CA THR A 92 1.62 -7.69 -8.56
C THR A 92 0.96 -6.38 -8.10
N ARG A 93 1.64 -5.25 -8.34
CA ARG A 93 1.21 -3.95 -7.84
C ARG A 93 0.14 -3.36 -8.79
N THR A 94 -1.11 -3.36 -8.33
CA THR A 94 -2.25 -2.79 -9.07
C THR A 94 -2.77 -1.57 -8.31
N VAL A 95 -2.46 -0.36 -8.81
CA VAL A 95 -2.83 0.89 -8.12
C VAL A 95 -4.33 1.18 -8.34
N ARG A 96 -5.07 1.37 -7.23
CA ARG A 96 -6.51 1.68 -7.28
C ARG A 96 -6.70 3.21 -7.28
N THR A 97 -5.80 3.91 -6.58
CA THR A 97 -5.83 5.36 -6.50
C THR A 97 -5.17 5.96 -7.76
N GLU A 98 -6.01 6.37 -8.72
CA GLU A 98 -5.58 7.12 -9.91
C GLU A 98 -5.34 8.56 -9.47
N VAL A 99 -6.31 9.07 -8.70
CA VAL A 99 -6.28 10.39 -8.07
C VAL A 99 -6.93 10.27 -6.66
N GLY A 100 -6.09 10.33 -5.61
CA GLY A 100 -6.51 10.10 -4.23
C GLY A 100 -6.81 11.36 -3.44
N SER A 101 -6.46 12.54 -4.01
CA SER A 101 -6.69 13.84 -3.36
C SER A 101 -8.20 14.18 -3.35
N SER A 102 -8.76 14.33 -2.15
CA SER A 102 -10.18 14.65 -1.94
C SER A 102 -10.45 16.16 -2.17
N TRP A 103 -11.56 16.46 -2.86
CA TRP A 103 -11.97 17.83 -3.24
C TRP A 103 -12.26 18.71 -2.00
N SER A 104 -11.71 19.94 -2.00
CA SER A 104 -11.90 20.90 -0.90
C SER A 104 -13.28 21.59 -1.06
N LEU A 105 -14.20 21.27 -0.13
CA LEU A 105 -15.62 21.66 -0.24
C LEU A 105 -15.83 23.08 0.31
N GLU A 106 -16.50 23.94 -0.46
CA GLU A 106 -17.03 25.23 0.04
C GLU A 106 -18.56 25.15 0.03
N HIS A 107 -19.20 25.73 1.05
CA HIS A 107 -20.65 25.67 1.25
C HIS A 107 -21.15 27.00 1.85
N HIS A 108 -21.59 27.90 0.97
CA HIS A 108 -22.19 29.19 1.34
C HIS A 108 -23.72 29.14 1.08
N HIS A 109 -24.51 29.06 2.18
CA HIS A 109 -25.98 29.06 2.12
C HIS A 109 -26.57 29.51 3.47
N HIS A 110 -26.79 30.84 3.62
CA HIS A 110 -27.42 31.44 4.82
C HIS A 110 -28.19 32.72 4.44
N HIS A 111 -29.45 32.55 4.03
CA HIS A 111 -30.36 33.66 3.69
C HIS A 111 -30.86 34.36 4.97
N HIS A 112 -30.25 35.52 5.29
CA HIS A 112 -30.70 36.34 6.43
C HIS A 112 -31.97 37.15 6.05
#